data_2N3K
#
_entry.id   2N3K
#
loop_
_entity.id
_entity.type
_entity.pdbx_description
1 polymer 'Bromodomain-containing protein 4'
2 polymer 'MLV integrase'
#
loop_
_entity_poly.entity_id
_entity_poly.type
_entity_poly.pdbx_seq_one_letter_code
_entity_poly.pdbx_strand_id
1 'polypeptide(L)'
;GAIAMESEEEDKCKPMSYEEKRQLSLDINKLPGEKLGRVVHIIQSREPSLKNSNPDEIEIDFETLKPSTLRELERYVTSC
LRKKTR
;
A
2 'polypeptide(L)' TWRVQRSQNPLKIRLTR B
#
# COMPACT_ATOMS: atom_id res chain seq x y z
N GLU A 6 2.19 16.76 10.24
CA GLU A 6 1.68 15.69 9.39
C GLU A 6 1.30 14.48 10.24
N SER A 7 0.72 14.74 11.42
CA SER A 7 0.31 13.68 12.33
C SER A 7 -0.99 14.04 13.04
N GLU A 8 -0.89 14.90 14.04
CA GLU A 8 -2.07 15.33 14.79
C GLU A 8 -2.69 14.15 15.54
N GLU A 9 -1.86 13.16 15.88
CA GLU A 9 -2.33 11.98 16.59
C GLU A 9 -1.16 11.10 17.01
N GLU A 10 -0.60 10.36 16.04
CA GLU A 10 0.52 9.48 16.32
C GLU A 10 0.07 8.25 17.10
N ASP A 11 -0.32 8.48 18.36
CA ASP A 11 -0.78 7.40 19.23
C ASP A 11 -1.89 6.61 18.56
N LYS A 12 -2.74 7.30 17.80
CA LYS A 12 -3.85 6.66 17.10
C LYS A 12 -3.34 5.70 16.03
N CYS A 13 -2.18 6.02 15.46
CA CYS A 13 -1.59 5.19 14.42
C CYS A 13 -0.87 3.99 15.02
N LYS A 14 -1.46 2.82 14.89
CA LYS A 14 -0.88 1.59 15.42
C LYS A 14 -0.04 0.88 14.36
N PRO A 15 0.89 0.04 14.81
CA PRO A 15 1.76 -0.73 13.91
C PRO A 15 1.01 -1.81 13.15
N MET A 16 1.58 -2.23 12.03
CA MET A 16 0.96 -3.27 11.20
C MET A 16 1.84 -4.51 11.13
N SER A 17 1.32 -5.65 11.57
CA SER A 17 2.06 -6.89 11.56
C SER A 17 2.04 -7.53 10.16
N TYR A 18 3.11 -8.24 9.83
CA TYR A 18 3.21 -8.90 8.53
C TYR A 18 1.97 -9.73 8.24
N GLU A 19 1.39 -10.30 9.29
CA GLU A 19 0.19 -11.12 9.14
C GLU A 19 -0.88 -10.40 8.34
N GLU A 20 -1.33 -9.25 8.86
CA GLU A 20 -2.35 -8.46 8.19
C GLU A 20 -1.85 -7.97 6.83
N LYS A 21 -0.65 -7.41 6.81
CA LYS A 21 -0.05 -6.90 5.58
C LYS A 21 -0.10 -7.96 4.48
N ARG A 22 0.16 -9.21 4.85
CA ARG A 22 0.15 -10.31 3.90
C ARG A 22 -1.18 -10.37 3.16
N GLN A 23 -2.26 -10.58 3.91
CA GLN A 23 -3.59 -10.66 3.31
C GLN A 23 -3.92 -9.40 2.53
N LEU A 24 -3.25 -8.30 2.87
CA LEU A 24 -3.47 -7.03 2.19
C LEU A 24 -2.77 -7.01 0.85
N SER A 25 -1.52 -7.45 0.83
CA SER A 25 -0.74 -7.48 -0.41
C SER A 25 -1.50 -8.18 -1.52
N LEU A 26 -2.09 -9.34 -1.20
CA LEU A 26 -2.85 -10.11 -2.16
C LEU A 26 -4.16 -9.40 -2.53
N ASP A 27 -4.89 -8.97 -1.50
CA ASP A 27 -6.15 -8.28 -1.71
C ASP A 27 -5.97 -7.10 -2.67
N ILE A 28 -5.06 -6.19 -2.33
CA ILE A 28 -4.80 -5.02 -3.16
C ILE A 28 -4.53 -5.42 -4.60
N ASN A 29 -3.88 -6.57 -4.79
CA ASN A 29 -3.56 -7.07 -6.12
C ASN A 29 -4.81 -7.59 -6.82
N LYS A 30 -5.73 -8.15 -6.03
CA LYS A 30 -6.97 -8.70 -6.57
C LYS A 30 -7.88 -7.57 -7.08
N LEU A 31 -7.74 -6.40 -6.48
CA LEU A 31 -8.55 -5.24 -6.87
C LEU A 31 -8.35 -4.92 -8.35
N PRO A 32 -9.35 -4.28 -8.96
CA PRO A 32 -9.31 -3.88 -10.37
C PRO A 32 -8.31 -2.77 -10.62
N GLY A 33 -7.98 -2.56 -11.90
CA GLY A 33 -7.03 -1.52 -12.27
C GLY A 33 -7.36 -0.19 -11.61
N GLU A 34 -8.59 0.30 -11.85
CA GLU A 34 -9.02 1.57 -11.29
C GLU A 34 -8.75 1.62 -9.78
N LYS A 35 -8.96 0.49 -9.12
CA LYS A 35 -8.74 0.40 -7.67
C LYS A 35 -7.26 0.54 -7.34
N LEU A 36 -6.41 0.01 -8.21
CA LEU A 36 -4.97 0.07 -8.01
C LEU A 36 -4.46 1.51 -8.08
N GLY A 37 -4.91 2.23 -9.11
CA GLY A 37 -4.49 3.62 -9.26
C GLY A 37 -4.71 4.43 -8.00
N ARG A 38 -5.83 4.20 -7.33
CA ARG A 38 -6.16 4.92 -6.11
C ARG A 38 -5.23 4.51 -4.97
N VAL A 39 -5.01 3.21 -4.83
CA VAL A 39 -4.15 2.69 -3.79
C VAL A 39 -2.72 3.19 -3.96
N VAL A 40 -2.14 2.91 -5.12
CA VAL A 40 -0.78 3.34 -5.42
C VAL A 40 -0.58 4.83 -5.12
N HIS A 41 -1.64 5.61 -5.32
CA HIS A 41 -1.59 7.03 -5.08
C HIS A 41 -1.36 7.33 -3.60
N ILE A 42 -1.98 6.53 -2.74
CA ILE A 42 -1.85 6.69 -1.30
C ILE A 42 -0.38 6.65 -0.88
N ILE A 43 0.32 5.60 -1.30
CA ILE A 43 1.73 5.44 -0.96
C ILE A 43 2.60 6.44 -1.74
N GLN A 44 2.16 6.77 -2.95
CA GLN A 44 2.88 7.72 -3.78
C GLN A 44 2.90 9.11 -3.16
N SER A 45 1.84 9.45 -2.44
CA SER A 45 1.73 10.74 -1.79
C SER A 45 2.15 10.66 -0.33
N ARG A 46 2.00 9.48 0.25
CA ARG A 46 2.36 9.27 1.66
C ARG A 46 3.87 9.09 1.79
N GLU A 47 4.49 8.49 0.78
CA GLU A 47 5.94 8.26 0.79
C GLU A 47 6.68 9.46 0.20
N PRO A 48 7.60 10.01 0.99
CA PRO A 48 8.41 11.17 0.57
C PRO A 48 9.41 10.81 -0.52
N SER A 49 10.07 9.67 -0.35
CA SER A 49 11.07 9.21 -1.32
C SER A 49 10.43 8.97 -2.68
N LEU A 50 9.14 8.62 -2.67
CA LEU A 50 8.41 8.36 -3.91
C LEU A 50 8.38 9.60 -4.78
N LYS A 51 7.51 9.57 -5.79
CA LYS A 51 7.38 10.70 -6.72
C LYS A 51 8.62 10.86 -7.59
N ASN A 52 9.22 9.72 -7.95
CA ASN A 52 10.42 9.73 -8.79
C ASN A 52 10.09 10.20 -10.21
N SER A 53 11.13 10.32 -11.03
CA SER A 53 10.95 10.76 -12.41
C SER A 53 10.02 9.82 -13.17
N ASN A 54 9.91 8.59 -12.67
CA ASN A 54 9.05 7.60 -13.31
C ASN A 54 7.80 7.32 -12.46
N PRO A 55 6.76 8.13 -12.67
CA PRO A 55 5.49 7.99 -11.95
C PRO A 55 4.73 6.73 -12.32
N ASP A 56 5.22 6.03 -13.34
CA ASP A 56 4.59 4.81 -13.80
C ASP A 56 5.12 3.60 -13.03
N GLU A 57 5.86 3.86 -11.96
CA GLU A 57 6.42 2.80 -11.15
C GLU A 57 6.45 3.19 -9.67
N ILE A 58 6.24 2.22 -8.79
CA ILE A 58 6.25 2.47 -7.36
C ILE A 58 6.89 1.33 -6.60
N GLU A 59 7.64 1.66 -5.56
CA GLU A 59 8.32 0.65 -4.74
C GLU A 59 7.78 0.65 -3.31
N ILE A 60 6.89 -0.29 -3.03
CA ILE A 60 6.29 -0.40 -1.70
C ILE A 60 7.04 -1.43 -0.85
N ASP A 61 7.77 -0.94 0.14
CA ASP A 61 8.52 -1.81 1.04
C ASP A 61 8.08 -1.63 2.48
N PHE A 62 7.23 -2.53 2.96
CA PHE A 62 6.73 -2.46 4.33
C PHE A 62 7.88 -2.51 5.33
N GLU A 63 9.03 -3.00 4.87
CA GLU A 63 10.20 -3.10 5.73
C GLU A 63 10.64 -1.72 6.22
N THR A 64 10.41 -0.71 5.38
CA THR A 64 10.78 0.66 5.72
C THR A 64 9.56 1.56 5.80
N LEU A 65 8.50 1.17 5.09
CA LEU A 65 7.27 1.95 5.09
C LEU A 65 6.75 2.16 6.50
N LYS A 66 5.94 3.20 6.68
CA LYS A 66 5.37 3.52 7.99
C LYS A 66 4.05 2.78 8.20
N PRO A 67 3.61 2.71 9.46
CA PRO A 67 2.36 2.05 9.83
C PRO A 67 1.13 2.81 9.34
N SER A 68 1.26 4.13 9.25
CA SER A 68 0.15 4.98 8.80
C SER A 68 -0.25 4.62 7.37
N THR A 69 0.73 4.61 6.47
CA THR A 69 0.47 4.29 5.07
C THR A 69 -0.02 2.86 4.92
N LEU A 70 0.65 1.93 5.59
CA LEU A 70 0.27 0.52 5.53
C LEU A 70 -1.22 0.34 5.80
N ARG A 71 -1.67 0.81 6.95
CA ARG A 71 -3.07 0.70 7.33
C ARG A 71 -3.95 1.52 6.38
N GLU A 72 -3.43 2.64 5.92
CA GLU A 72 -4.17 3.51 5.01
C GLU A 72 -4.72 2.71 3.83
N LEU A 73 -3.89 1.84 3.27
CA LEU A 73 -4.31 1.01 2.14
C LEU A 73 -5.32 -0.04 2.57
N GLU A 74 -5.15 -0.56 3.78
CA GLU A 74 -6.05 -1.57 4.32
C GLU A 74 -7.46 -1.01 4.49
N ARG A 75 -7.54 0.28 4.80
CA ARG A 75 -8.83 0.93 5.00
C ARG A 75 -9.54 1.15 3.67
N TYR A 76 -8.75 1.34 2.61
CA TYR A 76 -9.30 1.56 1.28
C TYR A 76 -9.62 0.24 0.59
N VAL A 77 -8.77 -0.76 0.83
CA VAL A 77 -8.96 -2.08 0.24
C VAL A 77 -10.09 -2.83 0.93
N THR A 78 -10.26 -2.58 2.23
CA THR A 78 -11.31 -3.24 3.00
C THR A 78 -12.67 -2.58 2.76
N SER A 79 -12.65 -1.27 2.53
CA SER A 79 -13.87 -0.52 2.29
C SER A 79 -14.48 -0.90 0.94
N CYS A 80 -13.63 -1.21 -0.02
CA CYS A 80 -14.08 -1.58 -1.35
C CYS A 80 -14.33 -3.09 -1.45
N LEU A 81 -13.34 -3.87 -1.02
CA LEU A 81 -13.46 -5.33 -1.04
C LEU A 81 -14.52 -5.81 -0.06
N ARG A 82 -14.74 -5.04 0.99
CA ARG A 82 -15.74 -5.39 2.00
C ARG A 82 -15.39 -6.72 2.67
N LYS A 83 -16.14 -7.06 3.71
CA LYS A 83 -15.91 -8.30 4.44
C LYS A 83 -17.06 -8.59 5.40
N LYS A 84 -17.16 -7.79 6.46
CA LYS A 84 -18.21 -7.96 7.44
C LYS A 84 -18.10 -9.31 8.14
N THR B 1 -3.78 -2.11 -18.16
CA THR B 1 -4.04 -1.63 -16.82
C THR B 1 -2.77 -1.70 -15.97
N TRP B 2 -2.90 -1.35 -14.69
CA TRP B 2 -1.77 -1.38 -13.78
C TRP B 2 -1.36 -2.82 -13.45
N ARG B 3 -0.10 -3.00 -13.07
CA ARG B 3 0.40 -4.33 -12.73
C ARG B 3 1.04 -4.33 -11.35
N VAL B 4 1.32 -5.52 -10.83
CA VAL B 4 1.92 -5.66 -9.52
C VAL B 4 2.75 -6.94 -9.42
N GLN B 5 3.84 -6.88 -8.68
CA GLN B 5 4.71 -8.04 -8.51
C GLN B 5 5.55 -7.92 -7.22
N ARG B 6 5.35 -8.85 -6.31
CA ARG B 6 6.07 -8.85 -5.04
C ARG B 6 7.54 -9.19 -5.26
N SER B 7 8.32 -9.07 -4.20
CA SER B 7 9.76 -9.36 -4.27
C SER B 7 10.17 -10.30 -3.14
N GLN B 8 11.48 -10.51 -3.01
CA GLN B 8 12.02 -11.38 -1.97
C GLN B 8 11.65 -10.87 -0.59
N ASN B 9 11.47 -9.55 -0.48
CA ASN B 9 11.12 -8.94 0.79
C ASN B 9 9.97 -9.69 1.47
N PRO B 10 9.78 -9.41 2.76
CA PRO B 10 8.73 -10.05 3.56
C PRO B 10 7.33 -9.59 3.14
N LEU B 11 7.27 -8.45 2.46
CA LEU B 11 6.00 -7.90 2.00
C LEU B 11 6.22 -6.64 1.17
N LYS B 12 7.00 -6.76 0.11
CA LYS B 12 7.28 -5.64 -0.77
C LYS B 12 6.47 -5.74 -2.06
N ILE B 13 5.40 -4.96 -2.14
CA ILE B 13 4.54 -4.95 -3.32
C ILE B 13 4.99 -3.88 -4.32
N ARG B 14 5.45 -4.31 -5.48
CA ARG B 14 5.90 -3.39 -6.52
C ARG B 14 4.77 -3.09 -7.50
N LEU B 15 4.21 -1.89 -7.41
CA LEU B 15 3.13 -1.49 -8.29
C LEU B 15 3.65 -0.60 -9.42
N THR B 16 3.18 -0.86 -10.64
CA THR B 16 3.59 -0.10 -11.81
C THR B 16 2.49 -0.05 -12.86
N ARG B 17 2.40 1.07 -13.56
CA ARG B 17 1.40 1.24 -14.61
C ARG B 17 1.40 0.06 -15.57
N GLU A 6 -4.16 19.07 12.82
CA GLU A 6 -4.27 18.61 11.44
C GLU A 6 -3.57 17.26 11.25
N SER A 7 -3.67 16.41 12.26
CA SER A 7 -3.04 15.09 12.21
C SER A 7 -4.01 14.05 11.65
N GLU A 8 -4.98 13.65 12.47
CA GLU A 8 -5.97 12.67 12.05
C GLU A 8 -5.29 11.42 11.49
N GLU A 9 -4.16 11.06 12.08
CA GLU A 9 -3.41 9.89 11.64
C GLU A 9 -2.14 9.70 12.48
N GLU A 10 -2.25 10.03 13.77
CA GLU A 10 -1.12 9.89 14.68
C GLU A 10 -1.49 9.06 15.89
N ASP A 11 -2.54 9.47 16.59
CA ASP A 11 -3.01 8.77 17.78
C ASP A 11 -3.72 7.48 17.39
N LYS A 12 -4.43 7.51 16.27
CA LYS A 12 -5.16 6.34 15.78
C LYS A 12 -4.33 5.55 14.79
N CYS A 13 -3.02 5.78 14.80
CA CYS A 13 -2.10 5.09 13.90
C CYS A 13 -1.51 3.86 14.57
N LYS A 14 -1.99 2.68 14.17
CA LYS A 14 -1.50 1.43 14.73
C LYS A 14 -0.46 0.79 13.82
N PRO A 15 0.43 -0.01 14.41
CA PRO A 15 1.50 -0.69 13.67
C PRO A 15 0.95 -1.81 12.77
N MET A 16 1.75 -2.21 11.79
CA MET A 16 1.35 -3.26 10.86
C MET A 16 2.47 -4.29 10.70
N SER A 17 2.11 -5.56 10.78
CA SER A 17 3.08 -6.64 10.65
C SER A 17 2.92 -7.36 9.30
N TYR A 18 3.79 -8.31 9.05
CA TYR A 18 3.74 -9.07 7.80
C TYR A 18 2.44 -9.85 7.68
N GLU A 19 1.84 -10.17 8.82
CA GLU A 19 0.59 -10.92 8.86
C GLU A 19 -0.51 -10.15 8.12
N GLU A 20 -0.82 -8.96 8.60
CA GLU A 20 -1.85 -8.14 7.99
C GLU A 20 -1.41 -7.63 6.61
N LYS A 21 -0.10 -7.54 6.42
CA LYS A 21 0.46 -7.08 5.15
C LYS A 21 0.25 -8.13 4.06
N ARG A 22 0.77 -9.33 4.29
CA ARG A 22 0.63 -10.41 3.32
C ARG A 22 -0.81 -10.55 2.84
N GLN A 23 -1.75 -10.26 3.74
CA GLN A 23 -3.16 -10.35 3.41
C GLN A 23 -3.57 -9.22 2.46
N LEU A 24 -3.25 -7.99 2.83
CA LEU A 24 -3.59 -6.84 2.01
C LEU A 24 -2.93 -6.92 0.64
N SER A 25 -1.68 -7.39 0.62
CA SER A 25 -0.95 -7.52 -0.63
C SER A 25 -1.76 -8.30 -1.66
N LEU A 26 -2.31 -9.43 -1.23
CA LEU A 26 -3.11 -10.28 -2.11
C LEU A 26 -4.50 -9.68 -2.32
N ASP A 27 -5.11 -9.22 -1.23
CA ASP A 27 -6.44 -8.63 -1.29
C ASP A 27 -6.50 -7.54 -2.36
N ILE A 28 -5.67 -6.51 -2.21
CA ILE A 28 -5.63 -5.41 -3.15
C ILE A 28 -5.31 -5.91 -4.56
N ASN A 29 -4.46 -6.92 -4.64
CA ASN A 29 -4.07 -7.49 -5.92
C ASN A 29 -5.27 -8.10 -6.64
N LYS A 30 -6.18 -8.67 -5.87
CA LYS A 30 -7.38 -9.28 -6.43
C LYS A 30 -8.33 -8.23 -6.99
N LEU A 31 -8.26 -7.03 -6.42
CA LEU A 31 -9.11 -5.92 -6.86
C LEU A 31 -8.70 -5.45 -8.25
N PRO A 32 -9.61 -4.73 -8.92
CA PRO A 32 -9.35 -4.18 -10.26
C PRO A 32 -8.32 -3.07 -10.25
N GLY A 33 -7.80 -2.74 -11.43
CA GLY A 33 -6.81 -1.68 -11.53
C GLY A 33 -7.26 -0.40 -10.86
N GLU A 34 -8.54 -0.08 -11.02
CA GLU A 34 -9.09 1.14 -10.42
C GLU A 34 -8.72 1.24 -8.94
N LYS A 35 -8.75 0.10 -8.26
CA LYS A 35 -8.42 0.06 -6.83
C LYS A 35 -6.92 0.28 -6.62
N LEU A 36 -6.11 -0.23 -7.54
CA LEU A 36 -4.66 -0.09 -7.45
C LEU A 36 -4.25 1.38 -7.54
N GLY A 37 -4.50 1.99 -8.70
CA GLY A 37 -4.16 3.39 -8.88
C GLY A 37 -4.49 4.23 -7.67
N ARG A 38 -5.60 3.92 -7.02
CA ARG A 38 -6.04 4.66 -5.85
C ARG A 38 -5.16 4.35 -4.64
N VAL A 39 -4.96 3.05 -4.39
CA VAL A 39 -4.13 2.61 -3.27
C VAL A 39 -2.67 2.95 -3.50
N VAL A 40 -2.11 2.44 -4.59
CA VAL A 40 -0.71 2.68 -4.93
C VAL A 40 -0.36 4.16 -4.80
N HIS A 41 -1.35 5.01 -5.05
CA HIS A 41 -1.15 6.45 -4.95
C HIS A 41 -0.90 6.87 -3.51
N ILE A 42 -1.74 6.36 -2.60
CA ILE A 42 -1.61 6.69 -1.19
C ILE A 42 -0.18 6.47 -0.70
N ILE A 43 0.41 5.34 -1.08
CA ILE A 43 1.77 5.01 -0.68
C ILE A 43 2.74 6.11 -1.10
N GLN A 44 2.82 6.36 -2.40
CA GLN A 44 3.70 7.38 -2.93
C GLN A 44 3.33 8.76 -2.41
N SER A 45 2.13 8.86 -1.83
CA SER A 45 1.64 10.12 -1.29
C SER A 45 2.43 10.53 -0.05
N ARG A 46 2.69 9.55 0.81
CA ARG A 46 3.44 9.80 2.04
C ARG A 46 4.86 9.26 1.93
N GLU A 47 5.01 8.15 1.23
CA GLU A 47 6.33 7.53 1.05
C GLU A 47 7.36 8.57 0.60
N PRO A 48 8.25 8.94 1.52
CA PRO A 48 9.31 9.92 1.24
C PRO A 48 10.36 9.40 0.28
N SER A 49 10.78 8.15 0.49
CA SER A 49 11.78 7.52 -0.35
C SER A 49 11.31 7.47 -1.81
N LEU A 50 9.99 7.41 -1.99
CA LEU A 50 9.42 7.34 -3.32
C LEU A 50 9.86 8.53 -4.17
N LYS A 51 10.87 8.32 -5.00
CA LYS A 51 11.39 9.38 -5.87
C LYS A 51 11.67 8.84 -7.27
N ASN A 52 10.86 7.89 -7.70
CA ASN A 52 11.02 7.30 -9.02
C ASN A 52 10.97 8.36 -10.12
N SER A 53 11.87 8.27 -11.07
CA SER A 53 11.93 9.23 -12.17
C SER A 53 10.60 9.28 -12.92
N ASN A 54 9.93 8.14 -12.99
CA ASN A 54 8.64 8.04 -13.68
C ASN A 54 7.55 7.58 -12.72
N PRO A 55 6.38 8.23 -12.80
CA PRO A 55 5.23 7.90 -11.97
C PRO A 55 4.61 6.56 -12.32
N ASP A 56 4.99 6.02 -13.47
CA ASP A 56 4.48 4.74 -13.93
C ASP A 56 5.10 3.59 -13.13
N GLU A 57 6.02 3.93 -12.24
CA GLU A 57 6.69 2.92 -11.43
C GLU A 57 6.63 3.30 -9.94
N ILE A 58 6.38 2.32 -9.09
CA ILE A 58 6.29 2.55 -7.65
C ILE A 58 6.91 1.40 -6.88
N GLU A 59 7.64 1.72 -5.82
CA GLU A 59 8.28 0.71 -4.98
C GLU A 59 7.72 0.73 -3.57
N ILE A 60 6.79 -0.17 -3.30
CA ILE A 60 6.17 -0.26 -1.98
C ILE A 60 6.81 -1.36 -1.14
N ASP A 61 7.56 -0.95 -0.11
CA ASP A 61 8.22 -1.90 0.77
C ASP A 61 7.87 -1.64 2.22
N PHE A 62 7.01 -2.49 2.78
CA PHE A 62 6.57 -2.35 4.16
C PHE A 62 7.78 -2.36 5.11
N GLU A 63 8.84 -3.03 4.69
CA GLU A 63 10.05 -3.13 5.50
C GLU A 63 10.48 -1.75 6.00
N THR A 64 10.22 -0.74 5.20
CA THR A 64 10.59 0.64 5.54
C THR A 64 9.35 1.52 5.63
N LEU A 65 8.29 1.13 4.94
CA LEU A 65 7.04 1.89 4.94
C LEU A 65 6.53 2.10 6.36
N LYS A 66 5.81 3.20 6.56
CA LYS A 66 5.27 3.51 7.88
C LYS A 66 3.89 2.88 8.05
N PRO A 67 3.45 2.76 9.31
CA PRO A 67 2.14 2.18 9.65
C PRO A 67 0.99 3.07 9.24
N SER A 68 1.18 4.38 9.36
CA SER A 68 0.15 5.35 9.00
C SER A 68 -0.34 5.12 7.58
N THR A 69 0.60 4.98 6.66
CA THR A 69 0.27 4.76 5.25
C THR A 69 -0.21 3.32 5.03
N LEU A 70 0.44 2.37 5.68
CA LEU A 70 0.07 0.96 5.55
C LEU A 70 -1.41 0.76 5.85
N ARG A 71 -1.82 1.18 7.05
CA ARG A 71 -3.22 1.04 7.45
C ARG A 71 -4.14 1.82 6.53
N GLU A 72 -3.67 2.97 6.07
CA GLU A 72 -4.45 3.82 5.17
C GLU A 72 -5.00 3.01 4.01
N LEU A 73 -4.22 2.04 3.55
CA LEU A 73 -4.63 1.19 2.43
C LEU A 73 -5.67 0.17 2.87
N GLU A 74 -5.39 -0.53 3.96
CA GLU A 74 -6.31 -1.53 4.49
C GLU A 74 -7.67 -0.92 4.76
N ARG A 75 -7.70 0.38 5.01
CA ARG A 75 -8.95 1.08 5.29
C ARG A 75 -9.73 1.34 4.00
N TYR A 76 -9.00 1.61 2.92
CA TYR A 76 -9.62 1.86 1.63
C TYR A 76 -10.09 0.57 0.97
N VAL A 77 -9.27 -0.48 1.10
CA VAL A 77 -9.59 -1.77 0.51
C VAL A 77 -10.79 -2.40 1.20
N THR A 78 -10.95 -2.10 2.50
CA THR A 78 -12.05 -2.65 3.27
C THR A 78 -13.36 -1.95 2.91
N SER A 79 -13.27 -0.66 2.59
CA SER A 79 -14.45 0.12 2.23
C SER A 79 -15.08 -0.40 0.94
N CYS A 80 -14.23 -0.85 0.01
CA CYS A 80 -14.71 -1.37 -1.26
C CYS A 80 -14.98 -2.87 -1.16
N LEU A 81 -14.08 -3.59 -0.52
CA LEU A 81 -14.23 -5.03 -0.36
C LEU A 81 -15.42 -5.37 0.54
N ARG A 82 -15.73 -4.44 1.45
CA ARG A 82 -16.84 -4.64 2.38
C ARG A 82 -16.53 -5.73 3.39
N LYS A 83 -16.60 -6.98 2.94
CA LYS A 83 -16.32 -8.12 3.81
C LYS A 83 -16.44 -9.43 3.03
N LYS A 84 -17.65 -9.70 2.53
CA LYS A 84 -17.90 -10.93 1.78
C LYS A 84 -17.64 -12.16 2.64
N THR B 1 -3.25 -0.56 -17.91
CA THR B 1 -3.60 -0.52 -16.50
C THR B 1 -2.36 -0.73 -15.63
N TRP B 2 -2.58 -0.85 -14.33
CA TRP B 2 -1.49 -1.04 -13.38
C TRP B 2 -1.24 -2.52 -13.14
N ARG B 3 -0.01 -2.86 -12.75
CA ARG B 3 0.36 -4.24 -12.48
C ARG B 3 0.94 -4.39 -11.08
N VAL B 4 1.12 -5.64 -10.65
CA VAL B 4 1.67 -5.92 -9.33
C VAL B 4 2.73 -7.02 -9.40
N GLN B 5 3.72 -6.92 -8.53
CA GLN B 5 4.79 -7.92 -8.49
C GLN B 5 5.64 -7.76 -7.23
N ARG B 6 5.68 -8.80 -6.40
CA ARG B 6 6.45 -8.77 -5.18
C ARG B 6 7.95 -8.91 -5.46
N SER B 7 8.77 -8.65 -4.45
CA SER B 7 10.21 -8.75 -4.60
C SER B 7 10.82 -9.62 -3.50
N GLN B 8 12.14 -9.69 -3.47
CA GLN B 8 12.84 -10.50 -2.47
C GLN B 8 12.43 -10.09 -1.06
N ASN B 9 12.11 -8.81 -0.89
CA ASN B 9 11.70 -8.29 0.41
C ASN B 9 10.66 -9.20 1.05
N PRO B 10 10.45 -9.02 2.37
CA PRO B 10 9.48 -9.81 3.13
C PRO B 10 8.04 -9.49 2.76
N LEU B 11 7.84 -8.36 2.10
CA LEU B 11 6.51 -7.93 1.68
C LEU B 11 6.57 -6.61 0.92
N LYS B 12 7.30 -6.61 -0.19
CA LYS B 12 7.44 -5.41 -1.01
C LYS B 12 6.65 -5.55 -2.30
N ILE B 13 5.52 -4.87 -2.38
CA ILE B 13 4.67 -4.91 -3.56
C ILE B 13 5.06 -3.83 -4.56
N ARG B 14 5.64 -4.24 -5.68
CA ARG B 14 6.06 -3.30 -6.71
C ARG B 14 4.94 -3.07 -7.72
N LEU B 15 4.31 -1.90 -7.63
CA LEU B 15 3.22 -1.54 -8.53
C LEU B 15 3.70 -0.58 -9.61
N THR B 16 3.19 -0.76 -10.82
CA THR B 16 3.56 0.11 -11.94
C THR B 16 2.40 0.28 -12.92
N ARG B 17 2.29 1.47 -13.49
CA ARG B 17 1.22 1.77 -14.43
C ARG B 17 1.06 0.64 -15.45
N GLU A 6 3.19 19.06 19.10
CA GLU A 6 1.78 18.72 18.92
C GLU A 6 1.60 17.72 17.78
N SER A 7 1.07 16.55 18.11
CA SER A 7 0.85 15.50 17.11
C SER A 7 -0.63 15.15 17.02
N GLU A 8 -1.16 14.56 18.07
CA GLU A 8 -2.56 14.17 18.11
C GLU A 8 -2.93 13.33 16.89
N GLU A 9 -2.06 12.38 16.56
CA GLU A 9 -2.29 11.50 15.41
C GLU A 9 -1.40 10.28 15.48
N GLU A 10 -0.13 10.48 15.82
CA GLU A 10 0.83 9.40 15.92
C GLU A 10 0.30 8.28 16.82
N ASP A 11 -0.41 8.67 17.87
CA ASP A 11 -0.98 7.71 18.81
C ASP A 11 -2.12 6.93 18.17
N LYS A 12 -2.88 7.59 17.31
CA LYS A 12 -4.00 6.96 16.62
C LYS A 12 -3.51 5.94 15.61
N CYS A 13 -2.33 6.18 15.04
CA CYS A 13 -1.74 5.27 14.06
C CYS A 13 -1.08 4.08 14.75
N LYS A 14 -1.72 2.92 14.67
CA LYS A 14 -1.19 1.71 15.28
C LYS A 14 -0.28 0.97 14.31
N PRO A 15 0.67 0.20 14.87
CA PRO A 15 1.63 -0.57 14.07
C PRO A 15 0.98 -1.74 13.35
N MET A 16 1.56 -2.13 12.22
CA MET A 16 1.03 -3.24 11.44
C MET A 16 2.06 -4.35 11.30
N SER A 17 1.64 -5.59 11.56
CA SER A 17 2.53 -6.73 11.46
C SER A 17 2.47 -7.36 10.08
N TYR A 18 3.39 -8.29 9.82
CA TYR A 18 3.43 -8.96 8.53
C TYR A 18 2.13 -9.72 8.24
N GLU A 19 1.47 -10.16 9.32
CA GLU A 19 0.22 -10.89 9.18
C GLU A 19 -0.81 -10.06 8.43
N GLU A 20 -1.20 -8.93 9.00
CA GLU A 20 -2.18 -8.05 8.38
C GLU A 20 -1.63 -7.44 7.11
N LYS A 21 -0.32 -7.23 7.07
CA LYS A 21 0.34 -6.64 5.91
C LYS A 21 0.21 -7.57 4.70
N ARG A 22 0.50 -8.85 4.92
CA ARG A 22 0.43 -9.84 3.84
C ARG A 22 -0.97 -9.86 3.22
N GLN A 23 -1.97 -9.55 4.02
CA GLN A 23 -3.36 -9.53 3.55
C GLN A 23 -3.58 -8.38 2.55
N LEU A 24 -2.91 -7.27 2.80
CA LEU A 24 -3.04 -6.10 1.93
C LEU A 24 -2.51 -6.40 0.53
N SER A 25 -1.36 -7.08 0.48
CA SER A 25 -0.75 -7.44 -0.80
C SER A 25 -1.70 -8.30 -1.64
N LEU A 26 -2.31 -9.28 -1.00
CA LEU A 26 -3.25 -10.17 -1.68
C LEU A 26 -4.51 -9.44 -2.08
N ASP A 27 -5.17 -8.82 -1.10
CA ASP A 27 -6.39 -8.07 -1.36
C ASP A 27 -6.19 -7.07 -2.50
N ILE A 28 -5.27 -6.13 -2.30
CA ILE A 28 -4.99 -5.12 -3.31
C ILE A 28 -4.70 -5.76 -4.67
N ASN A 29 -3.85 -6.77 -4.67
CA ASN A 29 -3.49 -7.47 -5.90
C ASN A 29 -4.73 -8.08 -6.57
N LYS A 30 -5.65 -8.55 -5.74
CA LYS A 30 -6.89 -9.14 -6.24
C LYS A 30 -7.86 -8.08 -6.73
N LEU A 31 -7.77 -6.89 -6.14
CA LEU A 31 -8.64 -5.78 -6.51
C LEU A 31 -8.44 -5.41 -7.97
N PRO A 32 -9.44 -4.71 -8.55
CA PRO A 32 -9.39 -4.27 -9.94
C PRO A 32 -8.37 -3.17 -10.17
N GLY A 33 -8.03 -2.94 -11.43
CA GLY A 33 -7.05 -1.91 -11.77
C GLY A 33 -7.38 -0.58 -11.14
N GLU A 34 -8.59 -0.08 -11.39
CA GLU A 34 -9.03 1.20 -10.84
C GLU A 34 -8.78 1.26 -9.33
N LYS A 35 -8.98 0.12 -8.66
CA LYS A 35 -8.78 0.04 -7.23
C LYS A 35 -7.32 0.25 -6.86
N LEU A 36 -6.42 -0.33 -7.66
CA LEU A 36 -4.99 -0.21 -7.44
C LEU A 36 -4.52 1.23 -7.65
N GLY A 37 -5.02 1.86 -8.72
CA GLY A 37 -4.65 3.23 -9.01
C GLY A 37 -4.79 4.14 -7.82
N ARG A 38 -5.90 4.00 -7.09
CA ARG A 38 -6.15 4.81 -5.91
C ARG A 38 -5.22 4.43 -4.77
N VAL A 39 -5.10 3.12 -4.52
CA VAL A 39 -4.26 2.62 -3.45
C VAL A 39 -2.81 3.10 -3.63
N VAL A 40 -2.24 2.81 -4.79
CA VAL A 40 -0.87 3.21 -5.10
C VAL A 40 -0.66 4.69 -4.85
N HIS A 41 -1.70 5.47 -5.12
CA HIS A 41 -1.64 6.93 -4.92
C HIS A 41 -1.40 7.27 -3.46
N ILE A 42 -1.94 6.44 -2.57
CA ILE A 42 -1.79 6.65 -1.14
C ILE A 42 -0.40 6.25 -0.66
N ILE A 43 0.17 5.23 -1.30
CA ILE A 43 1.49 4.75 -0.95
C ILE A 43 2.58 5.68 -1.50
N GLN A 44 2.42 6.06 -2.76
CA GLN A 44 3.38 6.95 -3.41
C GLN A 44 3.27 8.37 -2.87
N SER A 45 2.19 8.65 -2.16
CA SER A 45 1.97 9.96 -1.58
C SER A 45 2.62 10.08 -0.21
N ARG A 46 2.68 8.96 0.50
CA ARG A 46 3.28 8.92 1.84
C ARG A 46 4.72 8.44 1.78
N GLU A 47 5.00 7.53 0.84
CA GLU A 47 6.33 6.98 0.68
C GLU A 47 7.35 8.09 0.39
N PRO A 48 8.23 8.34 1.37
CA PRO A 48 9.27 9.37 1.25
C PRO A 48 10.34 9.02 0.24
N SER A 49 10.77 7.75 0.26
CA SER A 49 11.80 7.28 -0.66
C SER A 49 11.39 7.55 -2.11
N LEU A 50 10.10 7.44 -2.38
CA LEU A 50 9.58 7.66 -3.73
C LEU A 50 9.83 9.09 -4.17
N LYS A 51 10.94 9.32 -4.87
CA LYS A 51 11.29 10.64 -5.36
C LYS A 51 11.63 10.60 -6.84
N ASN A 52 10.93 9.76 -7.59
CA ASN A 52 11.16 9.62 -9.02
C ASN A 52 10.13 10.44 -9.81
N SER A 53 10.51 10.85 -11.01
CA SER A 53 9.63 11.64 -11.87
C SER A 53 8.74 10.74 -12.71
N ASN A 54 8.79 9.44 -12.43
CA ASN A 54 7.99 8.46 -13.16
C ASN A 54 6.85 7.93 -12.29
N PRO A 55 5.68 8.57 -12.40
CA PRO A 55 4.48 8.18 -11.63
C PRO A 55 3.92 6.84 -12.09
N ASP A 56 4.47 6.30 -13.17
CA ASP A 56 4.01 5.03 -13.71
C ASP A 56 4.73 3.86 -13.02
N GLU A 57 5.49 4.19 -11.98
CA GLU A 57 6.23 3.16 -11.24
C GLU A 57 6.29 3.51 -9.75
N ILE A 58 6.16 2.49 -8.91
CA ILE A 58 6.21 2.69 -7.46
C ILE A 58 6.91 1.53 -6.77
N GLU A 59 7.67 1.85 -5.72
CA GLU A 59 8.39 0.84 -4.97
C GLU A 59 7.88 0.75 -3.53
N ILE A 60 7.03 -0.24 -3.28
CA ILE A 60 6.47 -0.43 -1.95
C ILE A 60 7.34 -1.36 -1.11
N ASP A 61 8.02 -0.80 -0.12
CA ASP A 61 8.88 -1.57 0.76
C ASP A 61 8.37 -1.56 2.19
N PHE A 62 7.51 -2.53 2.51
CA PHE A 62 6.93 -2.62 3.86
C PHE A 62 8.03 -2.58 4.91
N GLU A 63 9.22 -3.04 4.55
CA GLU A 63 10.35 -3.07 5.47
C GLU A 63 10.64 -1.67 6.00
N THR A 64 10.37 -0.66 5.18
CA THR A 64 10.61 0.73 5.56
C THR A 64 9.30 1.50 5.66
N LEU A 65 8.27 0.99 4.99
CA LEU A 65 6.96 1.64 5.00
C LEU A 65 6.46 1.84 6.42
N LYS A 66 5.75 2.94 6.65
CA LYS A 66 5.22 3.25 7.97
C LYS A 66 3.84 2.64 8.15
N PRO A 67 3.39 2.53 9.41
CA PRO A 67 2.08 1.97 9.75
C PRO A 67 0.92 2.87 9.31
N SER A 68 1.14 4.18 9.38
CA SER A 68 0.12 5.14 9.00
C SER A 68 -0.34 4.90 7.56
N THR A 69 0.60 4.64 6.68
CA THR A 69 0.29 4.39 5.27
C THR A 69 -0.22 2.96 5.07
N LEU A 70 0.37 2.02 5.80
CA LEU A 70 -0.03 0.62 5.71
C LEU A 70 -1.52 0.46 5.91
N ARG A 71 -2.00 0.87 7.08
CA ARG A 71 -3.43 0.78 7.40
C ARG A 71 -4.25 1.61 6.44
N GLU A 72 -3.70 2.74 6.00
CA GLU A 72 -4.39 3.63 5.08
C GLU A 72 -4.94 2.85 3.88
N LEU A 73 -4.17 1.87 3.42
CA LEU A 73 -4.58 1.05 2.28
C LEU A 73 -5.67 0.07 2.69
N GLU A 74 -5.46 -0.62 3.80
CA GLU A 74 -6.43 -1.59 4.30
C GLU A 74 -7.82 -0.96 4.41
N ARG A 75 -7.85 0.35 4.66
CA ARG A 75 -9.11 1.06 4.79
C ARG A 75 -9.76 1.29 3.43
N TYR A 76 -8.93 1.54 2.42
CA TYR A 76 -9.43 1.78 1.06
C TYR A 76 -9.83 0.46 0.40
N VAL A 77 -8.99 -0.56 0.55
CA VAL A 77 -9.26 -1.87 -0.04
C VAL A 77 -10.56 -2.45 0.51
N THR A 78 -10.86 -2.14 1.76
CA THR A 78 -12.07 -2.64 2.40
C THR A 78 -13.30 -1.88 1.91
N SER A 79 -13.12 -0.59 1.61
CA SER A 79 -14.21 0.23 1.13
C SER A 79 -14.62 -0.15 -0.29
N CYS A 80 -13.63 -0.54 -1.09
CA CYS A 80 -13.88 -0.94 -2.47
C CYS A 80 -14.34 -2.39 -2.54
N LEU A 81 -13.59 -3.27 -1.90
CA LEU A 81 -13.92 -4.70 -1.88
C LEU A 81 -15.19 -4.96 -1.09
N ARG A 82 -15.45 -4.10 -0.11
CA ARG A 82 -16.64 -4.23 0.73
C ARG A 82 -16.62 -5.56 1.50
N LYS A 83 -17.62 -5.76 2.35
CA LYS A 83 -17.72 -6.97 3.15
C LYS A 83 -16.62 -7.01 4.20
N LYS A 84 -15.40 -7.31 3.77
CA LYS A 84 -14.27 -7.37 4.69
C LYS A 84 -12.95 -7.36 3.92
N THR B 1 -3.96 -2.13 -17.87
CA THR B 1 -4.19 -1.78 -16.47
C THR B 1 -2.88 -1.78 -15.69
N TRP B 2 -2.98 -1.56 -14.37
CA TRP B 2 -1.79 -1.54 -13.51
C TRP B 2 -1.28 -2.95 -13.25
N ARG B 3 0.02 -3.06 -13.01
CA ARG B 3 0.64 -4.36 -12.74
C ARG B 3 1.37 -4.34 -11.41
N VAL B 4 1.75 -5.52 -10.94
CA VAL B 4 2.46 -5.66 -9.66
C VAL B 4 3.38 -6.87 -9.67
N GLN B 5 4.51 -6.75 -8.98
CA GLN B 5 5.48 -7.84 -8.90
C GLN B 5 6.18 -7.85 -7.56
N ARG B 6 5.88 -8.85 -6.74
CA ARG B 6 6.50 -8.97 -5.42
C ARG B 6 8.00 -9.19 -5.54
N SER B 7 8.68 -9.25 -4.39
CA SER B 7 10.12 -9.45 -4.36
C SER B 7 10.51 -10.38 -3.23
N GLN B 8 11.82 -10.46 -2.96
CA GLN B 8 12.33 -11.33 -1.90
C GLN B 8 11.94 -10.79 -0.53
N ASN B 9 11.76 -9.48 -0.44
CA ASN B 9 11.38 -8.85 0.82
C ASN B 9 10.24 -9.60 1.49
N PRO B 10 10.03 -9.33 2.78
CA PRO B 10 8.97 -9.97 3.57
C PRO B 10 7.58 -9.51 3.15
N LEU B 11 7.52 -8.38 2.46
CA LEU B 11 6.26 -7.83 2.00
C LEU B 11 6.48 -6.61 1.10
N LYS B 12 7.22 -6.82 0.01
CA LYS B 12 7.51 -5.73 -0.93
C LYS B 12 6.82 -5.99 -2.27
N ILE B 13 6.00 -5.03 -2.69
CA ILE B 13 5.29 -5.14 -3.95
C ILE B 13 5.50 -3.91 -4.82
N ARG B 14 6.10 -4.11 -5.99
CA ARG B 14 6.36 -3.01 -6.91
C ARG B 14 5.16 -2.78 -7.84
N LEU B 15 4.43 -1.70 -7.59
CA LEU B 15 3.27 -1.37 -8.40
C LEU B 15 3.63 -0.40 -9.52
N THR B 16 3.15 -0.69 -10.72
CA THR B 16 3.43 0.17 -11.88
C THR B 16 2.25 0.18 -12.85
N ARG B 17 2.07 1.32 -13.52
CA ARG B 17 0.97 1.46 -14.48
C ARG B 17 0.97 0.30 -15.47
N GLU A 6 5.43 17.58 15.18
CA GLU A 6 4.81 16.92 16.32
C GLU A 6 3.44 16.38 15.95
N SER A 7 3.41 15.15 15.45
CA SER A 7 2.15 14.51 15.05
C SER A 7 1.29 14.21 16.28
N GLU A 8 0.25 15.01 16.48
CA GLU A 8 -0.66 14.82 17.61
C GLU A 8 -1.46 13.54 17.45
N GLU A 9 -1.84 13.23 16.22
CA GLU A 9 -2.62 12.03 15.94
C GLU A 9 -1.71 10.86 15.58
N GLU A 10 -0.68 10.65 16.40
CA GLU A 10 0.27 9.56 16.17
C GLU A 10 -0.09 8.34 17.00
N ASP A 11 -0.58 8.58 18.20
CA ASP A 11 -0.97 7.49 19.11
C ASP A 11 -2.01 6.59 18.45
N LYS A 12 -2.89 7.19 17.66
CA LYS A 12 -3.94 6.44 16.97
C LYS A 12 -3.33 5.52 15.91
N CYS A 13 -2.21 5.93 15.33
CA CYS A 13 -1.55 5.16 14.30
C CYS A 13 -0.77 3.99 14.92
N LYS A 14 -1.30 2.78 14.76
CA LYS A 14 -0.67 1.59 15.30
C LYS A 14 0.15 0.88 14.23
N PRO A 15 1.15 0.09 14.67
CA PRO A 15 2.02 -0.66 13.77
C PRO A 15 1.29 -1.80 13.06
N MET A 16 1.78 -2.18 11.89
CA MET A 16 1.18 -3.26 11.12
C MET A 16 2.17 -4.41 10.92
N SER A 17 1.92 -5.52 11.61
CA SER A 17 2.79 -6.68 11.51
C SER A 17 2.64 -7.37 10.16
N TYR A 18 3.55 -8.28 9.85
CA TYR A 18 3.52 -9.00 8.59
C TYR A 18 2.17 -9.67 8.38
N GLU A 19 1.50 -10.01 9.48
CA GLU A 19 0.19 -10.65 9.42
C GLU A 19 -0.79 -9.81 8.62
N GLU A 20 -1.06 -8.60 9.10
CA GLU A 20 -1.98 -7.69 8.43
C GLU A 20 -1.42 -7.22 7.10
N LYS A 21 -0.09 -7.10 7.03
CA LYS A 21 0.58 -6.67 5.81
C LYS A 21 0.34 -7.65 4.67
N ARG A 22 0.67 -8.92 4.91
CA ARG A 22 0.49 -9.96 3.92
C ARG A 22 -0.93 -9.94 3.36
N GLN A 23 -1.88 -9.55 4.19
CA GLN A 23 -3.28 -9.49 3.78
C GLN A 23 -3.49 -8.44 2.70
N LEU A 24 -2.79 -7.32 2.83
CA LEU A 24 -2.90 -6.23 1.86
C LEU A 24 -2.37 -6.67 0.49
N SER A 25 -1.32 -7.49 0.52
CA SER A 25 -0.72 -7.98 -0.72
C SER A 25 -1.75 -8.68 -1.60
N LEU A 26 -2.47 -9.62 -1.00
CA LEU A 26 -3.50 -10.38 -1.72
C LEU A 26 -4.71 -9.50 -2.01
N ASP A 27 -5.25 -8.87 -0.96
CA ASP A 27 -6.41 -8.01 -1.10
C ASP A 27 -6.20 -6.98 -2.21
N ILE A 28 -5.09 -6.25 -2.12
CA ILE A 28 -4.77 -5.23 -3.11
C ILE A 28 -4.65 -5.84 -4.50
N ASN A 29 -4.29 -7.13 -4.55
CA ASN A 29 -4.14 -7.83 -5.82
C ASN A 29 -5.47 -8.45 -6.26
N LYS A 30 -6.50 -8.26 -5.45
CA LYS A 30 -7.82 -8.79 -5.74
C LYS A 30 -8.73 -7.70 -6.31
N LEU A 31 -8.49 -6.46 -5.89
CA LEU A 31 -9.28 -5.33 -6.36
C LEU A 31 -9.00 -5.03 -7.82
N PRO A 32 -9.95 -4.36 -8.49
CA PRO A 32 -9.82 -3.99 -9.90
C PRO A 32 -8.76 -2.91 -10.13
N GLY A 33 -8.34 -2.75 -11.38
CA GLY A 33 -7.34 -1.75 -11.70
C GLY A 33 -7.69 -0.39 -11.15
N GLU A 34 -8.95 0.02 -11.32
CA GLU A 34 -9.39 1.32 -10.84
C GLU A 34 -8.99 1.53 -9.39
N LYS A 35 -9.09 0.48 -8.59
CA LYS A 35 -8.75 0.55 -7.18
C LYS A 35 -7.24 0.74 -7.00
N LEU A 36 -6.46 0.09 -7.84
CA LEU A 36 -5.00 0.19 -7.78
C LEU A 36 -4.57 1.65 -7.87
N GLY A 37 -4.91 2.30 -8.97
CA GLY A 37 -4.53 3.70 -9.15
C GLY A 37 -4.83 4.53 -7.93
N ARG A 38 -5.93 4.23 -7.25
CA ARG A 38 -6.33 4.96 -6.05
C ARG A 38 -5.45 4.58 -4.86
N VAL A 39 -5.31 3.28 -4.63
CA VAL A 39 -4.50 2.78 -3.53
C VAL A 39 -3.02 3.11 -3.74
N VAL A 40 -2.47 2.66 -4.85
CA VAL A 40 -1.07 2.91 -5.17
C VAL A 40 -0.72 4.38 -4.99
N HIS A 41 -1.69 5.26 -5.26
CA HIS A 41 -1.48 6.69 -5.12
C HIS A 41 -1.23 7.06 -3.67
N ILE A 42 -2.00 6.46 -2.76
CA ILE A 42 -1.85 6.73 -1.33
C ILE A 42 -0.40 6.53 -0.88
N ILE A 43 0.16 5.38 -1.21
CA ILE A 43 1.54 5.07 -0.85
C ILE A 43 2.48 6.19 -1.26
N GLN A 44 2.60 6.41 -2.57
CA GLN A 44 3.47 7.45 -3.09
C GLN A 44 3.12 8.81 -2.49
N SER A 45 1.89 8.94 -2.00
CA SER A 45 1.44 10.18 -1.39
C SER A 45 2.15 10.44 -0.08
N ARG A 46 2.44 9.36 0.65
CA ARG A 46 3.12 9.47 1.94
C ARG A 46 4.43 8.69 1.93
N GLU A 47 4.92 8.37 0.73
CA GLU A 47 6.17 7.63 0.59
C GLU A 47 7.27 8.53 0.02
N PRO A 48 8.04 9.14 0.92
CA PRO A 48 9.14 10.03 0.53
C PRO A 48 10.30 9.27 -0.09
N SER A 49 10.59 8.09 0.44
CA SER A 49 11.68 7.26 -0.07
C SER A 49 11.53 7.02 -1.57
N LEU A 50 10.29 6.97 -2.03
CA LEU A 50 10.01 6.74 -3.44
C LEU A 50 10.78 7.73 -4.31
N LYS A 51 11.87 7.26 -4.91
CA LYS A 51 12.71 8.09 -5.77
C LYS A 51 12.55 7.69 -7.23
N ASN A 52 11.34 7.29 -7.61
CA ASN A 52 11.07 6.88 -8.97
C ASN A 52 11.06 8.08 -9.91
N SER A 53 12.03 8.12 -10.83
CA SER A 53 12.13 9.21 -11.79
C SER A 53 10.86 9.35 -12.60
N ASN A 54 10.19 8.22 -12.84
CA ASN A 54 8.95 8.22 -13.61
C ASN A 54 7.75 7.94 -12.71
N PRO A 55 6.67 8.69 -12.93
CA PRO A 55 5.43 8.55 -12.14
C PRO A 55 4.70 7.25 -12.44
N ASP A 56 5.19 6.53 -13.45
CA ASP A 56 4.58 5.26 -13.85
C ASP A 56 5.26 4.09 -13.14
N GLU A 57 5.89 4.38 -12.00
CA GLU A 57 6.58 3.34 -11.24
C GLU A 57 6.46 3.61 -9.74
N ILE A 58 6.20 2.55 -8.97
CA ILE A 58 6.06 2.67 -7.53
C ILE A 58 6.67 1.47 -6.82
N GLU A 59 7.32 1.72 -5.69
CA GLU A 59 7.94 0.65 -4.92
C GLU A 59 7.42 0.64 -3.48
N ILE A 60 6.47 -0.24 -3.22
CA ILE A 60 5.88 -0.36 -1.89
C ILE A 60 6.61 -1.41 -1.05
N ASP A 61 7.35 -0.95 -0.05
CA ASP A 61 8.09 -1.86 0.82
C ASP A 61 7.72 -1.64 2.27
N PHE A 62 6.79 -2.44 2.77
CA PHE A 62 6.33 -2.33 4.16
C PHE A 62 7.52 -2.39 5.11
N GLU A 63 8.60 -3.04 4.67
CA GLU A 63 9.80 -3.17 5.50
C GLU A 63 10.28 -1.81 5.99
N THR A 64 10.11 -0.79 5.14
CA THR A 64 10.53 0.56 5.48
C THR A 64 9.35 1.51 5.53
N LEU A 65 8.27 1.14 4.85
CA LEU A 65 7.06 1.96 4.81
C LEU A 65 6.57 2.25 6.22
N LYS A 66 5.74 3.29 6.35
CA LYS A 66 5.19 3.67 7.64
C LYS A 66 3.89 2.93 7.92
N PRO A 67 3.53 2.81 9.21
CA PRO A 67 2.30 2.14 9.63
C PRO A 67 1.05 2.93 9.26
N SER A 68 1.18 4.25 9.24
CA SER A 68 0.05 5.11 8.90
C SER A 68 -0.44 4.85 7.48
N THR A 69 0.50 4.69 6.55
CA THR A 69 0.16 4.42 5.17
C THR A 69 -0.34 2.99 4.98
N LEU A 70 0.38 2.04 5.55
CA LEU A 70 0.00 0.63 5.45
C LEU A 70 -1.49 0.45 5.73
N ARG A 71 -1.93 0.93 6.88
CA ARG A 71 -3.33 0.82 7.28
C ARG A 71 -4.22 1.57 6.29
N GLU A 72 -3.71 2.66 5.75
CA GLU A 72 -4.46 3.47 4.79
C GLU A 72 -5.02 2.60 3.66
N LEU A 73 -4.13 1.91 2.96
CA LEU A 73 -4.53 1.05 1.85
C LEU A 73 -5.61 0.07 2.30
N GLU A 74 -5.38 -0.57 3.44
CA GLU A 74 -6.34 -1.54 3.97
C GLU A 74 -7.74 -0.94 4.04
N ARG A 75 -7.81 0.34 4.40
CA ARG A 75 -9.09 1.03 4.50
C ARG A 75 -9.79 1.10 3.15
N TYR A 76 -9.01 1.23 2.08
CA TYR A 76 -9.55 1.29 0.73
C TYR A 76 -9.84 -0.10 0.19
N VAL A 77 -8.83 -0.97 0.24
CA VAL A 77 -8.98 -2.34 -0.24
C VAL A 77 -10.13 -3.05 0.46
N THR A 78 -10.37 -2.67 1.72
CA THR A 78 -11.45 -3.28 2.50
C THR A 78 -12.80 -2.69 2.12
N SER A 79 -12.81 -1.41 1.73
CA SER A 79 -14.04 -0.74 1.35
C SER A 79 -14.57 -1.30 0.04
N CYS A 80 -13.68 -1.70 -0.85
CA CYS A 80 -14.06 -2.25 -2.15
C CYS A 80 -14.25 -3.76 -2.05
N LEU A 81 -13.26 -4.44 -1.49
CA LEU A 81 -13.31 -5.89 -1.34
C LEU A 81 -14.41 -6.30 -0.36
N ARG A 82 -14.71 -5.41 0.58
CA ARG A 82 -15.74 -5.67 1.58
C ARG A 82 -15.27 -6.72 2.59
N LYS A 83 -15.12 -7.96 2.12
CA LYS A 83 -14.67 -9.04 2.99
C LYS A 83 -15.53 -9.14 4.25
N LYS A 84 -16.66 -9.82 4.13
CA LYS A 84 -17.57 -9.99 5.26
C LYS A 84 -18.00 -8.64 5.81
N THR B 1 -3.67 -0.84 -17.99
CA THR B 1 -3.92 -0.84 -16.55
C THR B 1 -2.61 -0.93 -15.77
N TRP B 2 -2.71 -1.09 -14.46
CA TRP B 2 -1.53 -1.18 -13.60
C TRP B 2 -1.13 -2.64 -13.40
N ARG B 3 0.13 -2.85 -13.01
CA ARG B 3 0.63 -4.20 -12.78
C ARG B 3 1.10 -4.38 -11.34
N VAL B 4 1.43 -5.61 -10.97
CA VAL B 4 1.89 -5.91 -9.62
C VAL B 4 2.97 -6.99 -9.63
N GLN B 5 3.91 -6.89 -8.68
CA GLN B 5 4.99 -7.85 -8.59
C GLN B 5 5.71 -7.73 -7.25
N ARG B 6 5.78 -8.84 -6.52
CA ARG B 6 6.43 -8.85 -5.22
C ARG B 6 7.94 -9.02 -5.38
N SER B 7 8.67 -8.89 -4.26
CA SER B 7 10.12 -9.04 -4.28
C SER B 7 10.58 -9.94 -3.15
N GLN B 8 11.89 -10.02 -2.95
CA GLN B 8 12.47 -10.84 -1.90
C GLN B 8 12.04 -10.35 -0.52
N ASN B 9 11.75 -9.05 -0.42
CA ASN B 9 11.32 -8.46 0.84
C ASN B 9 10.24 -9.31 1.51
N PRO B 10 10.00 -9.05 2.79
CA PRO B 10 8.98 -9.77 3.57
C PRO B 10 7.57 -9.44 3.13
N LEU B 11 7.42 -8.33 2.40
CA LEU B 11 6.12 -7.90 1.92
C LEU B 11 6.24 -6.61 1.10
N LYS B 12 7.02 -6.67 0.03
CA LYS B 12 7.22 -5.52 -0.84
C LYS B 12 6.50 -5.71 -2.17
N ILE B 13 5.46 -4.91 -2.39
CA ILE B 13 4.69 -4.98 -3.62
C ILE B 13 5.08 -3.87 -4.59
N ARG B 14 5.66 -4.25 -5.72
CA ARG B 14 6.08 -3.29 -6.73
C ARG B 14 4.96 -3.01 -7.72
N LEU B 15 4.33 -1.84 -7.58
CA LEU B 15 3.23 -1.46 -8.47
C LEU B 15 3.70 -0.45 -9.51
N THR B 16 3.24 -0.62 -10.74
CA THR B 16 3.61 0.28 -11.83
C THR B 16 2.50 0.36 -12.88
N ARG B 17 2.35 1.53 -13.47
CA ARG B 17 1.33 1.75 -14.50
C ARG B 17 1.37 0.64 -15.54
N GLU A 6 5.10 17.66 20.63
CA GLU A 6 3.75 17.16 20.85
C GLU A 6 3.24 16.40 19.64
N SER A 7 3.36 15.07 19.68
CA SER A 7 2.91 14.23 18.58
C SER A 7 1.40 14.30 18.41
N GLU A 8 0.67 13.69 19.33
CA GLU A 8 -0.79 13.70 19.28
C GLU A 8 -1.28 13.18 17.93
N GLU A 9 -0.73 12.06 17.49
CA GLU A 9 -1.11 11.48 16.22
C GLU A 9 -0.53 10.07 16.07
N GLU A 10 0.71 9.90 16.49
CA GLU A 10 1.38 8.60 16.40
C GLU A 10 0.78 7.62 17.39
N ASP A 11 0.39 8.12 18.55
CA ASP A 11 -0.21 7.28 19.59
C ASP A 11 -1.42 6.54 19.06
N LYS A 12 -2.17 7.19 18.16
CA LYS A 12 -3.36 6.60 17.58
C LYS A 12 -2.98 5.66 16.44
N CYS A 13 -1.89 5.97 15.76
CA CYS A 13 -1.42 5.15 14.64
C CYS A 13 -0.72 3.89 15.14
N LYS A 14 -1.39 2.75 14.99
CA LYS A 14 -0.83 1.47 15.42
C LYS A 14 -0.09 0.78 14.28
N PRO A 15 0.86 -0.09 14.64
CA PRO A 15 1.67 -0.83 13.66
C PRO A 15 0.85 -1.87 12.91
N MET A 16 1.36 -2.32 11.77
CA MET A 16 0.68 -3.31 10.96
C MET A 16 1.54 -4.57 10.81
N SER A 17 1.13 -5.64 11.49
CA SER A 17 1.87 -6.89 11.44
C SER A 17 1.93 -7.42 10.01
N TYR A 18 2.94 -8.24 9.73
CA TYR A 18 3.11 -8.81 8.40
C TYR A 18 1.83 -9.48 7.91
N GLU A 19 1.10 -10.09 8.85
CA GLU A 19 -0.15 -10.76 8.52
C GLU A 19 -1.17 -9.77 7.94
N GLU A 20 -1.33 -8.63 8.62
CA GLU A 20 -2.27 -7.61 8.18
C GLU A 20 -1.94 -7.15 6.76
N LYS A 21 -0.72 -6.62 6.59
CA LYS A 21 -0.29 -6.14 5.28
C LYS A 21 -0.30 -7.27 4.25
N ARG A 22 0.00 -8.48 4.70
CA ARG A 22 0.02 -9.64 3.82
C ARG A 22 -1.27 -9.72 3.02
N GLN A 23 -2.39 -9.44 3.66
CA GLN A 23 -3.70 -9.50 3.01
C GLN A 23 -3.86 -8.32 2.06
N LEU A 24 -3.27 -7.18 2.41
CA LEU A 24 -3.36 -5.98 1.59
C LEU A 24 -2.70 -6.20 0.24
N SER A 25 -1.50 -6.78 0.25
CA SER A 25 -0.77 -7.04 -0.99
C SER A 25 -1.59 -7.90 -1.94
N LEU A 26 -2.11 -9.01 -1.42
CA LEU A 26 -2.92 -9.92 -2.22
C LEU A 26 -4.24 -9.27 -2.62
N ASP A 27 -5.00 -8.82 -1.62
CA ASP A 27 -6.28 -8.18 -1.87
C ASP A 27 -6.15 -7.07 -2.92
N ILE A 28 -5.29 -6.10 -2.64
CA ILE A 28 -5.06 -4.99 -3.55
C ILE A 28 -4.61 -5.49 -4.92
N ASN A 29 -3.82 -6.56 -4.92
CA ASN A 29 -3.32 -7.13 -6.17
C ASN A 29 -4.47 -7.72 -7.00
N LYS A 30 -5.39 -8.40 -6.32
CA LYS A 30 -6.53 -9.01 -6.98
C LYS A 30 -7.54 -7.96 -7.41
N LEU A 31 -7.58 -6.85 -6.68
CA LEU A 31 -8.51 -5.76 -6.97
C LEU A 31 -8.29 -5.25 -8.40
N PRO A 32 -9.31 -4.56 -8.94
CA PRO A 32 -9.25 -4.01 -10.30
C PRO A 32 -8.28 -2.83 -10.39
N GLY A 33 -7.92 -2.47 -11.62
CA GLY A 33 -7.01 -1.37 -11.84
C GLY A 33 -7.44 -0.11 -11.10
N GLU A 34 -8.66 0.34 -11.36
CA GLU A 34 -9.19 1.54 -10.72
C GLU A 34 -8.98 1.48 -9.20
N LYS A 35 -9.14 0.29 -8.64
CA LYS A 35 -8.98 0.09 -7.20
C LYS A 35 -7.51 0.25 -6.80
N LEU A 36 -6.62 -0.25 -7.64
CA LEU A 36 -5.19 -0.17 -7.37
C LEU A 36 -4.69 1.27 -7.52
N GLY A 37 -5.07 1.91 -8.62
CA GLY A 37 -4.66 3.28 -8.85
C GLY A 37 -4.81 4.16 -7.62
N ARG A 38 -5.94 4.01 -6.92
CA ARG A 38 -6.19 4.79 -5.72
C ARG A 38 -5.23 4.41 -4.60
N VAL A 39 -5.08 3.10 -4.39
CA VAL A 39 -4.18 2.60 -3.35
C VAL A 39 -2.75 3.07 -3.58
N VAL A 40 -2.20 2.69 -4.73
CA VAL A 40 -0.83 3.07 -5.08
C VAL A 40 -0.62 4.58 -4.94
N HIS A 41 -1.67 5.34 -5.22
CA HIS A 41 -1.60 6.80 -5.12
C HIS A 41 -1.36 7.23 -3.69
N ILE A 42 -1.82 6.43 -2.74
CA ILE A 42 -1.66 6.72 -1.32
C ILE A 42 -0.23 6.45 -0.86
N ILE A 43 0.35 5.38 -1.39
CA ILE A 43 1.71 5.00 -1.03
C ILE A 43 2.73 5.93 -1.69
N GLN A 44 2.54 6.20 -2.97
CA GLN A 44 3.44 7.07 -3.71
C GLN A 44 3.31 8.52 -3.22
N SER A 45 2.21 8.81 -2.55
CA SER A 45 1.96 10.15 -2.03
C SER A 45 2.39 10.25 -0.58
N ARG A 46 2.19 9.17 0.18
CA ARG A 46 2.55 9.14 1.58
C ARG A 46 4.05 8.88 1.75
N GLU A 47 4.61 8.09 0.84
CA GLU A 47 6.02 7.76 0.90
C GLU A 47 6.88 8.91 0.37
N PRO A 48 7.67 9.53 1.26
CA PRO A 48 8.54 10.64 0.90
C PRO A 48 9.71 10.21 0.02
N SER A 49 10.24 9.02 0.28
CA SER A 49 11.35 8.49 -0.49
C SER A 49 10.94 8.21 -1.93
N LEU A 50 9.69 7.76 -2.10
CA LEU A 50 9.17 7.45 -3.43
C LEU A 50 9.37 8.62 -4.38
N LYS A 51 10.38 8.49 -5.25
CA LYS A 51 10.67 9.54 -6.22
C LYS A 51 11.22 8.94 -7.51
N ASN A 52 10.62 7.84 -7.95
CA ASN A 52 11.06 7.16 -9.17
C ASN A 52 11.13 8.15 -10.33
N SER A 53 12.03 7.90 -11.26
CA SER A 53 12.20 8.75 -12.43
C SER A 53 10.90 8.88 -13.21
N ASN A 54 10.13 7.79 -13.25
CA ASN A 54 8.86 7.78 -13.96
C ASN A 54 7.71 7.52 -13.01
N PRO A 55 6.61 8.28 -13.18
CA PRO A 55 5.42 8.14 -12.34
C PRO A 55 4.67 6.85 -12.60
N ASP A 56 5.10 6.11 -13.62
CA ASP A 56 4.47 4.84 -13.97
C ASP A 56 5.14 3.68 -13.24
N GLU A 57 5.84 4.00 -12.15
CA GLU A 57 6.53 2.97 -11.36
C GLU A 57 6.56 3.36 -9.89
N ILE A 58 6.29 2.37 -9.03
CA ILE A 58 6.28 2.60 -7.59
C ILE A 58 6.85 1.39 -6.84
N GLU A 59 7.58 1.66 -5.77
CA GLU A 59 8.19 0.61 -4.97
C GLU A 59 7.63 0.62 -3.55
N ILE A 60 6.65 -0.24 -3.29
CA ILE A 60 6.04 -0.33 -1.97
C ILE A 60 6.74 -1.36 -1.10
N ASP A 61 7.46 -0.88 -0.09
CA ASP A 61 8.18 -1.76 0.82
C ASP A 61 7.74 -1.53 2.27
N PHE A 62 6.79 -2.33 2.72
CA PHE A 62 6.28 -2.22 4.09
C PHE A 62 7.41 -2.37 5.10
N GLU A 63 8.44 -3.10 4.72
CA GLU A 63 9.59 -3.33 5.60
C GLU A 63 10.12 -2.01 6.14
N THR A 64 10.00 -0.96 5.33
CA THR A 64 10.48 0.36 5.73
C THR A 64 9.33 1.36 5.79
N LEU A 65 8.26 1.08 5.05
CA LEU A 65 7.10 1.96 5.01
C LEU A 65 6.57 2.20 6.42
N LYS A 66 5.79 3.27 6.57
CA LYS A 66 5.21 3.63 7.86
C LYS A 66 3.87 2.93 8.07
N PRO A 67 3.45 2.80 9.33
CA PRO A 67 2.18 2.15 9.69
C PRO A 67 0.98 3.00 9.29
N SER A 68 1.10 4.31 9.45
CA SER A 68 0.02 5.23 9.10
C SER A 68 -0.48 4.98 7.68
N THR A 69 0.47 4.83 6.75
CA THR A 69 0.14 4.58 5.36
C THR A 69 -0.36 3.15 5.15
N LEU A 70 0.42 2.20 5.64
CA LEU A 70 0.06 0.78 5.51
C LEU A 70 -1.41 0.56 5.89
N ARG A 71 -1.81 1.11 7.04
CA ARG A 71 -3.18 0.97 7.50
C ARG A 71 -4.14 1.74 6.61
N GLU A 72 -3.68 2.86 6.07
CA GLU A 72 -4.50 3.69 5.20
C GLU A 72 -5.12 2.86 4.08
N LEU A 73 -4.28 2.08 3.40
CA LEU A 73 -4.73 1.24 2.30
C LEU A 73 -5.65 0.13 2.82
N GLU A 74 -5.37 -0.37 4.02
CA GLU A 74 -6.16 -1.43 4.61
C GLU A 74 -7.61 -0.98 4.80
N ARG A 75 -7.79 0.33 5.01
CA ARG A 75 -9.13 0.88 5.21
C ARG A 75 -9.88 0.98 3.89
N TYR A 76 -9.15 1.29 2.81
CA TYR A 76 -9.74 1.42 1.50
C TYR A 76 -10.00 0.04 0.87
N VAL A 77 -9.05 -0.87 1.07
CA VAL A 77 -9.18 -2.22 0.52
C VAL A 77 -10.32 -2.98 1.20
N THR A 78 -10.57 -2.66 2.47
CA THR A 78 -11.63 -3.31 3.23
C THR A 78 -12.99 -2.73 2.86
N SER A 79 -13.01 -1.47 2.45
CA SER A 79 -14.24 -0.79 2.08
C SER A 79 -14.77 -1.33 0.75
N CYS A 80 -13.87 -1.69 -0.14
CA CYS A 80 -14.24 -2.22 -1.44
C CYS A 80 -14.42 -3.74 -1.38
N LEU A 81 -13.41 -4.42 -0.85
CA LEU A 81 -13.45 -5.88 -0.74
C LEU A 81 -14.47 -6.31 0.30
N ARG A 82 -14.71 -5.46 1.29
CA ARG A 82 -15.66 -5.75 2.35
C ARG A 82 -15.14 -6.87 3.25
N LYS A 83 -15.19 -8.10 2.76
CA LYS A 83 -14.72 -9.25 3.51
C LYS A 83 -14.85 -10.53 2.70
N LYS A 84 -13.83 -11.38 2.77
CA LYS A 84 -13.82 -12.64 2.04
C LYS A 84 -14.03 -13.82 2.99
N THR B 1 -3.89 -1.86 -17.84
CA THR B 1 -4.08 -1.67 -16.42
C THR B 1 -2.74 -1.67 -15.69
N TRP B 2 -2.79 -1.61 -14.35
CA TRP B 2 -1.58 -1.59 -13.54
C TRP B 2 -1.10 -3.01 -13.26
N ARG B 3 0.08 -3.12 -12.67
CA ARG B 3 0.66 -4.43 -12.34
C ARG B 3 1.53 -4.34 -11.10
N VAL B 4 1.85 -5.50 -10.53
CA VAL B 4 2.67 -5.56 -9.32
C VAL B 4 3.75 -6.64 -9.45
N GLN B 5 4.89 -6.40 -8.81
CA GLN B 5 6.00 -7.34 -8.85
C GLN B 5 6.61 -7.52 -7.47
N ARG B 6 6.18 -8.56 -6.76
CA ARG B 6 6.69 -8.84 -5.42
C ARG B 6 8.19 -9.15 -5.46
N SER B 7 8.85 -8.97 -4.33
CA SER B 7 10.28 -9.22 -4.23
C SER B 7 10.60 -10.11 -3.04
N GLN B 8 11.89 -10.38 -2.83
CA GLN B 8 12.33 -11.22 -1.72
C GLN B 8 11.85 -10.64 -0.39
N ASN B 9 11.62 -9.34 -0.36
CA ASN B 9 11.16 -8.67 0.85
C ASN B 9 10.03 -9.45 1.51
N PRO B 10 9.78 -9.15 2.79
CA PRO B 10 8.72 -9.82 3.56
C PRO B 10 7.32 -9.42 3.09
N LEU B 11 7.23 -8.28 2.41
CA LEU B 11 5.95 -7.79 1.90
C LEU B 11 6.15 -6.53 1.07
N LYS B 12 6.91 -6.66 -0.01
CA LYS B 12 7.17 -5.53 -0.90
C LYS B 12 6.51 -5.74 -2.26
N ILE B 13 5.58 -4.86 -2.61
CA ILE B 13 4.88 -4.95 -3.88
C ILE B 13 5.13 -3.72 -4.74
N ARG B 14 5.89 -3.89 -5.82
CA ARG B 14 6.20 -2.79 -6.72
C ARG B 14 5.09 -2.59 -7.74
N LEU B 15 4.24 -1.59 -7.49
CA LEU B 15 3.13 -1.29 -8.39
C LEU B 15 3.58 -0.40 -9.54
N THR B 16 3.12 -0.71 -10.75
CA THR B 16 3.47 0.07 -11.93
C THR B 16 2.34 0.08 -12.94
N ARG B 17 2.16 1.21 -13.62
CA ARG B 17 1.11 1.34 -14.62
C ARG B 17 1.11 0.14 -15.57
N GLU A 6 -5.44 17.62 8.03
CA GLU A 6 -5.31 17.05 9.37
C GLU A 6 -5.66 15.56 9.36
N SER A 7 -4.67 14.73 9.07
CA SER A 7 -4.87 13.29 9.03
C SER A 7 -5.53 12.79 10.31
N GLU A 8 -6.68 12.14 10.16
CA GLU A 8 -7.40 11.61 11.31
C GLU A 8 -6.66 10.44 11.93
N GLU A 9 -6.02 9.64 11.09
CA GLU A 9 -5.26 8.48 11.56
C GLU A 9 -3.79 8.83 11.76
N GLU A 10 -3.54 9.91 12.49
CA GLU A 10 -2.18 10.36 12.74
C GLU A 10 -1.84 10.24 14.22
N ASP A 11 -2.83 10.46 15.08
CA ASP A 11 -2.64 10.38 16.52
C ASP A 11 -2.85 8.95 17.00
N LYS A 12 -3.79 8.24 16.38
CA LYS A 12 -4.10 6.87 16.75
C LYS A 12 -3.43 5.88 15.79
N CYS A 13 -2.43 6.37 15.06
CA CYS A 13 -1.72 5.53 14.11
C CYS A 13 -1.23 4.24 14.76
N LYS A 14 -1.86 3.13 14.41
CA LYS A 14 -1.51 1.83 14.97
C LYS A 14 -0.45 1.14 14.10
N PRO A 15 0.33 0.25 14.73
CA PRO A 15 1.40 -0.50 14.03
C PRO A 15 0.83 -1.51 13.05
N MET A 16 1.66 -1.93 12.11
CA MET A 16 1.25 -2.92 11.11
C MET A 16 2.39 -3.88 10.79
N SER A 17 2.10 -5.18 10.86
CA SER A 17 3.10 -6.20 10.59
C SER A 17 2.88 -6.82 9.21
N TYR A 18 3.77 -7.74 8.84
CA TYR A 18 3.67 -8.40 7.54
C TYR A 18 2.27 -8.96 7.31
N GLU A 19 1.64 -9.42 8.38
CA GLU A 19 0.30 -9.98 8.30
C GLU A 19 -0.66 -8.99 7.65
N GLU A 20 -0.42 -7.71 7.89
CA GLU A 20 -1.27 -6.66 7.32
C GLU A 20 -1.08 -6.55 5.82
N LYS A 21 0.13 -6.23 5.40
CA LYS A 21 0.45 -6.10 3.99
C LYS A 21 0.25 -7.42 3.26
N ARG A 22 0.42 -8.52 3.98
CA ARG A 22 0.25 -9.86 3.40
C ARG A 22 -1.13 -9.99 2.75
N GLN A 23 -2.17 -9.85 3.55
CA GLN A 23 -3.53 -9.97 3.05
C GLN A 23 -3.91 -8.74 2.22
N LEU A 24 -3.39 -7.58 2.61
CA LEU A 24 -3.67 -6.34 1.91
C LEU A 24 -3.18 -6.40 0.47
N SER A 25 -2.04 -7.04 0.26
CA SER A 25 -1.47 -7.17 -1.08
C SER A 25 -2.35 -8.06 -1.96
N LEU A 26 -2.79 -9.18 -1.41
CA LEU A 26 -3.65 -10.11 -2.15
C LEU A 26 -4.95 -9.43 -2.58
N ASP A 27 -5.65 -8.85 -1.62
CA ASP A 27 -6.91 -8.17 -1.90
C ASP A 27 -6.73 -7.14 -3.02
N ILE A 28 -5.76 -6.25 -2.85
CA ILE A 28 -5.48 -5.22 -3.84
C ILE A 28 -5.07 -5.84 -5.17
N ASN A 29 -4.30 -6.93 -5.10
CA ASN A 29 -3.83 -7.61 -6.29
C ASN A 29 -5.00 -8.20 -7.08
N LYS A 30 -5.96 -8.77 -6.36
CA LYS A 30 -7.14 -9.37 -6.99
C LYS A 30 -8.10 -8.30 -7.47
N LEU A 31 -8.09 -7.15 -6.80
CA LEU A 31 -8.96 -6.04 -7.16
C LEU A 31 -8.58 -5.47 -8.52
N PRO A 32 -9.53 -4.75 -9.14
CA PRO A 32 -9.31 -4.14 -10.46
C PRO A 32 -8.33 -2.96 -10.40
N GLY A 33 -7.83 -2.57 -11.57
CA GLY A 33 -6.88 -1.46 -11.62
C GLY A 33 -7.37 -0.24 -10.87
N GLU A 34 -8.66 0.04 -10.98
CA GLU A 34 -9.25 1.20 -10.30
C GLU A 34 -8.85 1.22 -8.83
N LYS A 35 -8.80 0.05 -8.21
CA LYS A 35 -8.44 -0.06 -6.81
C LYS A 35 -6.95 0.19 -6.61
N LEU A 36 -6.14 -0.43 -7.46
CA LEU A 36 -4.68 -0.28 -7.39
C LEU A 36 -4.28 1.18 -7.53
N GLY A 37 -4.72 1.81 -8.62
CA GLY A 37 -4.40 3.20 -8.85
C GLY A 37 -4.62 4.07 -7.62
N ARG A 38 -5.71 3.80 -6.90
CA ARG A 38 -6.04 4.56 -5.70
C ARG A 38 -5.17 4.12 -4.53
N VAL A 39 -5.04 2.81 -4.35
CA VAL A 39 -4.23 2.26 -3.28
C VAL A 39 -2.76 2.62 -3.45
N VAL A 40 -2.15 2.13 -4.53
CA VAL A 40 -0.75 2.40 -4.81
C VAL A 40 -0.45 3.90 -4.72
N HIS A 41 -1.46 4.72 -5.02
CA HIS A 41 -1.31 6.16 -4.98
C HIS A 41 -1.04 6.64 -3.56
N ILE A 42 -1.66 5.96 -2.59
CA ILE A 42 -1.50 6.32 -1.18
C ILE A 42 -0.08 6.06 -0.71
N ILE A 43 0.45 4.89 -1.06
CA ILE A 43 1.81 4.51 -0.68
C ILE A 43 2.80 5.60 -1.04
N GLN A 44 2.91 5.89 -2.34
CA GLN A 44 3.82 6.92 -2.82
C GLN A 44 3.62 8.23 -2.05
N SER A 45 2.40 8.45 -1.60
CA SER A 45 2.07 9.67 -0.87
C SER A 45 2.83 9.73 0.46
N ARG A 46 3.06 8.56 1.05
CA ARG A 46 3.78 8.48 2.32
C ARG A 46 5.04 7.63 2.17
N GLU A 47 5.50 7.46 0.93
CA GLU A 47 6.70 6.67 0.67
C GLU A 47 7.86 7.58 0.28
N PRO A 48 8.66 7.97 1.29
CA PRO A 48 9.82 8.84 1.09
C PRO A 48 10.95 8.14 0.34
N SER A 49 11.13 6.86 0.64
CA SER A 49 12.18 6.06 -0.01
C SER A 49 12.04 6.12 -1.53
N LEU A 50 10.80 6.17 -2.01
CA LEU A 50 10.54 6.22 -3.44
C LEU A 50 11.37 7.32 -4.11
N LYS A 51 10.95 8.56 -3.92
CA LYS A 51 11.66 9.70 -4.50
C LYS A 51 11.94 9.47 -5.99
N ASN A 52 10.97 9.80 -6.83
CA ASN A 52 11.12 9.63 -8.27
C ASN A 52 10.07 10.44 -9.03
N SER A 53 10.44 10.92 -10.20
CA SER A 53 9.54 11.72 -11.03
C SER A 53 8.73 10.83 -11.96
N ASN A 54 8.84 9.51 -11.76
CA ASN A 54 8.12 8.55 -12.59
C ASN A 54 6.97 7.91 -11.80
N PRO A 55 5.77 8.52 -11.89
CA PRO A 55 4.58 8.02 -11.20
C PRO A 55 4.07 6.71 -11.78
N ASP A 56 4.66 6.30 -12.90
CA ASP A 56 4.27 5.06 -13.55
C ASP A 56 4.94 3.86 -12.89
N GLU A 57 5.71 4.12 -11.84
CA GLU A 57 6.40 3.07 -11.12
C GLU A 57 6.42 3.35 -9.62
N ILE A 58 6.22 2.31 -8.82
CA ILE A 58 6.22 2.44 -7.37
C ILE A 58 6.89 1.25 -6.70
N GLU A 59 7.60 1.51 -5.60
CA GLU A 59 8.28 0.45 -4.87
C GLU A 59 7.77 0.37 -3.43
N ILE A 60 6.84 -0.55 -3.20
CA ILE A 60 6.26 -0.74 -1.87
C ILE A 60 7.11 -1.69 -1.05
N ASP A 61 7.74 -1.16 0.00
CA ASP A 61 8.58 -1.96 0.89
C ASP A 61 8.19 -1.75 2.34
N PHE A 62 7.69 -2.82 2.97
CA PHE A 62 7.28 -2.76 4.37
C PHE A 62 8.41 -2.24 5.25
N GLU A 63 9.64 -2.55 4.86
CA GLU A 63 10.81 -2.12 5.61
C GLU A 63 10.89 -0.60 5.69
N THR A 64 10.15 0.07 4.81
CA THR A 64 10.14 1.53 4.77
C THR A 64 8.74 2.07 5.03
N LEU A 65 7.73 1.26 4.69
CA LEU A 65 6.34 1.66 4.89
C LEU A 65 6.07 1.97 6.35
N LYS A 66 5.36 3.07 6.60
CA LYS A 66 5.02 3.46 7.96
C LYS A 66 3.69 2.86 8.40
N PRO A 67 3.42 2.90 9.71
CA PRO A 67 2.19 2.35 10.29
C PRO A 67 0.96 3.17 9.90
N SER A 68 1.19 4.43 9.53
CA SER A 68 0.10 5.32 9.15
C SER A 68 -0.37 5.03 7.73
N THR A 69 0.59 4.85 6.82
CA THR A 69 0.28 4.57 5.43
C THR A 69 -0.56 3.30 5.29
N LEU A 70 -0.05 2.21 5.84
CA LEU A 70 -0.76 0.93 5.79
C LEU A 70 -2.20 1.08 6.26
N ARG A 71 -2.37 1.71 7.41
CA ARG A 71 -3.70 1.92 7.98
C ARG A 71 -4.63 2.56 6.94
N GLU A 72 -4.07 3.36 6.05
CA GLU A 72 -4.85 4.03 5.02
C GLU A 72 -5.21 3.05 3.90
N LEU A 73 -4.27 2.18 3.57
CA LEU A 73 -4.50 1.20 2.51
C LEU A 73 -5.59 0.21 2.92
N GLU A 74 -5.35 -0.50 4.01
CA GLU A 74 -6.32 -1.48 4.51
C GLU A 74 -7.70 -0.85 4.65
N ARG A 75 -7.74 0.42 5.02
CA ARG A 75 -9.00 1.13 5.19
C ARG A 75 -9.76 1.22 3.87
N TYR A 76 -9.03 1.32 2.77
CA TYR A 76 -9.64 1.40 1.44
C TYR A 76 -10.02 0.02 0.93
N VAL A 77 -9.05 -0.89 0.94
CA VAL A 77 -9.28 -2.26 0.48
C VAL A 77 -10.40 -2.92 1.26
N THR A 78 -10.53 -2.54 2.53
CA THR A 78 -11.56 -3.11 3.40
C THR A 78 -12.91 -2.45 3.14
N SER A 79 -12.89 -1.20 2.72
CA SER A 79 -14.11 -0.45 2.43
C SER A 79 -14.78 -0.97 1.16
N CYS A 80 -13.96 -1.40 0.20
CA CYS A 80 -14.46 -1.91 -1.06
C CYS A 80 -14.73 -3.41 -0.96
N LEU A 81 -13.73 -4.16 -0.50
CA LEU A 81 -13.86 -5.60 -0.36
C LEU A 81 -14.83 -5.97 0.75
N ARG A 82 -14.95 -5.09 1.74
CA ARG A 82 -15.85 -5.31 2.86
C ARG A 82 -15.45 -6.55 3.65
N LYS A 83 -14.15 -6.67 3.93
CA LYS A 83 -13.62 -7.81 4.68
C LYS A 83 -12.28 -7.47 5.32
N LYS A 84 -11.95 -8.18 6.39
CA LYS A 84 -10.69 -7.96 7.09
C LYS A 84 -9.71 -9.09 6.81
N THR B 1 -3.16 -0.80 -17.97
CA THR B 1 -3.50 -0.88 -16.55
C THR B 1 -2.25 -0.99 -15.69
N TRP B 2 -2.45 -1.22 -14.40
CA TRP B 2 -1.33 -1.36 -13.47
C TRP B 2 -0.94 -2.82 -13.30
N ARG B 3 0.30 -3.05 -12.91
CA ARG B 3 0.81 -4.40 -12.71
C ARG B 3 1.41 -4.56 -11.31
N VAL B 4 1.52 -5.81 -10.87
CA VAL B 4 2.08 -6.11 -9.55
C VAL B 4 3.17 -7.16 -9.63
N GLN B 5 4.34 -6.83 -9.08
CA GLN B 5 5.48 -7.75 -9.10
C GLN B 5 6.21 -7.73 -7.77
N ARG B 6 5.88 -8.69 -6.91
CA ARG B 6 6.51 -8.80 -5.59
C ARG B 6 8.00 -9.11 -5.72
N SER B 7 8.68 -9.14 -4.59
CA SER B 7 10.12 -9.42 -4.57
C SER B 7 10.46 -10.40 -3.45
N GLN B 8 11.74 -10.69 -3.30
CA GLN B 8 12.21 -11.61 -2.27
C GLN B 8 11.91 -11.05 -0.88
N ASN B 9 11.75 -9.74 -0.80
CA ASN B 9 11.46 -9.08 0.48
C ASN B 9 10.37 -9.83 1.24
N PRO B 10 10.25 -9.53 2.54
CA PRO B 10 9.24 -10.16 3.41
C PRO B 10 7.82 -9.71 3.07
N LEU B 11 7.72 -8.60 2.34
CA LEU B 11 6.42 -8.06 1.95
C LEU B 11 6.58 -6.83 1.08
N LYS B 12 7.28 -6.99 -0.04
CA LYS B 12 7.50 -5.89 -0.97
C LYS B 12 6.67 -6.07 -2.25
N ILE B 13 5.94 -5.03 -2.62
CA ILE B 13 5.11 -5.07 -3.81
C ILE B 13 5.47 -3.95 -4.78
N ARG B 14 5.96 -4.32 -5.96
CA ARG B 14 6.34 -3.34 -6.98
C ARG B 14 5.18 -3.08 -7.94
N LEU B 15 4.46 -1.99 -7.70
CA LEU B 15 3.32 -1.63 -8.54
C LEU B 15 3.72 -0.57 -9.57
N THR B 16 3.30 -0.77 -10.82
CA THR B 16 3.63 0.17 -11.89
C THR B 16 2.45 0.31 -12.84
N ARG B 17 2.28 1.53 -13.38
CA ARG B 17 1.20 1.80 -14.31
C ARG B 17 1.14 0.75 -15.40
N GLU A 6 -11.06 14.64 10.03
CA GLU A 6 -9.82 15.38 9.88
C GLU A 6 -8.62 14.43 9.81
N SER A 7 -8.59 13.46 10.70
CA SER A 7 -7.50 12.50 10.74
C SER A 7 -7.97 11.17 11.32
N GLU A 8 -8.16 11.13 12.64
CA GLU A 8 -8.60 9.92 13.31
C GLU A 8 -7.73 8.74 12.94
N GLU A 9 -6.44 8.99 12.75
CA GLU A 9 -5.49 7.94 12.39
C GLU A 9 -4.08 8.51 12.25
N GLU A 10 -3.76 9.48 13.09
CA GLU A 10 -2.43 10.11 13.06
C GLU A 10 -1.76 10.02 14.42
N ASP A 11 -2.54 10.23 15.48
CA ASP A 11 -2.01 10.18 16.84
C ASP A 11 -2.10 8.76 17.40
N LYS A 12 -3.16 8.05 17.02
CA LYS A 12 -3.35 6.68 17.49
C LYS A 12 -2.92 5.67 16.43
N CYS A 13 -2.09 6.13 15.49
CA CYS A 13 -1.60 5.28 14.42
C CYS A 13 -0.98 4.00 14.99
N LYS A 14 -1.57 2.86 14.67
CA LYS A 14 -1.07 1.58 15.14
C LYS A 14 -0.19 0.91 14.09
N PRO A 15 0.73 0.06 14.55
CA PRO A 15 1.65 -0.67 13.66
C PRO A 15 0.93 -1.73 12.84
N MET A 16 1.58 -2.16 11.76
CA MET A 16 1.01 -3.18 10.89
C MET A 16 2.00 -4.32 10.65
N SER A 17 1.72 -5.47 11.27
CA SER A 17 2.59 -6.64 11.14
C SER A 17 2.53 -7.20 9.72
N TYR A 18 3.44 -8.13 9.42
CA TYR A 18 3.49 -8.74 8.11
C TYR A 18 2.25 -9.60 7.86
N GLU A 19 1.66 -10.10 8.93
CA GLU A 19 0.47 -10.95 8.83
C GLU A 19 -0.66 -10.20 8.13
N GLU A 20 -1.10 -9.11 8.73
CA GLU A 20 -2.18 -8.30 8.17
C GLU A 20 -1.77 -7.70 6.83
N LYS A 21 -0.47 -7.57 6.62
CA LYS A 21 0.06 -7.01 5.38
C LYS A 21 -0.06 -8.03 4.24
N ARG A 22 0.39 -9.25 4.49
CA ARG A 22 0.34 -10.31 3.49
C ARG A 22 -1.06 -10.43 2.90
N GLN A 23 -2.07 -10.14 3.71
CA GLN A 23 -3.46 -10.21 3.27
C GLN A 23 -3.80 -9.03 2.37
N LEU A 24 -3.45 -7.83 2.81
CA LEU A 24 -3.73 -6.62 2.04
C LEU A 24 -3.09 -6.71 0.65
N SER A 25 -1.88 -7.25 0.59
CA SER A 25 -1.17 -7.39 -0.67
C SER A 25 -1.98 -8.22 -1.67
N LEU A 26 -2.52 -9.34 -1.19
CA LEU A 26 -3.31 -10.23 -2.02
C LEU A 26 -4.67 -9.62 -2.33
N ASP A 27 -5.36 -9.18 -1.29
CA ASP A 27 -6.67 -8.57 -1.45
C ASP A 27 -6.64 -7.46 -2.49
N ILE A 28 -5.70 -6.53 -2.33
CA ILE A 28 -5.56 -5.42 -3.27
C ILE A 28 -5.09 -5.90 -4.64
N ASN A 29 -4.28 -6.95 -4.64
CA ASN A 29 -3.76 -7.51 -5.87
C ASN A 29 -4.89 -8.10 -6.73
N LYS A 30 -5.87 -8.68 -6.06
CA LYS A 30 -7.02 -9.27 -6.75
C LYS A 30 -7.94 -8.19 -7.29
N LEU A 31 -7.96 -7.04 -6.63
CA LEU A 31 -8.80 -5.92 -7.05
C LEU A 31 -8.41 -5.43 -8.45
N PRO A 32 -9.33 -4.73 -9.11
CA PRO A 32 -9.10 -4.20 -10.45
C PRO A 32 -8.08 -3.06 -10.46
N GLY A 33 -7.58 -2.73 -11.65
CA GLY A 33 -6.60 -1.66 -11.77
C GLY A 33 -7.04 -0.39 -11.08
N GLU A 34 -8.33 -0.06 -11.22
CA GLU A 34 -8.87 1.15 -10.61
C GLU A 34 -8.49 1.23 -9.14
N LYS A 35 -8.50 0.09 -8.46
CA LYS A 35 -8.15 0.03 -7.05
C LYS A 35 -6.66 0.26 -6.84
N LEU A 36 -5.85 -0.30 -7.75
CA LEU A 36 -4.40 -0.15 -7.67
C LEU A 36 -3.99 1.32 -7.72
N GLY A 37 -4.25 1.95 -8.86
CA GLY A 37 -3.90 3.36 -9.02
C GLY A 37 -4.27 4.19 -7.81
N ARG A 38 -5.38 3.83 -7.17
CA ARG A 38 -5.85 4.56 -5.99
C ARG A 38 -4.98 4.22 -4.78
N VAL A 39 -4.80 2.93 -4.53
CA VAL A 39 -3.98 2.48 -3.39
C VAL A 39 -2.52 2.81 -3.61
N VAL A 40 -1.94 2.30 -4.69
CA VAL A 40 -0.54 2.55 -5.01
C VAL A 40 -0.19 4.03 -4.87
N HIS A 41 -1.17 4.88 -5.16
CA HIS A 41 -0.97 6.33 -5.06
C HIS A 41 -0.77 6.75 -3.61
N ILE A 42 -1.58 6.19 -2.71
CA ILE A 42 -1.49 6.51 -1.29
C ILE A 42 -0.07 6.31 -0.78
N ILE A 43 0.49 5.14 -1.05
CA ILE A 43 1.85 4.82 -0.62
C ILE A 43 2.83 5.92 -1.01
N GLN A 44 3.03 6.08 -2.30
CA GLN A 44 3.95 7.10 -2.81
C GLN A 44 3.61 8.47 -2.24
N SER A 45 2.35 8.65 -1.86
CA SER A 45 1.89 9.93 -1.30
C SER A 45 2.55 10.19 0.04
N ARG A 46 2.84 9.12 0.78
CA ARG A 46 3.47 9.24 2.09
C ARG A 46 4.77 8.45 2.13
N GLU A 47 5.29 8.10 0.95
CA GLU A 47 6.54 7.35 0.86
C GLU A 47 7.72 8.27 0.59
N PRO A 48 8.64 8.34 1.56
CA PRO A 48 9.84 9.19 1.45
C PRO A 48 10.82 8.68 0.41
N SER A 49 10.91 7.35 0.29
CA SER A 49 11.82 6.74 -0.67
C SER A 49 11.33 6.95 -2.10
N LEU A 50 10.01 7.04 -2.26
CA LEU A 50 9.41 7.24 -3.58
C LEU A 50 9.55 8.70 -4.01
N LYS A 51 10.79 9.15 -4.16
CA LYS A 51 11.06 10.52 -4.58
C LYS A 51 11.27 10.60 -6.08
N ASN A 52 10.52 9.79 -6.82
CA ASN A 52 10.64 9.76 -8.28
C ASN A 52 9.43 10.43 -8.93
N SER A 53 9.68 11.14 -10.02
CA SER A 53 8.61 11.84 -10.73
C SER A 53 7.97 10.92 -11.77
N ASN A 54 8.33 9.65 -11.73
CA ASN A 54 7.79 8.67 -12.67
C ASN A 54 6.76 7.77 -11.98
N PRO A 55 5.48 8.10 -12.14
CA PRO A 55 4.38 7.33 -11.54
C PRO A 55 4.21 5.97 -12.20
N ASP A 56 4.90 5.75 -13.31
CA ASP A 56 4.83 4.48 -14.02
C ASP A 56 5.67 3.42 -13.32
N GLU A 57 6.32 3.80 -12.22
CA GLU A 57 7.14 2.88 -11.47
C GLU A 57 7.08 3.18 -9.98
N ILE A 58 6.54 2.23 -9.21
CA ILE A 58 6.42 2.39 -7.77
C ILE A 58 6.96 1.18 -7.03
N GLU A 59 7.63 1.43 -5.91
CA GLU A 59 8.21 0.36 -5.10
C GLU A 59 7.65 0.38 -3.68
N ILE A 60 6.65 -0.46 -3.43
CA ILE A 60 6.02 -0.55 -2.12
C ILE A 60 6.80 -1.49 -1.21
N ASP A 61 7.45 -0.93 -0.20
CA ASP A 61 8.22 -1.73 0.75
C ASP A 61 7.82 -1.40 2.18
N PHE A 62 7.04 -2.27 2.79
CA PHE A 62 6.59 -2.08 4.17
C PHE A 62 7.78 -2.02 5.12
N GLU A 63 8.87 -2.68 4.75
CA GLU A 63 10.06 -2.72 5.57
C GLU A 63 10.48 -1.30 5.98
N THR A 64 10.19 -0.34 5.12
CA THR A 64 10.53 1.06 5.37
C THR A 64 9.28 1.93 5.48
N LEU A 65 8.21 1.49 4.82
CA LEU A 65 6.95 2.23 4.84
C LEU A 65 6.46 2.41 6.28
N LYS A 66 5.67 3.47 6.49
CA LYS A 66 5.13 3.77 7.81
C LYS A 66 3.80 3.05 8.02
N PRO A 67 3.40 2.91 9.29
CA PRO A 67 2.14 2.24 9.66
C PRO A 67 0.92 3.06 9.25
N SER A 68 1.04 4.38 9.34
CA SER A 68 -0.06 5.28 8.99
C SER A 68 -0.55 5.00 7.57
N THR A 69 0.39 4.93 6.63
CA THR A 69 0.05 4.68 5.24
C THR A 69 -0.44 3.26 5.05
N LEU A 70 0.28 2.29 5.61
CA LEU A 70 -0.09 0.89 5.49
C LEU A 70 -1.55 0.69 5.89
N ARG A 71 -1.92 1.19 7.05
CA ARG A 71 -3.28 1.07 7.55
C ARG A 71 -4.27 1.82 6.64
N GLU A 72 -3.81 2.95 6.11
CA GLU A 72 -4.64 3.77 5.23
C GLU A 72 -5.19 2.94 4.06
N LEU A 73 -4.33 2.09 3.50
CA LEU A 73 -4.73 1.24 2.38
C LEU A 73 -5.80 0.26 2.80
N GLU A 74 -5.57 -0.44 3.91
CA GLU A 74 -6.52 -1.42 4.43
C GLU A 74 -7.90 -0.80 4.59
N ARG A 75 -7.92 0.49 4.89
CA ARG A 75 -9.18 1.21 5.08
C ARG A 75 -9.90 1.43 3.74
N TYR A 76 -9.11 1.56 2.68
CA TYR A 76 -9.66 1.77 1.34
C TYR A 76 -10.14 0.44 0.74
N VAL A 77 -9.41 -0.62 1.02
CA VAL A 77 -9.76 -1.95 0.51
C VAL A 77 -10.91 -2.55 1.30
N THR A 78 -10.90 -2.31 2.61
CA THR A 78 -11.95 -2.84 3.49
C THR A 78 -13.31 -2.23 3.16
N SER A 79 -13.29 -0.97 2.73
CA SER A 79 -14.53 -0.27 2.39
C SER A 79 -15.09 -0.79 1.07
N CYS A 80 -14.21 -1.13 0.15
CA CYS A 80 -14.62 -1.63 -1.16
C CYS A 80 -15.02 -3.10 -1.07
N LEU A 81 -14.15 -3.91 -0.48
CA LEU A 81 -14.39 -5.34 -0.34
C LEU A 81 -15.47 -5.59 0.70
N ARG A 82 -15.59 -4.69 1.67
CA ARG A 82 -16.59 -4.82 2.72
C ARG A 82 -16.44 -6.14 3.46
N LYS A 83 -15.43 -6.21 4.34
CA LYS A 83 -15.18 -7.43 5.10
C LYS A 83 -15.26 -7.15 6.59
N LYS A 84 -14.25 -6.45 7.12
CA LYS A 84 -14.21 -6.11 8.54
C LYS A 84 -14.25 -4.60 8.74
N THR B 1 -2.69 -0.57 -18.39
CA THR B 1 -3.12 -0.45 -17.00
C THR B 1 -1.95 -0.71 -16.04
N TRP B 2 -2.26 -0.77 -14.75
CA TRP B 2 -1.24 -1.02 -13.74
C TRP B 2 -0.97 -2.51 -13.58
N ARG B 3 0.13 -2.84 -12.92
CA ARG B 3 0.49 -4.24 -12.70
C ARG B 3 1.13 -4.42 -11.32
N VAL B 4 1.34 -5.68 -10.93
CA VAL B 4 1.95 -5.98 -9.65
C VAL B 4 3.03 -7.05 -9.79
N GLN B 5 4.04 -6.97 -8.93
CA GLN B 5 5.14 -7.92 -8.97
C GLN B 5 5.96 -7.86 -7.68
N ARG B 6 5.62 -8.73 -6.72
CA ARG B 6 6.31 -8.77 -5.45
C ARG B 6 7.81 -8.96 -5.64
N SER B 7 8.56 -8.92 -4.55
CA SER B 7 10.01 -9.08 -4.61
C SER B 7 10.50 -10.03 -3.51
N GLN B 8 11.81 -10.08 -3.33
CA GLN B 8 12.41 -10.95 -2.32
C GLN B 8 12.04 -10.48 -0.92
N ASN B 9 11.79 -9.18 -0.79
CA ASN B 9 11.42 -8.60 0.50
C ASN B 9 10.35 -9.43 1.19
N PRO B 10 10.18 -9.21 2.51
CA PRO B 10 9.18 -9.92 3.30
C PRO B 10 7.75 -9.53 2.95
N LEU B 11 7.61 -8.36 2.33
CA LEU B 11 6.29 -7.85 1.93
C LEU B 11 6.42 -6.59 1.10
N LYS B 12 7.14 -6.70 -0.02
CA LYS B 12 7.34 -5.57 -0.91
C LYS B 12 6.58 -5.77 -2.22
N ILE B 13 5.67 -4.85 -2.53
CA ILE B 13 4.88 -4.93 -3.75
C ILE B 13 5.32 -3.87 -4.75
N ARG B 14 5.83 -4.31 -5.90
CA ARG B 14 6.29 -3.40 -6.94
C ARG B 14 5.18 -3.16 -7.97
N LEU B 15 4.50 -2.04 -7.84
CA LEU B 15 3.42 -1.68 -8.75
C LEU B 15 3.90 -0.70 -9.81
N THR B 16 3.40 -0.85 -11.03
CA THR B 16 3.78 0.03 -12.13
C THR B 16 2.61 0.25 -13.08
N ARG B 17 2.49 1.47 -13.60
CA ARG B 17 1.42 1.82 -14.52
C ARG B 17 1.31 0.77 -15.63
N GLU A 6 -7.90 18.46 12.23
CA GLU A 6 -8.82 17.37 12.53
C GLU A 6 -8.33 16.05 11.92
N SER A 7 -7.63 15.27 12.74
CA SER A 7 -7.10 13.99 12.28
C SER A 7 -7.55 12.85 13.20
N GLU A 8 -6.98 12.81 14.39
CA GLU A 8 -7.31 11.78 15.37
C GLU A 8 -7.05 10.39 14.80
N GLU A 9 -5.84 10.19 14.30
CA GLU A 9 -5.45 8.91 13.72
C GLU A 9 -3.98 8.90 13.35
N GLU A 10 -3.51 10.00 12.77
CA GLU A 10 -2.11 10.12 12.36
C GLU A 10 -1.18 10.01 13.57
N ASP A 11 -1.62 10.56 14.69
CA ASP A 11 -0.83 10.52 15.91
C ASP A 11 -1.00 9.20 16.63
N LYS A 12 -2.19 8.63 16.56
CA LYS A 12 -2.49 7.36 17.21
C LYS A 12 -2.30 6.20 16.23
N CYS A 13 -1.56 6.46 15.15
CA CYS A 13 -1.30 5.44 14.15
C CYS A 13 -0.76 4.16 14.79
N LYS A 14 -1.47 3.05 14.59
CA LYS A 14 -1.06 1.77 15.15
C LYS A 14 -0.18 1.00 14.16
N PRO A 15 0.68 0.12 14.69
CA PRO A 15 1.58 -0.69 13.88
C PRO A 15 0.83 -1.76 13.07
N MET A 16 1.48 -2.27 12.04
CA MET A 16 0.88 -3.31 11.20
C MET A 16 1.79 -4.53 11.09
N SER A 17 1.22 -5.70 11.32
CA SER A 17 1.98 -6.94 11.25
C SER A 17 1.93 -7.54 9.85
N TYR A 18 2.85 -8.46 9.58
CA TYR A 18 2.91 -9.11 8.27
C TYR A 18 1.60 -9.83 7.96
N GLU A 19 0.88 -10.21 9.00
CA GLU A 19 -0.39 -10.90 8.84
C GLU A 19 -1.37 -10.07 8.03
N GLU A 20 -1.72 -8.89 8.56
CA GLU A 20 -2.65 -8.01 7.88
C GLU A 20 -2.06 -7.51 6.56
N LYS A 21 -0.75 -7.33 6.54
CA LYS A 21 -0.06 -6.86 5.33
C LYS A 21 -0.21 -7.87 4.20
N ARG A 22 0.10 -9.13 4.49
CA ARG A 22 0.00 -10.18 3.49
C ARG A 22 -1.38 -10.20 2.84
N GLN A 23 -2.38 -9.77 3.60
CA GLN A 23 -3.75 -9.73 3.10
C GLN A 23 -3.93 -8.62 2.07
N LEU A 24 -3.21 -7.53 2.27
CA LEU A 24 -3.29 -6.38 1.35
C LEU A 24 -2.68 -6.73 0.00
N SER A 25 -1.51 -7.34 0.03
CA SER A 25 -0.81 -7.73 -1.20
C SER A 25 -1.70 -8.61 -2.07
N LEU A 26 -2.37 -9.57 -1.44
CA LEU A 26 -3.26 -10.47 -2.15
C LEU A 26 -4.57 -9.79 -2.51
N ASP A 27 -5.27 -9.30 -1.50
CA ASP A 27 -6.54 -8.62 -1.70
C ASP A 27 -6.42 -7.54 -2.78
N ILE A 28 -5.57 -6.55 -2.53
CA ILE A 28 -5.35 -5.46 -3.48
C ILE A 28 -5.06 -6.00 -4.88
N ASN A 29 -4.31 -7.10 -4.93
CA ASN A 29 -3.96 -7.71 -6.21
C ASN A 29 -5.20 -8.28 -6.89
N LYS A 30 -6.13 -8.77 -6.10
CA LYS A 30 -7.38 -9.34 -6.63
C LYS A 30 -8.26 -8.25 -7.21
N LEU A 31 -8.16 -7.05 -6.66
CA LEU A 31 -8.96 -5.92 -7.12
C LEU A 31 -8.54 -5.50 -8.53
N PRO A 32 -9.42 -4.77 -9.22
CA PRO A 32 -9.18 -4.29 -10.58
C PRO A 32 -8.10 -3.20 -10.61
N GLY A 33 -7.58 -2.93 -11.80
CA GLY A 33 -6.56 -1.92 -11.96
C GLY A 33 -6.96 -0.59 -11.34
N GLU A 34 -8.16 -0.13 -11.65
CA GLU A 34 -8.66 1.13 -11.13
C GLU A 34 -8.49 1.19 -9.61
N LYS A 35 -8.72 0.07 -8.95
CA LYS A 35 -8.59 -0.01 -7.50
C LYS A 35 -7.13 0.11 -7.08
N LEU A 36 -6.25 -0.57 -7.81
CA LEU A 36 -4.82 -0.54 -7.52
C LEU A 36 -4.25 0.84 -7.76
N GLY A 37 -4.69 1.49 -8.83
CA GLY A 37 -4.22 2.82 -9.15
C GLY A 37 -4.33 3.78 -7.99
N ARG A 38 -5.43 3.68 -7.25
CA ARG A 38 -5.68 4.55 -6.11
C ARG A 38 -4.75 4.19 -4.94
N VAL A 39 -4.50 2.89 -4.79
CA VAL A 39 -3.64 2.40 -3.72
C VAL A 39 -2.22 2.91 -3.88
N VAL A 40 -1.61 2.63 -5.03
CA VAL A 40 -0.25 3.08 -5.31
C VAL A 40 -0.09 4.57 -5.05
N HIS A 41 -1.16 5.32 -5.33
CA HIS A 41 -1.14 6.76 -5.13
C HIS A 41 -0.94 7.11 -3.67
N ILE A 42 -1.49 6.27 -2.79
CA ILE A 42 -1.38 6.49 -1.35
C ILE A 42 0.08 6.38 -0.89
N ILE A 43 0.71 5.26 -1.23
CA ILE A 43 2.10 5.05 -0.85
C ILE A 43 3.00 6.18 -1.33
N GLN A 44 2.89 6.50 -2.62
CA GLN A 44 3.68 7.58 -3.20
C GLN A 44 3.28 8.93 -2.64
N SER A 45 2.13 8.96 -1.97
CA SER A 45 1.62 10.20 -1.38
C SER A 45 2.15 10.38 0.04
N ARG A 46 2.05 9.32 0.84
CA ARG A 46 2.51 9.37 2.22
C ARG A 46 4.02 9.19 2.29
N GLU A 47 4.57 8.46 1.33
CA GLU A 47 6.01 8.21 1.28
C GLU A 47 6.71 9.21 0.36
N PRO A 48 7.42 10.16 0.96
CA PRO A 48 8.15 11.19 0.20
C PRO A 48 9.35 10.63 -0.55
N SER A 49 10.09 9.76 0.12
CA SER A 49 11.27 9.15 -0.49
C SER A 49 10.91 8.48 -1.80
N LEU A 50 9.71 7.91 -1.88
CA LEU A 50 9.24 7.24 -3.09
C LEU A 50 8.52 8.22 -4.01
N LYS A 51 9.12 9.39 -4.21
CA LYS A 51 8.54 10.41 -5.08
C LYS A 51 8.94 10.17 -6.53
N ASN A 52 10.17 10.55 -6.86
CA ASN A 52 10.67 10.38 -8.23
C ASN A 52 9.81 11.15 -9.22
N SER A 53 10.29 11.23 -10.46
CA SER A 53 9.55 11.93 -11.51
C SER A 53 8.77 10.95 -12.39
N ASN A 54 8.77 9.69 -11.96
CA ASN A 54 8.06 8.65 -12.71
C ASN A 54 7.00 7.97 -11.84
N PRO A 55 5.78 8.50 -11.87
CA PRO A 55 4.66 7.97 -11.09
C PRO A 55 4.19 6.61 -11.60
N ASP A 56 4.72 6.20 -12.76
CA ASP A 56 4.35 4.93 -13.35
C ASP A 56 5.05 3.78 -12.65
N GLU A 57 5.91 4.11 -11.69
CA GLU A 57 6.66 3.10 -10.93
C GLU A 57 6.71 3.45 -9.45
N ILE A 58 6.45 2.46 -8.61
CA ILE A 58 6.46 2.67 -7.16
C ILE A 58 7.04 1.46 -6.45
N GLU A 59 7.78 1.71 -5.37
CA GLU A 59 8.38 0.64 -4.59
C GLU A 59 7.79 0.58 -3.18
N ILE A 60 6.84 -0.33 -2.99
CA ILE A 60 6.20 -0.49 -1.69
C ILE A 60 6.87 -1.59 -0.87
N ASP A 61 7.58 -1.19 0.17
CA ASP A 61 8.27 -2.13 1.04
C ASP A 61 7.88 -1.92 2.51
N PHE A 62 6.92 -2.71 2.98
CA PHE A 62 6.45 -2.61 4.36
C PHE A 62 7.61 -2.76 5.33
N GLU A 63 8.68 -3.42 4.88
CA GLU A 63 9.85 -3.63 5.72
C GLU A 63 10.40 -2.30 6.24
N THR A 64 10.25 -1.25 5.44
CA THR A 64 10.73 0.06 5.83
C THR A 64 9.59 1.07 5.89
N LEU A 65 8.52 0.80 5.15
CA LEU A 65 7.35 1.67 5.12
C LEU A 65 6.82 1.91 6.54
N LYS A 66 6.07 2.99 6.70
CA LYS A 66 5.49 3.32 8.00
C LYS A 66 4.12 2.67 8.18
N PRO A 67 3.65 2.60 9.43
CA PRO A 67 2.35 2.01 9.76
C PRO A 67 1.19 2.86 9.26
N SER A 68 1.40 4.17 9.23
CA SER A 68 0.35 5.09 8.79
C SER A 68 -0.06 4.80 7.35
N THR A 69 0.93 4.67 6.48
CA THR A 69 0.68 4.38 5.07
C THR A 69 0.19 2.95 4.88
N LEU A 70 0.71 2.03 5.69
CA LEU A 70 0.32 0.63 5.61
C LEU A 70 -1.18 0.47 5.78
N ARG A 71 -1.69 0.90 6.94
CA ARG A 71 -3.11 0.80 7.23
C ARG A 71 -3.93 1.56 6.20
N GLU A 72 -3.38 2.66 5.71
CA GLU A 72 -4.06 3.48 4.72
C GLU A 72 -4.56 2.63 3.55
N LEU A 73 -3.70 1.74 3.08
CA LEU A 73 -4.05 0.86 1.97
C LEU A 73 -5.14 -0.12 2.37
N GLU A 74 -5.03 -0.66 3.58
CA GLU A 74 -6.02 -1.61 4.09
C GLU A 74 -7.37 -0.95 4.26
N ARG A 75 -7.36 0.34 4.61
CA ARG A 75 -8.59 1.10 4.80
C ARG A 75 -9.34 1.26 3.48
N TYR A 76 -8.59 1.29 2.39
CA TYR A 76 -9.19 1.45 1.06
C TYR A 76 -9.74 0.12 0.55
N VAL A 77 -9.00 -0.95 0.77
CA VAL A 77 -9.41 -2.27 0.34
C VAL A 77 -10.52 -2.82 1.23
N THR A 78 -10.46 -2.50 2.51
CA THR A 78 -11.46 -2.96 3.47
C THR A 78 -12.80 -2.30 3.22
N SER A 79 -12.76 -1.06 2.73
CA SER A 79 -13.98 -0.31 2.45
C SER A 79 -14.72 -0.89 1.24
N CYS A 80 -13.95 -1.35 0.26
CA CYS A 80 -14.53 -1.93 -0.94
C CYS A 80 -14.87 -3.40 -0.73
N LEU A 81 -14.02 -4.11 -0.01
CA LEU A 81 -14.25 -5.53 0.27
C LEU A 81 -14.97 -5.71 1.60
N ARG A 82 -15.52 -4.62 2.13
CA ARG A 82 -16.24 -4.66 3.40
C ARG A 82 -17.30 -5.75 3.38
N LYS A 83 -17.02 -6.87 4.05
CA LYS A 83 -17.96 -7.98 4.11
C LYS A 83 -17.67 -8.87 5.32
N LYS A 84 -16.50 -9.49 5.32
CA LYS A 84 -16.09 -10.37 6.42
C LYS A 84 -15.11 -9.66 7.35
N THR B 1 -3.67 -1.68 -17.82
CA THR B 1 -3.92 -1.23 -16.46
C THR B 1 -2.66 -1.33 -15.61
N TRP B 2 -2.80 -0.99 -14.33
CA TRP B 2 -1.67 -1.05 -13.40
C TRP B 2 -1.28 -2.49 -13.12
N ARG B 3 -0.02 -2.68 -12.71
CA ARG B 3 0.48 -4.01 -12.40
C ARG B 3 1.28 -4.00 -11.09
N VAL B 4 1.67 -5.19 -10.63
CA VAL B 4 2.43 -5.32 -9.39
C VAL B 4 3.33 -6.54 -9.44
N GLN B 5 4.54 -6.40 -8.90
CA GLN B 5 5.51 -7.50 -8.87
C GLN B 5 6.17 -7.60 -7.50
N ARG B 6 5.85 -8.66 -6.77
CA ARG B 6 6.43 -8.88 -5.44
C ARG B 6 7.90 -9.24 -5.55
N SER B 7 8.59 -9.20 -4.41
CA SER B 7 10.01 -9.53 -4.36
C SER B 7 10.32 -10.47 -3.21
N GLN B 8 11.61 -10.75 -3.00
CA GLN B 8 12.04 -11.63 -1.93
C GLN B 8 11.61 -11.09 -0.58
N ASN B 9 11.43 -9.78 -0.50
CA ASN B 9 11.01 -9.14 0.75
C ASN B 9 9.86 -9.89 1.40
N PRO B 10 9.62 -9.62 2.69
CA PRO B 10 8.54 -10.27 3.45
C PRO B 10 7.16 -9.82 3.00
N LEU B 11 7.12 -8.68 2.30
CA LEU B 11 5.86 -8.14 1.81
C LEU B 11 6.09 -6.85 1.04
N LYS B 12 6.87 -6.93 -0.03
CA LYS B 12 7.17 -5.77 -0.86
C LYS B 12 6.53 -5.90 -2.24
N ILE B 13 5.56 -5.05 -2.52
CA ILE B 13 4.86 -5.07 -3.81
C ILE B 13 5.19 -3.82 -4.62
N ARG B 14 5.85 -4.02 -5.76
CA ARG B 14 6.21 -2.91 -6.63
C ARG B 14 5.09 -2.60 -7.62
N LEU B 15 4.33 -1.54 -7.33
CA LEU B 15 3.23 -1.14 -8.19
C LEU B 15 3.71 -0.24 -9.33
N THR B 16 3.21 -0.51 -10.53
CA THR B 16 3.60 0.27 -11.70
C THR B 16 2.44 0.40 -12.69
N ARG B 17 2.35 1.55 -13.35
CA ARG B 17 1.28 1.79 -14.32
C ARG B 17 1.19 0.64 -15.32
N GLU A 6 -6.87 17.14 18.16
CA GLU A 6 -8.01 16.40 17.62
C GLU A 6 -7.62 15.70 16.32
N SER A 7 -7.41 14.39 16.39
CA SER A 7 -7.04 13.61 15.22
C SER A 7 -8.08 12.53 14.94
N GLU A 8 -8.13 11.51 15.81
CA GLU A 8 -9.06 10.42 15.66
C GLU A 8 -8.81 9.65 14.36
N GLU A 9 -7.53 9.45 14.05
CA GLU A 9 -7.16 8.73 12.84
C GLU A 9 -5.65 8.51 12.79
N GLU A 10 -4.88 9.58 12.91
CA GLU A 10 -3.43 9.49 12.89
C GLU A 10 -2.88 9.28 14.29
N ASP A 11 -3.51 9.89 15.27
CA ASP A 11 -3.09 9.78 16.66
C ASP A 11 -3.12 8.31 17.11
N LYS A 12 -4.06 7.56 16.58
CA LYS A 12 -4.20 6.15 16.92
C LYS A 12 -3.45 5.27 15.93
N CYS A 13 -2.51 5.86 15.21
CA CYS A 13 -1.73 5.13 14.23
C CYS A 13 -1.10 3.88 14.84
N LYS A 14 -1.66 2.73 14.50
CA LYS A 14 -1.16 1.46 15.02
C LYS A 14 -0.18 0.82 14.03
N PRO A 15 0.75 0.00 14.57
CA PRO A 15 1.75 -0.69 13.76
C PRO A 15 1.13 -1.79 12.90
N MET A 16 1.73 -2.02 11.73
CA MET A 16 1.24 -3.05 10.82
C MET A 16 2.25 -4.20 10.70
N SER A 17 1.77 -5.43 10.88
CA SER A 17 2.62 -6.60 10.80
C SER A 17 2.53 -7.25 9.42
N TYR A 18 3.29 -8.32 9.23
CA TYR A 18 3.30 -9.03 7.95
C TYR A 18 1.98 -9.77 7.74
N GLU A 19 1.32 -10.12 8.84
CA GLU A 19 0.06 -10.83 8.77
C GLU A 19 -0.98 -10.03 8.00
N GLU A 20 -1.22 -8.80 8.44
CA GLU A 20 -2.19 -7.92 7.78
C GLU A 20 -1.67 -7.46 6.43
N LYS A 21 -0.36 -7.41 6.29
CA LYS A 21 0.27 -6.99 5.04
C LYS A 21 0.08 -8.03 3.95
N ARG A 22 0.58 -9.24 4.21
CA ARG A 22 0.47 -10.32 3.24
C ARG A 22 -0.96 -10.45 2.71
N GLN A 23 -1.93 -10.14 3.57
CA GLN A 23 -3.33 -10.21 3.19
C GLN A 23 -3.70 -9.08 2.24
N LEU A 24 -3.23 -7.87 2.56
CA LEU A 24 -3.51 -6.71 1.73
C LEU A 24 -2.81 -6.81 0.38
N SER A 25 -1.54 -7.20 0.41
CA SER A 25 -0.76 -7.35 -0.82
C SER A 25 -1.50 -8.20 -1.84
N LEU A 26 -2.12 -9.27 -1.37
CA LEU A 26 -2.87 -10.17 -2.24
C LEU A 26 -4.25 -9.60 -2.56
N ASP A 27 -4.95 -9.14 -1.53
CA ASP A 27 -6.28 -8.56 -1.71
C ASP A 27 -6.27 -7.48 -2.79
N ILE A 28 -5.36 -6.52 -2.64
CA ILE A 28 -5.25 -5.42 -3.60
C ILE A 28 -4.81 -5.95 -4.97
N ASN A 29 -3.95 -6.96 -4.97
CA ASN A 29 -3.46 -7.55 -6.20
C ASN A 29 -4.60 -8.18 -7.00
N LYS A 30 -5.50 -8.87 -6.29
CA LYS A 30 -6.64 -9.51 -6.93
C LYS A 30 -7.66 -8.48 -7.40
N LEU A 31 -7.71 -7.34 -6.71
CA LEU A 31 -8.64 -6.27 -7.06
C LEU A 31 -8.28 -5.65 -8.40
N PRO A 32 -9.24 -4.93 -8.99
CA PRO A 32 -9.05 -4.27 -10.29
C PRO A 32 -8.08 -3.09 -10.19
N GLY A 33 -7.58 -2.65 -11.34
CA GLY A 33 -6.65 -1.53 -11.37
C GLY A 33 -7.18 -0.32 -10.61
N GLU A 34 -8.45 -0.02 -10.81
CA GLU A 34 -9.08 1.11 -10.13
C GLU A 34 -8.78 1.10 -8.64
N LYS A 35 -8.78 -0.10 -8.06
CA LYS A 35 -8.50 -0.26 -6.64
C LYS A 35 -7.04 0.01 -6.33
N LEU A 36 -6.15 -0.53 -7.15
CA LEU A 36 -4.71 -0.34 -6.97
C LEU A 36 -4.32 1.12 -7.17
N GLY A 37 -4.57 1.63 -8.36
CA GLY A 37 -4.25 3.03 -8.66
C GLY A 37 -4.57 3.95 -7.50
N ARG A 38 -5.68 3.68 -6.82
CA ARG A 38 -6.10 4.51 -5.69
C ARG A 38 -5.22 4.25 -4.47
N VAL A 39 -5.03 2.98 -4.14
CA VAL A 39 -4.20 2.60 -3.00
C VAL A 39 -2.74 2.94 -3.25
N VAL A 40 -2.19 2.41 -4.34
CA VAL A 40 -0.79 2.67 -4.69
C VAL A 40 -0.47 4.15 -4.60
N HIS A 41 -1.46 4.99 -4.86
CA HIS A 41 -1.29 6.44 -4.81
C HIS A 41 -1.10 6.91 -3.37
N ILE A 42 -1.87 6.32 -2.47
CA ILE A 42 -1.80 6.69 -1.06
C ILE A 42 -0.38 6.55 -0.53
N ILE A 43 0.33 5.53 -1.00
CA ILE A 43 1.70 5.29 -0.58
C ILE A 43 2.64 6.40 -1.04
N GLN A 44 2.77 6.55 -2.37
CA GLN A 44 3.63 7.58 -2.94
C GLN A 44 3.30 8.94 -2.35
N SER A 45 2.07 9.10 -1.87
CA SER A 45 1.63 10.35 -1.28
C SER A 45 2.33 10.61 0.05
N ARG A 46 2.51 9.55 0.83
CA ARG A 46 3.16 9.66 2.13
C ARG A 46 4.49 8.90 2.14
N GLU A 47 4.99 8.59 0.95
CA GLU A 47 6.25 7.86 0.82
C GLU A 47 7.34 8.75 0.26
N PRO A 48 8.19 9.27 1.17
CA PRO A 48 9.31 10.16 0.79
C PRO A 48 10.40 9.41 0.04
N SER A 49 10.58 8.14 0.37
CA SER A 49 11.61 7.32 -0.28
C SER A 49 11.35 7.22 -1.78
N LEU A 50 10.08 7.27 -2.16
CA LEU A 50 9.70 7.18 -3.56
C LEU A 50 10.51 8.14 -4.42
N LYS A 51 11.49 7.60 -5.13
CA LYS A 51 12.35 8.41 -5.99
C LYS A 51 12.19 8.00 -7.46
N ASN A 52 10.98 7.62 -7.83
CA ASN A 52 10.69 7.21 -9.20
C ASN A 52 10.42 8.42 -10.09
N SER A 53 11.25 8.60 -11.11
CA SER A 53 11.10 9.71 -12.03
C SER A 53 9.73 9.71 -12.69
N ASN A 54 9.19 8.51 -12.91
CA ASN A 54 7.88 8.35 -13.53
C ASN A 54 6.88 7.76 -12.54
N PRO A 55 5.66 8.33 -12.52
CA PRO A 55 4.59 7.87 -11.64
C PRO A 55 4.06 6.50 -12.03
N ASP A 56 4.35 6.08 -13.25
CA ASP A 56 3.90 4.78 -13.75
C ASP A 56 4.65 3.65 -13.05
N GLU A 57 5.63 4.00 -12.23
CA GLU A 57 6.42 3.02 -11.51
C GLU A 57 6.46 3.34 -10.01
N ILE A 58 6.16 2.33 -9.19
CA ILE A 58 6.17 2.50 -7.74
C ILE A 58 6.71 1.27 -7.04
N GLU A 59 7.42 1.49 -5.95
CA GLU A 59 8.00 0.38 -5.18
C GLU A 59 7.53 0.42 -3.74
N ILE A 60 6.54 -0.41 -3.42
CA ILE A 60 6.00 -0.47 -2.07
C ILE A 60 6.73 -1.52 -1.24
N ASP A 61 7.37 -1.07 -0.16
CA ASP A 61 8.10 -1.97 0.72
C ASP A 61 7.73 -1.72 2.18
N PHE A 62 6.82 -2.54 2.71
CA PHE A 62 6.38 -2.41 4.09
C PHE A 62 7.56 -2.52 5.05
N GLU A 63 8.59 -3.24 4.64
CA GLU A 63 9.77 -3.42 5.46
C GLU A 63 10.30 -2.08 5.96
N THR A 64 10.10 -1.03 5.16
CA THR A 64 10.56 0.29 5.51
C THR A 64 9.39 1.27 5.62
N LEU A 65 8.30 0.97 4.91
CA LEU A 65 7.11 1.81 4.93
C LEU A 65 6.61 2.02 6.36
N LYS A 66 5.92 3.13 6.58
CA LYS A 66 5.38 3.44 7.91
C LYS A 66 3.99 2.84 8.08
N PRO A 67 3.56 2.69 9.34
CA PRO A 67 2.24 2.14 9.66
C PRO A 67 1.10 3.08 9.29
N SER A 68 1.33 4.37 9.45
CA SER A 68 0.32 5.38 9.13
C SER A 68 -0.21 5.18 7.71
N THR A 69 0.72 5.05 6.76
CA THR A 69 0.35 4.85 5.36
C THR A 69 -0.14 3.43 5.11
N LEU A 70 0.60 2.45 5.61
CA LEU A 70 0.24 1.05 5.44
C LEU A 70 -1.20 0.81 5.88
N ARG A 71 -1.50 1.15 7.14
CA ARG A 71 -2.85 0.97 7.67
C ARG A 71 -3.87 1.73 6.84
N GLU A 72 -3.48 2.89 6.34
CA GLU A 72 -4.37 3.72 5.53
C GLU A 72 -4.87 2.93 4.31
N LEU A 73 -4.02 2.05 3.79
CA LEU A 73 -4.38 1.24 2.63
C LEU A 73 -5.46 0.23 3.00
N GLU A 74 -5.19 -0.58 4.02
CA GLU A 74 -6.13 -1.58 4.47
C GLU A 74 -7.51 -0.99 4.69
N ARG A 75 -7.55 0.29 5.06
CA ARG A 75 -8.81 0.98 5.31
C ARG A 75 -9.53 1.28 4.00
N TYR A 76 -8.75 1.58 2.96
CA TYR A 76 -9.32 1.90 1.66
C TYR A 76 -9.70 0.63 0.91
N VAL A 77 -8.77 -0.33 0.85
CA VAL A 77 -9.02 -1.59 0.18
C VAL A 77 -10.29 -2.25 0.68
N THR A 78 -10.59 -2.05 1.96
CA THR A 78 -11.78 -2.63 2.57
C THR A 78 -13.04 -1.92 2.08
N SER A 79 -13.00 -0.59 2.06
CA SER A 79 -14.14 0.21 1.62
C SER A 79 -14.45 -0.05 0.14
N CYS A 80 -13.41 -0.32 -0.64
CA CYS A 80 -13.57 -0.59 -2.06
C CYS A 80 -13.96 -2.06 -2.29
N LEU A 81 -13.28 -2.95 -1.59
CA LEU A 81 -13.55 -4.38 -1.73
C LEU A 81 -14.94 -4.73 -1.18
N ARG A 82 -15.40 -3.95 -0.21
CA ARG A 82 -16.70 -4.18 0.40
C ARG A 82 -17.56 -2.93 0.31
N LYS A 83 -17.27 -1.95 1.15
CA LYS A 83 -18.01 -0.70 1.17
C LYS A 83 -17.46 0.26 2.23
N LYS A 84 -17.28 -0.26 3.44
CA LYS A 84 -16.76 0.54 4.54
C LYS A 84 -15.28 0.24 4.77
N THR B 1 -3.76 -0.85 -17.32
CA THR B 1 -4.05 -0.85 -15.89
C THR B 1 -2.77 -0.99 -15.06
N TRP B 2 -2.93 -1.09 -13.75
CA TRP B 2 -1.79 -1.23 -12.85
C TRP B 2 -1.50 -2.70 -12.58
N ARG B 3 -0.25 -2.99 -12.23
CA ARG B 3 0.15 -4.36 -11.94
C ARG B 3 0.84 -4.45 -10.58
N VAL B 4 1.26 -5.66 -10.21
CA VAL B 4 1.93 -5.88 -8.93
C VAL B 4 2.97 -6.99 -9.05
N GLN B 5 4.17 -6.71 -8.56
CA GLN B 5 5.26 -7.69 -8.60
C GLN B 5 6.03 -7.71 -7.29
N ARG B 6 5.89 -8.80 -6.54
CA ARG B 6 6.57 -8.94 -5.25
C ARG B 6 8.07 -9.06 -5.45
N SER B 7 8.82 -8.94 -4.36
CA SER B 7 10.27 -9.04 -4.41
C SER B 7 10.80 -9.91 -3.27
N GLN B 8 12.12 -9.93 -3.11
CA GLN B 8 12.76 -10.73 -2.06
C GLN B 8 12.28 -10.28 -0.69
N ASN B 9 11.95 -9.01 -0.57
CA ASN B 9 11.48 -8.46 0.70
C ASN B 9 10.40 -9.35 1.31
N PRO B 10 10.13 -9.13 2.62
CA PRO B 10 9.13 -9.91 3.35
C PRO B 10 7.71 -9.58 2.89
N LEU B 11 7.55 -8.48 2.19
CA LEU B 11 6.24 -8.06 1.69
C LEU B 11 6.35 -6.76 0.89
N LYS B 12 7.15 -6.79 -0.17
CA LYS B 12 7.35 -5.62 -1.03
C LYS B 12 6.71 -5.84 -2.39
N ILE B 13 5.54 -5.24 -2.59
CA ILE B 13 4.83 -5.37 -3.85
C ILE B 13 5.10 -4.16 -4.76
N ARG B 14 5.76 -4.41 -5.89
CA ARG B 14 6.08 -3.35 -6.83
C ARG B 14 4.90 -3.07 -7.74
N LEU B 15 4.24 -1.94 -7.53
CA LEU B 15 3.09 -1.54 -8.34
C LEU B 15 3.50 -0.58 -9.44
N THR B 16 2.94 -0.78 -10.63
CA THR B 16 3.26 0.08 -11.77
C THR B 16 2.04 0.23 -12.68
N ARG B 17 1.88 1.43 -13.25
CA ARG B 17 0.76 1.71 -14.13
C ARG B 17 0.58 0.58 -15.14
N GLU A 6 1.02 18.62 20.73
CA GLU A 6 0.16 17.45 20.82
C GLU A 6 0.02 16.76 19.47
N SER A 7 -0.36 15.49 19.50
CA SER A 7 -0.52 14.71 18.28
C SER A 7 -1.91 14.07 18.22
N GLU A 8 -2.12 13.04 19.04
CA GLU A 8 -3.40 12.34 19.08
C GLU A 8 -3.81 11.88 17.68
N GLU A 9 -2.87 11.31 16.96
CA GLU A 9 -3.13 10.82 15.60
C GLU A 9 -1.88 10.17 15.01
N GLU A 10 -0.89 10.99 14.68
CA GLU A 10 0.35 10.50 14.10
C GLU A 10 0.96 9.41 14.97
N ASP A 11 0.83 9.56 16.28
CA ASP A 11 1.37 8.61 17.23
C ASP A 11 0.31 7.57 17.61
N LYS A 12 -0.95 7.95 17.50
CA LYS A 12 -2.06 7.05 17.83
C LYS A 12 -2.08 5.86 16.88
N CYS A 13 -1.63 6.07 15.65
CA CYS A 13 -1.61 5.01 14.65
C CYS A 13 -0.97 3.75 15.22
N LYS A 14 -1.57 2.60 14.91
CA LYS A 14 -1.07 1.32 15.38
C LYS A 14 -0.25 0.62 14.30
N PRO A 15 0.70 -0.23 14.74
CA PRO A 15 1.57 -0.97 13.82
C PRO A 15 0.80 -2.05 13.04
N MET A 16 1.40 -2.51 11.95
CA MET A 16 0.78 -3.53 11.12
C MET A 16 1.74 -4.70 10.89
N SER A 17 1.47 -5.82 11.54
CA SER A 17 2.30 -7.00 11.42
C SER A 17 2.31 -7.52 9.98
N TYR A 18 3.27 -8.38 9.68
CA TYR A 18 3.39 -8.94 8.33
C TYR A 18 2.06 -9.53 7.87
N GLU A 19 1.31 -10.10 8.80
CA GLU A 19 0.02 -10.69 8.48
C GLU A 19 -0.92 -9.66 7.87
N GLU A 20 -1.08 -8.53 8.56
CA GLU A 20 -1.95 -7.47 8.09
C GLU A 20 -1.60 -7.07 6.66
N LYS A 21 -0.38 -6.58 6.47
CA LYS A 21 0.09 -6.16 5.15
C LYS A 21 -0.01 -7.31 4.15
N ARG A 22 0.32 -8.51 4.60
CA ARG A 22 0.25 -9.69 3.75
C ARG A 22 -1.11 -9.80 3.06
N GLN A 23 -2.16 -9.48 3.80
CA GLN A 23 -3.52 -9.54 3.26
C GLN A 23 -3.72 -8.48 2.18
N LEU A 24 -3.02 -7.36 2.31
CA LEU A 24 -3.12 -6.28 1.35
C LEU A 24 -2.64 -6.72 -0.03
N SER A 25 -1.45 -7.31 -0.08
CA SER A 25 -0.88 -7.78 -1.33
C SER A 25 -1.86 -8.69 -2.06
N LEU A 26 -2.48 -9.61 -1.33
CA LEU A 26 -3.44 -10.53 -1.92
C LEU A 26 -4.75 -9.83 -2.24
N ASP A 27 -5.39 -9.28 -1.20
CA ASP A 27 -6.66 -8.58 -1.38
C ASP A 27 -6.56 -7.57 -2.52
N ILE A 28 -5.67 -6.60 -2.38
CA ILE A 28 -5.48 -5.57 -3.39
C ILE A 28 -5.33 -6.20 -4.78
N ASN A 29 -4.64 -7.34 -4.83
CA ASN A 29 -4.41 -8.03 -6.09
C ASN A 29 -5.72 -8.60 -6.65
N LYS A 30 -6.59 -9.04 -5.75
CA LYS A 30 -7.88 -9.60 -6.14
C LYS A 30 -8.79 -8.51 -6.71
N LEU A 31 -8.61 -7.29 -6.24
CA LEU A 31 -9.42 -6.16 -6.70
C LEU A 31 -8.99 -5.72 -8.10
N PRO A 32 -9.88 -5.00 -8.78
CA PRO A 32 -9.62 -4.49 -10.13
C PRO A 32 -8.56 -3.40 -10.16
N GLY A 33 -8.03 -3.12 -11.34
CA GLY A 33 -7.02 -2.09 -11.47
C GLY A 33 -7.43 -0.77 -10.83
N GLU A 34 -8.69 -0.40 -11.05
CA GLU A 34 -9.21 0.84 -10.49
C GLU A 34 -8.90 0.95 -9.00
N LYS A 35 -8.98 -0.17 -8.30
CA LYS A 35 -8.70 -0.22 -6.87
C LYS A 35 -7.21 -0.03 -6.59
N LEU A 36 -6.39 -0.79 -7.29
CA LEU A 36 -4.94 -0.72 -7.13
C LEU A 36 -4.44 0.69 -7.43
N GLY A 37 -4.91 1.25 -8.54
CA GLY A 37 -4.49 2.59 -8.92
C GLY A 37 -4.62 3.59 -7.78
N ARG A 38 -5.73 3.50 -7.04
CA ARG A 38 -5.97 4.40 -5.92
C ARG A 38 -5.00 4.11 -4.77
N VAL A 39 -4.66 2.84 -4.59
CA VAL A 39 -3.74 2.43 -3.53
C VAL A 39 -2.35 3.00 -3.77
N VAL A 40 -1.77 2.66 -4.91
CA VAL A 40 -0.43 3.14 -5.26
C VAL A 40 -0.33 4.65 -5.09
N HIS A 41 -1.45 5.35 -5.26
CA HIS A 41 -1.48 6.80 -5.12
C HIS A 41 -1.23 7.21 -3.67
N ILE A 42 -1.79 6.43 -2.74
CA ILE A 42 -1.63 6.72 -1.32
C ILE A 42 -0.18 6.52 -0.89
N ILE A 43 0.35 5.33 -1.11
CA ILE A 43 1.72 5.01 -0.75
C ILE A 43 2.68 6.08 -1.26
N GLN A 44 2.67 6.28 -2.58
CA GLN A 44 3.55 7.27 -3.20
C GLN A 44 3.31 8.66 -2.61
N SER A 45 2.13 8.84 -2.00
CA SER A 45 1.78 10.11 -1.40
C SER A 45 2.31 10.22 0.02
N ARG A 46 2.39 9.08 0.70
CA ARG A 46 2.88 9.04 2.07
C ARG A 46 4.25 8.37 2.13
N GLU A 47 4.91 8.26 0.99
CA GLU A 47 6.23 7.65 0.92
C GLU A 47 7.29 8.69 0.59
N PRO A 48 8.06 9.10 1.61
CA PRO A 48 9.13 10.08 1.45
C PRO A 48 10.32 9.54 0.66
N SER A 49 10.50 8.23 0.72
CA SER A 49 11.60 7.58 0.01
C SER A 49 11.36 7.60 -1.50
N LEU A 50 10.08 7.63 -1.89
CA LEU A 50 9.71 7.66 -3.29
C LEU A 50 10.52 8.70 -4.06
N LYS A 51 11.50 8.24 -4.83
CA LYS A 51 12.34 9.15 -5.62
C LYS A 51 12.52 8.62 -7.04
N ASN A 52 11.48 7.99 -7.57
CA ASN A 52 11.52 7.44 -8.92
C ASN A 52 11.58 8.56 -9.95
N SER A 53 11.92 8.20 -11.18
CA SER A 53 12.01 9.17 -12.27
C SER A 53 10.68 9.27 -13.01
N ASN A 54 9.97 8.16 -13.11
CA ASN A 54 8.68 8.13 -13.80
C ASN A 54 7.55 7.83 -12.82
N PRO A 55 6.44 8.58 -12.96
CA PRO A 55 5.26 8.41 -12.10
C PRO A 55 4.54 7.10 -12.36
N ASP A 56 4.97 6.39 -13.38
CA ASP A 56 4.36 5.10 -13.73
C ASP A 56 5.06 3.95 -13.02
N GLU A 57 5.75 4.27 -11.94
CA GLU A 57 6.47 3.26 -11.17
C GLU A 57 6.52 3.63 -9.69
N ILE A 58 6.28 2.64 -8.82
CA ILE A 58 6.29 2.87 -7.39
C ILE A 58 6.89 1.67 -6.65
N GLU A 59 7.62 1.94 -5.58
CA GLU A 59 8.24 0.88 -4.79
C GLU A 59 7.67 0.86 -3.36
N ILE A 60 6.71 -0.02 -3.14
CA ILE A 60 6.09 -0.14 -1.83
C ILE A 60 6.84 -1.14 -0.95
N ASP A 61 7.55 -0.62 0.06
CA ASP A 61 8.31 -1.47 0.96
C ASP A 61 7.85 -1.27 2.40
N PHE A 62 6.93 -2.12 2.85
CA PHE A 62 6.40 -2.03 4.21
C PHE A 62 7.52 -2.15 5.23
N GLU A 63 8.60 -2.82 4.84
CA GLU A 63 9.74 -3.01 5.73
C GLU A 63 10.22 -1.67 6.30
N THR A 64 10.05 -0.61 5.51
CA THR A 64 10.47 0.72 5.93
C THR A 64 9.27 1.66 6.01
N LEU A 65 8.23 1.36 5.24
CA LEU A 65 7.03 2.18 5.22
C LEU A 65 6.45 2.34 6.63
N LYS A 66 5.63 3.37 6.81
CA LYS A 66 5.00 3.62 8.11
C LYS A 66 3.69 2.85 8.25
N PRO A 67 3.24 2.68 9.49
CA PRO A 67 1.99 1.96 9.78
C PRO A 67 0.76 2.74 9.33
N SER A 68 0.80 4.05 9.48
CA SER A 68 -0.31 4.91 9.09
C SER A 68 -0.70 4.67 7.63
N THR A 69 0.29 4.64 6.76
CA THR A 69 0.06 4.41 5.34
C THR A 69 -0.36 2.98 5.07
N LEU A 70 0.26 2.04 5.78
CA LEU A 70 -0.04 0.62 5.62
C LEU A 70 -1.54 0.37 5.82
N ARG A 71 -2.04 0.70 7.00
CA ARG A 71 -3.45 0.49 7.31
C ARG A 71 -4.33 1.32 6.37
N GLU A 72 -3.83 2.48 5.97
CA GLU A 72 -4.57 3.37 5.08
C GLU A 72 -5.05 2.62 3.84
N LEU A 73 -4.24 1.68 3.36
CA LEU A 73 -4.58 0.89 2.19
C LEU A 73 -5.63 -0.16 2.53
N GLU A 74 -5.43 -0.86 3.65
CA GLU A 74 -6.36 -1.88 4.09
C GLU A 74 -7.76 -1.31 4.28
N ARG A 75 -7.83 -0.03 4.63
CA ARG A 75 -9.11 0.64 4.84
C ARG A 75 -9.78 0.95 3.51
N TYR A 76 -8.98 1.28 2.50
CA TYR A 76 -9.50 1.60 1.19
C TYR A 76 -9.88 0.34 0.42
N VAL A 77 -9.01 -0.65 0.48
CA VAL A 77 -9.27 -1.92 -0.21
C VAL A 77 -10.55 -2.57 0.29
N THR A 78 -10.85 -2.38 1.57
CA THR A 78 -12.05 -2.94 2.18
C THR A 78 -13.29 -2.18 1.74
N SER A 79 -13.15 -0.87 1.56
CA SER A 79 -14.26 -0.03 1.14
C SER A 79 -14.74 -0.41 -0.25
N CYS A 80 -13.81 -0.79 -1.11
CA CYS A 80 -14.13 -1.19 -2.48
C CYS A 80 -14.45 -2.67 -2.56
N LEU A 81 -13.66 -3.49 -1.87
CA LEU A 81 -13.85 -4.93 -1.86
C LEU A 81 -15.15 -5.30 -1.15
N ARG A 82 -15.58 -4.46 -0.21
CA ARG A 82 -16.80 -4.69 0.53
C ARG A 82 -16.79 -6.07 1.19
N LYS A 83 -15.86 -6.26 2.12
CA LYS A 83 -15.74 -7.52 2.83
C LYS A 83 -16.71 -7.60 4.00
N LYS A 84 -16.49 -6.76 5.01
CA LYS A 84 -17.36 -6.74 6.18
C LYS A 84 -17.38 -8.09 6.88
N THR B 1 -4.10 -1.98 -17.58
CA THR B 1 -4.31 -1.53 -16.21
C THR B 1 -3.01 -1.56 -15.42
N TRP B 2 -3.09 -1.24 -14.14
CA TRP B 2 -1.92 -1.23 -13.27
C TRP B 2 -1.45 -2.65 -12.97
N ARG B 3 -0.16 -2.79 -12.66
CA ARG B 3 0.41 -4.09 -12.36
C ARG B 3 1.24 -4.03 -11.08
N VAL B 4 1.70 -5.19 -10.62
CA VAL B 4 2.51 -5.28 -9.41
C VAL B 4 3.47 -6.45 -9.47
N GLN B 5 4.65 -6.26 -8.90
CA GLN B 5 5.68 -7.30 -8.89
C GLN B 5 6.36 -7.38 -7.52
N ARG B 6 6.08 -8.45 -6.78
CA ARG B 6 6.67 -8.65 -5.47
C ARG B 6 8.18 -8.77 -5.56
N SER B 7 8.84 -8.71 -4.41
CA SER B 7 10.30 -8.82 -4.36
C SER B 7 10.74 -9.77 -3.25
N GLN B 8 12.03 -9.74 -2.94
CA GLN B 8 12.59 -10.60 -1.90
C GLN B 8 12.12 -10.15 -0.52
N ASN B 9 11.85 -8.85 -0.39
CA ASN B 9 11.40 -8.28 0.87
C ASN B 9 10.29 -9.13 1.48
N PRO B 10 10.03 -8.91 2.78
CA PRO B 10 8.99 -9.66 3.52
C PRO B 10 7.58 -9.27 3.05
N LEU B 11 7.47 -8.12 2.40
CA LEU B 11 6.18 -7.66 1.91
C LEU B 11 6.33 -6.38 1.09
N LYS B 12 7.12 -6.47 0.01
CA LYS B 12 7.36 -5.32 -0.86
C LYS B 12 6.73 -5.54 -2.23
N ILE B 13 5.72 -4.75 -2.56
CA ILE B 13 5.04 -4.86 -3.84
C ILE B 13 5.26 -3.61 -4.69
N ARG B 14 5.97 -3.77 -5.80
CA ARG B 14 6.24 -2.66 -6.70
C ARG B 14 5.08 -2.43 -7.66
N LEU B 15 4.30 -1.39 -7.39
CA LEU B 15 3.15 -1.06 -8.24
C LEU B 15 3.57 -0.17 -9.39
N THR B 16 3.06 -0.46 -10.58
CA THR B 16 3.37 0.32 -11.77
C THR B 16 2.18 0.38 -12.72
N ARG B 17 2.03 1.51 -13.40
CA ARG B 17 0.93 1.69 -14.35
C ARG B 17 0.87 0.53 -15.34
N GLU A 6 -2.84 15.40 23.98
CA GLU A 6 -2.00 15.90 22.89
C GLU A 6 -2.02 14.94 21.70
N SER A 7 -1.91 15.49 20.49
CA SER A 7 -1.92 14.69 19.28
C SER A 7 -3.32 14.14 19.00
N GLU A 8 -3.76 13.21 19.85
CA GLU A 8 -5.07 12.60 19.69
C GLU A 8 -5.26 12.07 18.27
N GLU A 9 -4.23 11.43 17.74
CA GLU A 9 -4.28 10.87 16.40
C GLU A 9 -3.22 9.78 16.21
N GLU A 10 -1.96 10.15 16.45
CA GLU A 10 -0.85 9.23 16.30
C GLU A 10 -1.11 7.94 17.08
N ASP A 11 -1.75 8.08 18.24
CA ASP A 11 -2.06 6.94 19.09
C ASP A 11 -2.99 5.96 18.36
N LYS A 12 -3.90 6.50 17.56
CA LYS A 12 -4.83 5.69 16.80
C LYS A 12 -4.11 4.83 15.77
N CYS A 13 -2.99 5.33 15.27
CA CYS A 13 -2.20 4.60 14.28
C CYS A 13 -1.55 3.38 14.90
N LYS A 14 -2.04 2.20 14.51
CA LYS A 14 -1.52 0.95 15.03
C LYS A 14 -0.51 0.34 14.07
N PRO A 15 0.41 -0.48 14.59
CA PRO A 15 1.45 -1.15 13.79
C PRO A 15 0.86 -2.22 12.87
N MET A 16 1.63 -2.60 11.85
CA MET A 16 1.20 -3.62 10.90
C MET A 16 2.30 -4.63 10.65
N SER A 17 2.04 -5.89 11.02
CA SER A 17 3.02 -6.95 10.83
C SER A 17 2.84 -7.62 9.47
N TYR A 18 3.74 -8.55 9.16
CA TYR A 18 3.68 -9.26 7.89
C TYR A 18 2.31 -9.89 7.67
N GLU A 19 1.64 -10.22 8.78
CA GLU A 19 0.31 -10.83 8.71
C GLU A 19 -0.70 -9.87 8.07
N GLU A 20 -0.88 -8.71 8.71
CA GLU A 20 -1.81 -7.71 8.21
C GLU A 20 -1.29 -7.08 6.92
N LYS A 21 0.03 -7.09 6.76
CA LYS A 21 0.65 -6.52 5.57
C LYS A 21 0.43 -7.41 4.36
N ARG A 22 0.87 -8.66 4.45
CA ARG A 22 0.72 -9.62 3.36
C ARG A 22 -0.72 -9.65 2.86
N GLN A 23 -1.66 -9.35 3.75
CA GLN A 23 -3.07 -9.36 3.41
C GLN A 23 -3.42 -8.15 2.54
N LEU A 24 -2.85 -7.00 2.88
CA LEU A 24 -3.10 -5.78 2.13
C LEU A 24 -2.49 -5.85 0.73
N SER A 25 -1.37 -6.58 0.62
CA SER A 25 -0.69 -6.73 -0.66
C SER A 25 -1.49 -7.64 -1.59
N LEU A 26 -2.10 -8.67 -1.03
CA LEU A 26 -2.90 -9.61 -1.80
C LEU A 26 -4.25 -9.01 -2.17
N ASP A 27 -4.94 -8.48 -1.18
CA ASP A 27 -6.25 -7.87 -1.40
C ASP A 27 -6.20 -6.87 -2.54
N ILE A 28 -5.37 -5.84 -2.39
CA ILE A 28 -5.22 -4.82 -3.42
C ILE A 28 -4.88 -5.44 -4.77
N ASN A 29 -4.07 -6.49 -4.75
CA ASN A 29 -3.66 -7.17 -5.97
C ASN A 29 -4.87 -7.79 -6.67
N LYS A 30 -5.77 -8.39 -5.88
CA LYS A 30 -6.97 -9.01 -6.43
C LYS A 30 -7.96 -7.96 -6.92
N LEU A 31 -7.92 -6.78 -6.28
CA LEU A 31 -8.81 -5.70 -6.65
C LEU A 31 -8.59 -5.27 -8.11
N PRO A 32 -9.58 -4.56 -8.67
CA PRO A 32 -9.51 -4.08 -10.05
C PRO A 32 -8.49 -2.97 -10.23
N GLY A 33 -8.11 -2.70 -11.48
CA GLY A 33 -7.15 -1.65 -11.77
C GLY A 33 -7.50 -0.34 -11.10
N GLU A 34 -8.71 0.14 -11.34
CA GLU A 34 -9.17 1.40 -10.76
C GLU A 34 -8.90 1.42 -9.25
N LYS A 35 -9.10 0.28 -8.61
CA LYS A 35 -8.90 0.17 -7.16
C LYS A 35 -7.41 0.33 -6.82
N LEU A 36 -6.58 -0.53 -7.39
CA LEU A 36 -5.15 -0.48 -7.14
C LEU A 36 -4.58 0.89 -7.46
N GLY A 37 -5.07 1.49 -8.55
CA GLY A 37 -4.60 2.81 -8.94
C GLY A 37 -4.68 3.81 -7.81
N ARG A 38 -5.75 3.73 -7.02
CA ARG A 38 -5.94 4.64 -5.90
C ARG A 38 -4.93 4.37 -4.79
N VAL A 39 -4.65 3.09 -4.55
CA VAL A 39 -3.70 2.69 -3.53
C VAL A 39 -2.31 3.22 -3.83
N VAL A 40 -1.78 2.85 -4.99
CA VAL A 40 -0.45 3.29 -5.41
C VAL A 40 -0.31 4.80 -5.29
N HIS A 41 -1.43 5.51 -5.49
CA HIS A 41 -1.43 6.96 -5.41
C HIS A 41 -1.13 7.43 -3.99
N ILE A 42 -1.61 6.68 -3.01
CA ILE A 42 -1.40 7.00 -1.60
C ILE A 42 0.08 6.92 -1.24
N ILE A 43 0.66 5.74 -1.42
CA ILE A 43 2.07 5.53 -1.11
C ILE A 43 2.96 6.47 -1.92
N GLN A 44 2.46 6.89 -3.09
CA GLN A 44 3.21 7.79 -3.95
C GLN A 44 3.44 9.13 -3.27
N SER A 45 2.43 9.61 -2.55
CA SER A 45 2.52 10.89 -1.85
C SER A 45 2.93 10.68 -0.39
N ARG A 46 2.62 9.49 0.14
CA ARG A 46 2.95 9.17 1.52
C ARG A 46 4.43 8.81 1.66
N GLU A 47 4.99 8.23 0.60
CA GLU A 47 6.40 7.84 0.61
C GLU A 47 7.27 8.90 -0.06
N PRO A 48 8.01 9.66 0.76
CA PRO A 48 8.89 10.72 0.27
C PRO A 48 10.10 10.17 -0.47
N SER A 49 10.66 9.07 0.03
CA SER A 49 11.82 8.44 -0.58
C SER A 49 11.56 8.15 -2.06
N LEU A 50 10.29 7.97 -2.40
CA LEU A 50 9.91 7.68 -3.78
C LEU A 50 10.59 8.63 -4.75
N LYS A 51 11.58 8.13 -5.48
CA LYS A 51 12.31 8.95 -6.44
C LYS A 51 12.36 8.26 -7.80
N ASN A 52 11.29 7.54 -8.15
CA ASN A 52 11.22 6.84 -9.42
C ASN A 52 11.27 7.83 -10.59
N SER A 53 12.12 7.52 -11.56
CA SER A 53 12.26 8.38 -12.74
C SER A 53 10.93 8.56 -13.45
N ASN A 54 10.12 7.50 -13.43
CA ASN A 54 8.81 7.53 -14.08
C ASN A 54 7.69 7.34 -13.06
N PRO A 55 6.62 8.13 -13.20
CA PRO A 55 5.46 8.07 -12.31
C PRO A 55 4.65 6.79 -12.49
N ASP A 56 5.03 6.00 -13.48
CA ASP A 56 4.34 4.74 -13.76
C ASP A 56 5.00 3.59 -13.00
N GLU A 57 5.71 3.92 -11.93
CA GLU A 57 6.38 2.92 -11.12
C GLU A 57 6.44 3.36 -9.65
N ILE A 58 6.23 2.40 -8.76
CA ILE A 58 6.26 2.69 -7.32
C ILE A 58 6.89 1.53 -6.54
N GLU A 59 7.63 1.86 -5.49
CA GLU A 59 8.27 0.85 -4.66
C GLU A 59 7.69 0.84 -3.25
N ILE A 60 6.77 -0.08 -2.99
CA ILE A 60 6.14 -0.19 -1.69
C ILE A 60 6.82 -1.26 -0.83
N ASP A 61 7.55 -0.83 0.18
CA ASP A 61 8.24 -1.75 1.07
C ASP A 61 7.75 -1.60 2.51
N PHE A 62 6.88 -2.50 2.93
CA PHE A 62 6.34 -2.46 4.28
C PHE A 62 7.45 -2.59 5.32
N GLU A 63 8.61 -3.07 4.88
CA GLU A 63 9.74 -3.25 5.78
C GLU A 63 10.23 -1.92 6.31
N THR A 64 10.07 -0.87 5.51
CA THR A 64 10.49 0.48 5.89
C THR A 64 9.30 1.42 5.99
N LEU A 65 8.24 1.10 5.25
CA LEU A 65 7.04 1.93 5.25
C LEU A 65 6.50 2.11 6.66
N LYS A 66 5.68 3.14 6.85
CA LYS A 66 5.10 3.43 8.16
C LYS A 66 3.79 2.67 8.34
N PRO A 67 3.34 2.56 9.61
CA PRO A 67 2.09 1.87 9.94
C PRO A 67 0.86 2.63 9.48
N SER A 68 0.98 3.95 9.40
CA SER A 68 -0.13 4.80 8.97
C SER A 68 -0.49 4.51 7.51
N THR A 69 0.50 4.63 6.63
CA THR A 69 0.29 4.38 5.21
C THR A 69 -0.17 2.96 4.96
N LEU A 70 0.47 2.00 5.62
CA LEU A 70 0.13 0.59 5.46
C LEU A 70 -1.37 0.37 5.66
N ARG A 71 -1.86 0.71 6.85
CA ARG A 71 -3.27 0.56 7.16
C ARG A 71 -4.14 1.39 6.22
N GLU A 72 -3.63 2.54 5.82
CA GLU A 72 -4.35 3.43 4.92
C GLU A 72 -4.85 2.66 3.69
N LEU A 73 -4.03 1.74 3.19
CA LEU A 73 -4.39 0.95 2.03
C LEU A 73 -5.41 -0.13 2.40
N GLU A 74 -5.23 -0.73 3.57
CA GLU A 74 -6.14 -1.77 4.04
C GLU A 74 -7.51 -1.19 4.37
N ARG A 75 -7.54 0.11 4.64
CA ARG A 75 -8.79 0.78 4.97
C ARG A 75 -9.61 1.07 3.71
N TYR A 76 -8.92 1.36 2.62
CA TYR A 76 -9.58 1.66 1.35
C TYR A 76 -10.07 0.38 0.68
N VAL A 77 -9.29 -0.69 0.82
CA VAL A 77 -9.64 -1.97 0.23
C VAL A 77 -10.82 -2.61 0.97
N THR A 78 -10.89 -2.37 2.27
CA THR A 78 -11.97 -2.92 3.09
C THR A 78 -13.29 -2.20 2.81
N SER A 79 -13.21 -0.92 2.48
CA SER A 79 -14.40 -0.13 2.19
C SER A 79 -14.95 -0.46 0.81
N CYS A 80 -14.05 -0.76 -0.13
CA CYS A 80 -14.45 -1.09 -1.49
C CYS A 80 -14.93 -2.54 -1.57
N LEU A 81 -14.13 -3.45 -1.06
CA LEU A 81 -14.47 -4.87 -1.07
C LEU A 81 -15.55 -5.18 -0.04
N ARG A 82 -15.58 -4.39 1.02
CA ARG A 82 -16.56 -4.58 2.09
C ARG A 82 -16.37 -5.93 2.78
N LYS A 83 -15.14 -6.18 3.24
CA LYS A 83 -14.82 -7.42 3.92
C LYS A 83 -13.64 -7.24 4.87
N LYS A 84 -13.77 -7.75 6.09
CA LYS A 84 -12.72 -7.64 7.09
C LYS A 84 -11.67 -8.72 6.89
N THR B 1 -4.03 -2.15 -17.68
CA THR B 1 -4.29 -1.68 -16.33
C THR B 1 -3.03 -1.72 -15.48
N TRP B 2 -3.18 -1.38 -14.20
CA TRP B 2 -2.04 -1.39 -13.27
C TRP B 2 -1.66 -2.82 -12.91
N ARG B 3 -0.41 -3.00 -12.51
CA ARG B 3 0.09 -4.31 -12.12
C ARG B 3 0.88 -4.24 -10.81
N VAL B 4 1.18 -5.40 -10.24
CA VAL B 4 1.93 -5.47 -9.00
C VAL B 4 2.74 -6.76 -8.92
N GLN B 5 3.90 -6.68 -8.28
CA GLN B 5 4.77 -7.85 -8.13
C GLN B 5 5.75 -7.64 -6.98
N ARG B 6 5.67 -8.52 -5.98
CA ARG B 6 6.54 -8.44 -4.82
C ARG B 6 7.63 -9.50 -4.88
N SER B 7 8.79 -9.20 -4.31
CA SER B 7 9.91 -10.13 -4.31
C SER B 7 11.04 -9.63 -3.42
N GLN B 8 11.97 -10.51 -3.10
CA GLN B 8 13.12 -10.15 -2.25
C GLN B 8 12.66 -9.81 -0.84
N ASN B 9 12.10 -8.62 -0.67
CA ASN B 9 11.61 -8.17 0.63
C ASN B 9 10.58 -9.15 1.19
N PRO B 10 10.31 -9.04 2.50
CA PRO B 10 9.34 -9.90 3.18
C PRO B 10 7.90 -9.58 2.77
N LEU B 11 7.70 -8.39 2.23
CA LEU B 11 6.37 -7.97 1.79
C LEU B 11 6.44 -6.63 1.06
N LYS B 12 7.23 -6.59 -0.01
CA LYS B 12 7.38 -5.38 -0.81
C LYS B 12 6.72 -5.54 -2.17
N ILE B 13 5.55 -4.92 -2.34
CA ILE B 13 4.82 -5.00 -3.59
C ILE B 13 5.16 -3.80 -4.49
N ARG B 14 5.67 -4.09 -5.68
CA ARG B 14 6.01 -3.04 -6.63
C ARG B 14 4.84 -2.74 -7.57
N LEU B 15 4.18 -1.62 -7.32
CA LEU B 15 3.05 -1.21 -8.15
C LEU B 15 3.50 -0.40 -9.36
N THR B 16 2.95 -0.72 -10.53
CA THR B 16 3.31 -0.02 -11.75
C THR B 16 2.13 0.00 -12.72
N ARG B 17 1.99 1.11 -13.44
CA ARG B 17 0.91 1.27 -14.41
C ARG B 17 0.85 0.07 -15.35
N GLU A 6 2.39 17.41 9.36
CA GLU A 6 3.14 17.42 10.60
C GLU A 6 2.67 16.33 11.55
N SER A 7 3.59 15.80 12.33
CA SER A 7 3.28 14.73 13.27
C SER A 7 3.59 15.16 14.71
N GLU A 8 4.87 15.22 15.04
CA GLU A 8 5.30 15.62 16.37
C GLU A 8 4.58 14.80 17.44
N GLU A 9 4.34 13.53 17.14
CA GLU A 9 3.66 12.65 18.08
C GLU A 9 3.53 11.24 17.50
N GLU A 10 2.62 11.08 16.54
CA GLU A 10 2.39 9.79 15.90
C GLU A 10 2.46 8.67 16.93
N ASP A 11 1.88 8.90 18.11
CA ASP A 11 1.87 7.91 19.17
C ASP A 11 0.61 7.05 19.11
N LYS A 12 -0.50 7.67 18.71
CA LYS A 12 -1.77 6.97 18.62
C LYS A 12 -1.72 5.91 17.51
N CYS A 13 -0.92 6.17 16.48
CA CYS A 13 -0.79 5.24 15.37
C CYS A 13 -0.14 3.94 15.83
N LYS A 14 -0.85 2.83 15.62
CA LYS A 14 -0.36 1.52 16.01
C LYS A 14 0.30 0.81 14.83
N PRO A 15 1.25 -0.09 15.12
CA PRO A 15 1.97 -0.85 14.10
C PRO A 15 1.08 -1.88 13.40
N MET A 16 1.51 -2.33 12.23
CA MET A 16 0.76 -3.31 11.47
C MET A 16 1.55 -4.60 11.29
N SER A 17 0.91 -5.73 11.57
CA SER A 17 1.56 -7.02 11.44
C SER A 17 1.63 -7.47 9.98
N TYR A 18 2.70 -8.17 9.62
CA TYR A 18 2.88 -8.64 8.26
C TYR A 18 1.73 -9.55 7.84
N GLU A 19 1.14 -10.24 8.80
CA GLU A 19 0.03 -11.14 8.53
C GLU A 19 -1.06 -10.42 7.75
N GLU A 20 -1.65 -9.39 8.37
CA GLU A 20 -2.71 -8.63 7.73
C GLU A 20 -2.23 -8.01 6.43
N LYS A 21 -1.03 -7.44 6.45
CA LYS A 21 -0.44 -6.82 5.27
C LYS A 21 -0.40 -7.80 4.10
N ARG A 22 0.05 -9.01 4.37
CA ARG A 22 0.14 -10.04 3.33
C ARG A 22 -1.20 -10.20 2.61
N GLN A 23 -2.28 -9.95 3.33
CA GLN A 23 -3.62 -10.06 2.76
C GLN A 23 -3.87 -8.97 1.72
N LEU A 24 -3.32 -7.79 1.98
CA LEU A 24 -3.47 -6.66 1.07
C LEU A 24 -2.78 -6.93 -0.26
N SER A 25 -1.57 -7.45 -0.19
CA SER A 25 -0.79 -7.76 -1.39
C SER A 25 -1.61 -8.60 -2.36
N LEU A 26 -2.26 -9.63 -1.83
CA LEU A 26 -3.07 -10.52 -2.64
C LEU A 26 -4.43 -9.88 -2.97
N ASP A 27 -5.12 -9.43 -1.93
CA ASP A 27 -6.42 -8.79 -2.11
C ASP A 27 -6.36 -7.69 -3.17
N ILE A 28 -5.52 -6.68 -2.93
CA ILE A 28 -5.36 -5.59 -3.87
C ILE A 28 -4.98 -6.09 -5.26
N ASN A 29 -4.17 -7.14 -5.29
CA ASN A 29 -3.72 -7.73 -6.54
C ASN A 29 -4.89 -8.33 -7.31
N LYS A 30 -5.78 -9.01 -6.59
CA LYS A 30 -6.94 -9.64 -7.19
C LYS A 30 -7.94 -8.58 -7.69
N LEU A 31 -7.94 -7.43 -7.03
CA LEU A 31 -8.84 -6.34 -7.40
C LEU A 31 -8.40 -5.70 -8.72
N PRO A 32 -9.33 -4.96 -9.35
CA PRO A 32 -9.07 -4.29 -10.62
C PRO A 32 -8.09 -3.13 -10.47
N GLY A 33 -7.55 -2.68 -11.59
CA GLY A 33 -6.61 -1.57 -11.58
C GLY A 33 -7.15 -0.37 -10.82
N GLU A 34 -8.43 -0.09 -11.01
CA GLU A 34 -9.08 1.04 -10.34
C GLU A 34 -8.77 1.05 -8.85
N LYS A 35 -8.75 -0.14 -8.25
CA LYS A 35 -8.46 -0.27 -6.83
C LYS A 35 -7.00 0.00 -6.54
N LEU A 36 -6.12 -0.56 -7.36
CA LEU A 36 -4.68 -0.37 -7.19
C LEU A 36 -4.30 1.10 -7.37
N GLY A 37 -4.65 1.67 -8.52
CA GLY A 37 -4.34 3.06 -8.78
C GLY A 37 -4.66 3.95 -7.61
N ARG A 38 -5.73 3.63 -6.89
CA ARG A 38 -6.15 4.42 -5.73
C ARG A 38 -5.22 4.17 -4.54
N VAL A 39 -4.99 2.90 -4.24
CA VAL A 39 -4.12 2.53 -3.12
C VAL A 39 -2.67 2.90 -3.41
N VAL A 40 -2.13 2.35 -4.50
CA VAL A 40 -0.75 2.61 -4.89
C VAL A 40 -0.46 4.12 -4.89
N HIS A 41 -1.49 4.91 -5.20
CA HIS A 41 -1.35 6.36 -5.24
C HIS A 41 -1.11 6.92 -3.84
N ILE A 42 -1.76 6.32 -2.85
CA ILE A 42 -1.61 6.77 -1.48
C ILE A 42 -0.17 6.64 -1.00
N ILE A 43 0.53 5.64 -1.52
CA ILE A 43 1.92 5.42 -1.16
C ILE A 43 2.82 6.52 -1.70
N GLN A 44 2.63 6.85 -2.98
CA GLN A 44 3.43 7.89 -3.62
C GLN A 44 3.03 9.27 -3.11
N SER A 45 1.88 9.35 -2.45
CA SER A 45 1.38 10.61 -1.92
C SER A 45 1.76 10.76 -0.45
N ARG A 46 1.77 9.65 0.27
CA ARG A 46 2.11 9.66 1.69
C ARG A 46 3.61 9.51 1.89
N GLU A 47 4.24 8.75 1.00
CA GLU A 47 5.69 8.52 1.08
C GLU A 47 6.44 9.54 0.22
N PRO A 48 7.32 10.32 0.87
CA PRO A 48 8.12 11.34 0.20
C PRO A 48 9.18 10.74 -0.70
N SER A 49 9.85 9.70 -0.21
CA SER A 49 10.90 9.03 -0.98
C SER A 49 10.36 8.50 -2.30
N LEU A 50 9.10 8.06 -2.29
CA LEU A 50 8.47 7.53 -3.49
C LEU A 50 7.78 8.65 -4.27
N LYS A 51 8.51 9.75 -4.50
CA LYS A 51 7.97 10.87 -5.24
C LYS A 51 8.73 11.08 -6.55
N ASN A 52 9.13 9.97 -7.17
CA ASN A 52 9.86 10.03 -8.43
C ASN A 52 9.00 10.66 -9.53
N SER A 53 9.67 11.11 -10.59
CA SER A 53 8.97 11.76 -11.70
C SER A 53 8.26 10.72 -12.57
N ASN A 54 8.50 9.44 -12.26
CA ASN A 54 7.88 8.35 -13.01
C ASN A 54 6.82 7.64 -12.16
N PRO A 55 5.57 8.14 -12.26
CA PRO A 55 4.45 7.57 -11.51
C PRO A 55 4.04 6.19 -12.01
N ASP A 56 4.60 5.81 -13.16
CA ASP A 56 4.31 4.50 -13.74
C ASP A 56 5.02 3.39 -12.99
N GLU A 57 5.85 3.78 -12.02
CA GLU A 57 6.60 2.81 -11.22
C GLU A 57 6.55 3.17 -9.74
N ILE A 58 6.26 2.17 -8.91
CA ILE A 58 6.18 2.39 -7.47
C ILE A 58 6.74 1.20 -6.70
N GLU A 59 7.41 1.47 -5.59
CA GLU A 59 7.99 0.42 -4.76
C GLU A 59 7.40 0.44 -3.36
N ILE A 60 6.42 -0.42 -3.13
CA ILE A 60 5.77 -0.51 -1.83
C ILE A 60 6.46 -1.53 -0.93
N ASP A 61 7.15 -1.04 0.09
CA ASP A 61 7.85 -1.91 1.02
C ASP A 61 7.41 -1.64 2.45
N PHE A 62 6.57 -2.53 2.98
CA PHE A 62 6.07 -2.40 4.35
C PHE A 62 7.21 -2.45 5.35
N GLU A 63 8.36 -2.96 4.91
CA GLU A 63 9.53 -3.08 5.78
C GLU A 63 10.06 -1.70 6.15
N THR A 64 9.95 -0.75 5.22
CA THR A 64 10.43 0.60 5.45
C THR A 64 9.27 1.58 5.61
N LEU A 65 8.13 1.24 5.01
CA LEU A 65 6.94 2.08 5.08
C LEU A 65 6.51 2.27 6.53
N LYS A 66 5.70 3.31 6.77
CA LYS A 66 5.21 3.60 8.10
C LYS A 66 3.91 2.85 8.38
N PRO A 67 3.54 2.77 9.67
CA PRO A 67 2.32 2.08 10.10
C PRO A 67 1.06 2.84 9.70
N SER A 68 1.18 4.16 9.57
CA SER A 68 0.05 4.99 9.20
C SER A 68 -0.42 4.68 7.78
N THR A 69 0.51 4.70 6.83
CA THR A 69 0.20 4.41 5.44
C THR A 69 -0.27 2.96 5.27
N LEU A 70 0.45 2.04 5.90
CA LEU A 70 0.11 0.62 5.82
C LEU A 70 -1.38 0.41 6.03
N ARG A 71 -1.88 0.85 7.17
CA ARG A 71 -3.30 0.71 7.50
C ARG A 71 -4.16 1.55 6.55
N GLU A 72 -3.73 2.78 6.30
CA GLU A 72 -4.46 3.68 5.42
C GLU A 72 -4.77 3.01 4.09
N LEU A 73 -3.75 2.42 3.48
CA LEU A 73 -3.92 1.73 2.19
C LEU A 73 -5.08 0.74 2.25
N GLU A 74 -5.06 -0.11 3.27
CA GLU A 74 -6.11 -1.11 3.45
C GLU A 74 -7.47 -0.44 3.63
N ARG A 75 -7.47 0.71 4.29
CA ARG A 75 -8.70 1.45 4.54
C ARG A 75 -9.45 1.73 3.24
N TYR A 76 -8.69 1.92 2.16
CA TYR A 76 -9.28 2.19 0.86
C TYR A 76 -9.74 0.91 0.19
N VAL A 77 -8.80 0.00 -0.06
CA VAL A 77 -9.09 -1.28 -0.69
C VAL A 77 -10.24 -1.99 0.02
N THR A 78 -10.34 -1.78 1.33
CA THR A 78 -11.38 -2.40 2.13
C THR A 78 -12.73 -1.74 1.88
N SER A 79 -12.73 -0.41 1.73
CA SER A 79 -13.96 0.33 1.48
C SER A 79 -14.56 -0.05 0.13
N CYS A 80 -13.69 -0.36 -0.84
CA CYS A 80 -14.14 -0.72 -2.17
C CYS A 80 -14.43 -2.22 -2.25
N LEU A 81 -13.53 -3.02 -1.68
CA LEU A 81 -13.69 -4.47 -1.69
C LEU A 81 -14.89 -4.89 -0.84
N ARG A 82 -15.19 -4.09 0.18
CA ARG A 82 -16.32 -4.38 1.06
C ARG A 82 -17.60 -4.63 0.26
N LYS A 83 -18.19 -5.80 0.45
CA LYS A 83 -19.41 -6.15 -0.25
C LYS A 83 -20.14 -7.29 0.47
N LYS A 84 -21.44 -7.45 0.17
CA LYS A 84 -22.24 -8.49 0.78
C LYS A 84 -21.89 -9.86 0.20
N THR B 1 -3.61 -1.65 -17.77
CA THR B 1 -3.80 -1.61 -16.33
C THR B 1 -2.45 -1.67 -15.60
N TRP B 2 -2.52 -1.77 -14.27
CA TRP B 2 -1.31 -1.83 -13.46
C TRP B 2 -0.88 -3.28 -13.24
N ARG B 3 0.27 -3.45 -12.58
CA ARG B 3 0.80 -4.78 -12.31
C ARG B 3 1.44 -4.84 -10.93
N VAL B 4 1.63 -6.05 -10.42
CA VAL B 4 2.23 -6.25 -9.11
C VAL B 4 3.34 -7.29 -9.16
N GLN B 5 4.47 -6.98 -8.54
CA GLN B 5 5.61 -7.89 -8.51
C GLN B 5 6.26 -7.93 -7.13
N ARG B 6 6.09 -9.04 -6.43
CA ARG B 6 6.65 -9.19 -5.10
C ARG B 6 8.17 -9.28 -5.15
N SER B 7 8.81 -9.08 -4.01
CA SER B 7 10.27 -9.13 -3.92
C SER B 7 10.72 -9.97 -2.74
N GLN B 8 12.03 -10.14 -2.59
CA GLN B 8 12.59 -10.93 -1.50
C GLN B 8 12.10 -10.41 -0.15
N ASN B 9 11.76 -9.12 -0.10
CA ASN B 9 11.29 -8.50 1.12
C ASN B 9 10.22 -9.37 1.79
N PRO B 10 9.96 -9.10 3.08
CA PRO B 10 8.96 -9.85 3.85
C PRO B 10 7.54 -9.55 3.39
N LEU B 11 7.36 -8.46 2.68
CA LEU B 11 6.04 -8.07 2.18
C LEU B 11 6.14 -6.80 1.33
N LYS B 12 6.88 -6.88 0.24
CA LYS B 12 7.05 -5.74 -0.67
C LYS B 12 6.39 -6.01 -2.01
N ILE B 13 5.53 -5.10 -2.44
CA ILE B 13 4.83 -5.23 -3.72
C ILE B 13 5.15 -4.07 -4.64
N ARG B 14 5.94 -4.34 -5.68
CA ARG B 14 6.31 -3.31 -6.64
C ARG B 14 5.21 -3.09 -7.66
N LEU B 15 4.40 -2.06 -7.45
CA LEU B 15 3.30 -1.74 -8.36
C LEU B 15 3.76 -0.77 -9.45
N THR B 16 3.35 -1.05 -10.68
CA THR B 16 3.71 -0.20 -11.81
C THR B 16 2.58 -0.14 -12.84
N ARG B 17 2.43 1.03 -13.45
CA ARG B 17 1.38 1.23 -14.45
C ARG B 17 1.36 0.08 -15.45
N GLU A 6 1.61 14.66 7.75
CA GLU A 6 2.39 14.74 8.98
C GLU A 6 1.83 13.79 10.04
N SER A 7 2.44 13.83 11.23
CA SER A 7 2.01 12.97 12.33
C SER A 7 0.81 13.57 13.05
N GLU A 8 -0.35 13.54 12.40
CA GLU A 8 -1.57 14.08 12.98
C GLU A 8 -1.85 13.45 14.34
N GLU A 9 -1.58 12.16 14.45
CA GLU A 9 -1.80 11.42 15.70
C GLU A 9 -0.51 10.76 16.17
N GLU A 10 -0.07 9.75 15.44
CA GLU A 10 1.15 9.03 15.79
C GLU A 10 0.93 8.14 17.01
N ASP A 11 0.73 8.77 18.16
CA ASP A 11 0.50 8.03 19.40
C ASP A 11 -0.65 7.04 19.24
N LYS A 12 -1.65 7.42 18.46
CA LYS A 12 -2.80 6.56 18.22
C LYS A 12 -2.52 5.57 17.10
N CYS A 13 -1.69 5.99 16.14
CA CYS A 13 -1.34 5.13 15.02
C CYS A 13 -0.57 3.89 15.48
N LYS A 14 -1.22 2.75 15.44
CA LYS A 14 -0.60 1.49 15.85
C LYS A 14 0.05 0.79 14.67
N PRO A 15 1.09 -0.02 14.95
CA PRO A 15 1.81 -0.77 13.92
C PRO A 15 0.98 -1.89 13.32
N MET A 16 1.38 -2.35 12.14
CA MET A 16 0.67 -3.42 11.46
C MET A 16 1.57 -4.63 11.25
N SER A 17 1.27 -5.72 11.96
CA SER A 17 2.06 -6.94 11.85
C SER A 17 2.22 -7.36 10.39
N TYR A 18 3.30 -8.09 10.11
CA TYR A 18 3.57 -8.55 8.75
C TYR A 18 2.34 -9.23 8.15
N GLU A 19 1.63 -10.00 8.97
CA GLU A 19 0.43 -10.70 8.53
C GLU A 19 -0.61 -9.72 7.97
N GLU A 20 -1.02 -8.79 8.82
CA GLU A 20 -2.01 -7.79 8.42
C GLU A 20 -1.65 -7.17 7.07
N LYS A 21 -0.46 -6.58 7.01
CA LYS A 21 0.01 -5.94 5.78
C LYS A 21 0.08 -6.95 4.65
N ARG A 22 0.42 -8.19 4.98
CA ARG A 22 0.53 -9.26 3.99
C ARG A 22 -0.74 -9.33 3.13
N GLN A 23 -1.89 -9.10 3.77
CA GLN A 23 -3.16 -9.16 3.07
C GLN A 23 -3.31 -7.96 2.13
N LEU A 24 -2.80 -6.81 2.56
CA LEU A 24 -2.88 -5.59 1.76
C LEU A 24 -2.36 -5.84 0.34
N SER A 25 -1.25 -6.56 0.23
CA SER A 25 -0.66 -6.87 -1.06
C SER A 25 -1.57 -7.79 -1.88
N LEU A 26 -1.95 -8.92 -1.29
CA LEU A 26 -2.82 -9.87 -1.96
C LEU A 26 -4.14 -9.21 -2.37
N ASP A 27 -4.86 -8.69 -1.39
CA ASP A 27 -6.14 -8.04 -1.65
C ASP A 27 -6.01 -7.02 -2.78
N ILE A 28 -5.15 -6.02 -2.57
CA ILE A 28 -4.93 -4.98 -3.57
C ILE A 28 -4.54 -5.59 -4.91
N ASN A 29 -3.80 -6.69 -4.87
CA ASN A 29 -3.35 -7.37 -6.08
C ASN A 29 -4.54 -8.02 -6.80
N LYS A 30 -5.45 -8.58 -6.02
CA LYS A 30 -6.64 -9.24 -6.58
C LYS A 30 -7.67 -8.21 -7.04
N LEU A 31 -7.67 -7.05 -6.39
CA LEU A 31 -8.60 -5.98 -6.73
C LEU A 31 -8.40 -5.52 -8.16
N PRO A 32 -9.42 -4.87 -8.73
CA PRO A 32 -9.38 -4.35 -10.09
C PRO A 32 -8.42 -3.18 -10.24
N GLY A 33 -8.07 -2.86 -11.48
CA GLY A 33 -7.17 -1.74 -11.74
C GLY A 33 -7.62 -0.46 -11.06
N GLU A 34 -8.91 -0.17 -11.16
CA GLU A 34 -9.46 1.04 -10.56
C GLU A 34 -9.04 1.16 -9.09
N LYS A 35 -9.01 0.03 -8.40
CA LYS A 35 -8.62 0.00 -7.00
C LYS A 35 -7.13 0.27 -6.84
N LEU A 36 -6.33 -0.31 -7.73
CA LEU A 36 -4.88 -0.13 -7.69
C LEU A 36 -4.52 1.34 -7.80
N GLY A 37 -4.87 1.95 -8.93
CA GLY A 37 -4.56 3.36 -9.14
C GLY A 37 -4.88 4.21 -7.93
N ARG A 38 -5.95 3.86 -7.23
CA ARG A 38 -6.38 4.59 -6.04
C ARG A 38 -5.46 4.28 -4.86
N VAL A 39 -5.31 3.00 -4.57
CA VAL A 39 -4.47 2.56 -3.45
C VAL A 39 -3.01 2.95 -3.69
N VAL A 40 -2.46 2.49 -4.82
CA VAL A 40 -1.07 2.79 -5.17
C VAL A 40 -0.78 4.27 -5.02
N HIS A 41 -1.78 5.10 -5.28
CA HIS A 41 -1.63 6.55 -5.17
C HIS A 41 -1.41 6.97 -3.72
N ILE A 42 -2.11 6.31 -2.81
CA ILE A 42 -1.99 6.61 -1.39
C ILE A 42 -0.56 6.36 -0.89
N ILE A 43 -0.02 5.20 -1.25
CA ILE A 43 1.34 4.84 -0.84
C ILE A 43 2.33 5.92 -1.23
N GLN A 44 2.50 6.12 -2.54
CA GLN A 44 3.43 7.13 -3.04
C GLN A 44 3.14 8.50 -2.43
N SER A 45 1.89 8.69 -1.99
CA SER A 45 1.49 9.96 -1.39
C SER A 45 2.14 10.13 -0.02
N ARG A 46 2.29 9.04 0.70
CA ARG A 46 2.90 9.07 2.04
C ARG A 46 4.21 8.30 2.05
N GLU A 47 4.76 8.05 0.86
CA GLU A 47 6.02 7.32 0.74
C GLU A 47 7.15 8.25 0.29
N PRO A 48 7.91 8.76 1.25
CA PRO A 48 9.04 9.67 0.98
C PRO A 48 10.20 8.95 0.29
N SER A 49 10.38 7.68 0.62
CA SER A 49 11.46 6.89 0.05
C SER A 49 11.29 6.77 -1.46
N LEU A 50 10.05 6.87 -1.92
CA LEU A 50 9.75 6.76 -3.35
C LEU A 50 10.66 7.67 -4.16
N LYS A 51 11.56 7.07 -4.93
CA LYS A 51 12.50 7.82 -5.76
C LYS A 51 12.35 7.43 -7.23
N ASN A 52 11.12 7.14 -7.64
CA ASN A 52 10.84 6.75 -9.02
C ASN A 52 10.80 7.98 -9.93
N SER A 53 11.74 8.05 -10.86
CA SER A 53 11.81 9.17 -11.79
C SER A 53 10.53 9.30 -12.58
N ASN A 54 9.89 8.16 -12.86
CA ASN A 54 8.64 8.15 -13.62
C ASN A 54 7.46 7.85 -12.70
N PRO A 55 6.36 8.58 -12.90
CA PRO A 55 5.14 8.41 -12.11
C PRO A 55 4.42 7.09 -12.41
N ASP A 56 4.90 6.39 -13.44
CA ASP A 56 4.31 5.12 -13.84
C ASP A 56 5.03 3.95 -13.16
N GLU A 57 5.68 4.25 -12.03
CA GLU A 57 6.41 3.22 -11.28
C GLU A 57 6.33 3.49 -9.78
N ILE A 58 6.07 2.42 -9.02
CA ILE A 58 5.96 2.54 -7.57
C ILE A 58 6.65 1.37 -6.88
N GLU A 59 7.33 1.67 -5.77
CA GLU A 59 8.03 0.63 -5.01
C GLU A 59 7.49 0.55 -3.59
N ILE A 60 6.61 -0.42 -3.37
CA ILE A 60 6.02 -0.62 -2.04
C ILE A 60 6.91 -1.48 -1.16
N ASP A 61 7.50 -0.85 -0.14
CA ASP A 61 8.38 -1.57 0.78
C ASP A 61 7.93 -1.35 2.23
N PHE A 62 7.07 -2.24 2.70
CA PHE A 62 6.57 -2.15 4.07
C PHE A 62 7.71 -2.18 5.07
N GLU A 63 8.80 -2.85 4.70
CA GLU A 63 9.96 -2.96 5.58
C GLU A 63 10.39 -1.58 6.07
N THR A 64 10.16 -0.56 5.25
CA THR A 64 10.52 0.80 5.61
C THR A 64 9.29 1.70 5.70
N LEU A 65 8.24 1.32 5.00
CA LEU A 65 7.00 2.09 5.00
C LEU A 65 6.47 2.26 6.43
N LYS A 66 5.68 3.30 6.64
CA LYS A 66 5.11 3.57 7.95
C LYS A 66 3.78 2.86 8.13
N PRO A 67 3.33 2.72 9.39
CA PRO A 67 2.08 2.06 9.72
C PRO A 67 0.86 2.87 9.27
N SER A 68 0.99 4.19 9.30
CA SER A 68 -0.09 5.07 8.90
C SER A 68 -0.60 4.73 7.50
N THR A 69 0.33 4.65 6.56
CA THR A 69 -0.01 4.33 5.17
C THR A 69 -0.51 2.91 5.04
N LEU A 70 0.14 1.99 5.77
CA LEU A 70 -0.25 0.58 5.73
C LEU A 70 -1.74 0.42 5.98
N ARG A 71 -2.21 0.99 7.09
CA ARG A 71 -3.62 0.91 7.45
C ARG A 71 -4.48 1.68 6.46
N GLU A 72 -3.93 2.78 5.94
CA GLU A 72 -4.65 3.62 4.98
C GLU A 72 -5.18 2.77 3.83
N LEU A 73 -4.30 1.97 3.23
CA LEU A 73 -4.69 1.12 2.11
C LEU A 73 -5.75 0.10 2.54
N GLU A 74 -5.61 -0.41 3.76
CA GLU A 74 -6.55 -1.40 4.29
C GLU A 74 -7.96 -0.81 4.35
N ARG A 75 -8.03 0.51 4.51
CA ARG A 75 -9.32 1.18 4.59
C ARG A 75 -9.99 1.27 3.22
N TYR A 76 -9.17 1.46 2.19
CA TYR A 76 -9.67 1.57 0.82
C TYR A 76 -10.03 0.19 0.27
N VAL A 77 -9.14 -0.77 0.46
CA VAL A 77 -9.36 -2.13 -0.01
C VAL A 77 -10.64 -2.72 0.58
N THR A 78 -10.95 -2.32 1.81
CA THR A 78 -12.14 -2.81 2.50
C THR A 78 -13.40 -2.18 1.92
N SER A 79 -13.29 -0.91 1.52
CA SER A 79 -14.42 -0.19 0.95
C SER A 79 -14.88 -0.83 -0.35
N CYS A 80 -13.93 -1.34 -1.12
CA CYS A 80 -14.23 -1.98 -2.39
C CYS A 80 -14.52 -3.46 -2.20
N LEU A 81 -13.71 -4.11 -1.37
CA LEU A 81 -13.87 -5.53 -1.09
C LEU A 81 -15.18 -5.80 -0.36
N ARG A 82 -15.63 -4.82 0.41
CA ARG A 82 -16.87 -4.95 1.16
C ARG A 82 -18.02 -5.40 0.26
N LYS A 83 -18.60 -6.55 0.60
CA LYS A 83 -19.71 -7.10 -0.18
C LYS A 83 -20.52 -8.09 0.65
N LYS A 84 -19.82 -8.98 1.34
CA LYS A 84 -20.47 -9.98 2.18
C LYS A 84 -19.93 -9.93 3.61
N THR B 1 -3.44 -1.09 -18.04
CA THR B 1 -3.76 -1.07 -16.62
C THR B 1 -2.51 -1.17 -15.76
N TRP B 2 -2.69 -1.32 -14.46
CA TRP B 2 -1.58 -1.42 -13.54
C TRP B 2 -1.17 -2.88 -13.31
N ARG B 3 0.09 -3.10 -12.98
CA ARG B 3 0.59 -4.45 -12.75
C ARG B 3 1.11 -4.59 -11.32
N VAL B 4 1.46 -5.82 -10.95
CA VAL B 4 1.96 -6.09 -9.61
C VAL B 4 3.11 -7.11 -9.65
N GLN B 5 4.20 -6.79 -8.96
CA GLN B 5 5.36 -7.68 -8.91
C GLN B 5 5.98 -7.68 -7.53
N ARG B 6 5.89 -8.83 -6.85
CA ARG B 6 6.45 -8.96 -5.50
C ARG B 6 7.97 -9.10 -5.57
N SER B 7 8.62 -8.91 -4.42
CA SER B 7 10.07 -9.02 -4.33
C SER B 7 10.49 -9.98 -3.22
N GLN B 8 11.79 -10.07 -3.00
CA GLN B 8 12.32 -10.95 -1.96
C GLN B 8 11.93 -10.46 -0.58
N ASN B 9 11.73 -9.15 -0.46
CA ASN B 9 11.36 -8.55 0.82
C ASN B 9 10.23 -9.34 1.49
N PRO B 10 10.02 -9.08 2.79
CA PRO B 10 8.98 -9.76 3.57
C PRO B 10 7.58 -9.34 3.15
N LEU B 11 7.47 -8.15 2.56
CA LEU B 11 6.17 -7.65 2.11
C LEU B 11 6.36 -6.48 1.15
N LYS B 12 7.08 -6.72 0.05
CA LYS B 12 7.33 -5.70 -0.94
C LYS B 12 6.49 -5.94 -2.20
N ILE B 13 5.89 -4.87 -2.72
CA ILE B 13 5.07 -4.97 -3.91
C ILE B 13 5.39 -3.85 -4.90
N ARG B 14 5.96 -4.23 -6.05
CA ARG B 14 6.32 -3.25 -7.06
C ARG B 14 5.17 -3.03 -8.04
N LEU B 15 4.39 -1.97 -7.80
CA LEU B 15 3.26 -1.65 -8.65
C LEU B 15 3.63 -0.61 -9.69
N THR B 16 3.14 -0.79 -10.92
CA THR B 16 3.43 0.12 -12.01
C THR B 16 2.26 0.21 -12.99
N ARG B 17 2.07 1.38 -13.58
CA ARG B 17 0.98 1.59 -14.52
C ARG B 17 0.96 0.49 -15.57
N GLU A 6 -1.98 20.22 15.12
CA GLU A 6 -3.20 19.45 14.92
C GLU A 6 -2.89 18.14 14.20
N SER A 7 -3.10 17.03 14.90
CA SER A 7 -2.85 15.71 14.33
C SER A 7 -4.08 14.82 14.46
N GLU A 8 -4.36 14.38 15.69
CA GLU A 8 -5.51 13.52 15.95
C GLU A 8 -5.49 12.29 15.04
N GLU A 9 -4.37 11.57 15.05
CA GLU A 9 -4.22 10.38 14.23
C GLU A 9 -2.89 9.68 14.53
N GLU A 10 -1.79 10.43 14.45
CA GLU A 10 -0.47 9.88 14.71
C GLU A 10 -0.43 9.17 16.06
N ASP A 11 -1.14 9.72 17.03
CA ASP A 11 -1.20 9.13 18.36
C ASP A 11 -1.93 7.80 18.35
N LYS A 12 -2.96 7.71 17.51
CA LYS A 12 -3.75 6.49 17.39
C LYS A 12 -3.23 5.61 16.26
N CYS A 13 -2.00 5.86 15.85
CA CYS A 13 -1.38 5.07 14.77
C CYS A 13 -0.66 3.85 15.33
N LYS A 14 -1.26 2.69 15.12
CA LYS A 14 -0.67 1.43 15.60
C LYS A 14 0.09 0.73 14.50
N PRO A 15 1.00 -0.17 14.89
CA PRO A 15 1.83 -0.93 13.94
C PRO A 15 1.01 -1.96 13.16
N MET A 16 1.56 -2.41 12.04
CA MET A 16 0.88 -3.40 11.20
C MET A 16 1.79 -4.59 10.93
N SER A 17 1.40 -5.75 11.45
CA SER A 17 2.18 -6.97 11.26
C SER A 17 2.21 -7.38 9.80
N TYR A 18 3.20 -8.19 9.43
CA TYR A 18 3.35 -8.64 8.06
C TYR A 18 2.18 -9.54 7.66
N GLU A 19 1.66 -10.29 8.63
CA GLU A 19 0.54 -11.19 8.37
C GLU A 19 -0.61 -10.44 7.69
N GLU A 20 -1.17 -9.46 8.39
CA GLU A 20 -2.28 -8.68 7.84
C GLU A 20 -1.90 -8.06 6.51
N LYS A 21 -0.62 -7.76 6.34
CA LYS A 21 -0.13 -7.16 5.11
C LYS A 21 -0.14 -8.17 3.97
N ARG A 22 0.26 -9.41 4.27
CA ARG A 22 0.30 -10.46 3.27
C ARG A 22 -1.05 -10.56 2.54
N GLN A 23 -2.12 -10.26 3.26
CA GLN A 23 -3.46 -10.33 2.68
C GLN A 23 -3.75 -9.09 1.84
N LEU A 24 -3.22 -7.95 2.26
CA LEU A 24 -3.41 -6.69 1.55
C LEU A 24 -2.67 -6.71 0.22
N SER A 25 -1.44 -7.21 0.24
CA SER A 25 -0.61 -7.27 -0.96
C SER A 25 -1.30 -8.10 -2.05
N LEU A 26 -1.83 -9.25 -1.65
CA LEU A 26 -2.51 -10.14 -2.58
C LEU A 26 -3.88 -9.59 -2.96
N ASP A 27 -4.69 -9.29 -1.94
CA ASP A 27 -6.02 -8.75 -2.16
C ASP A 27 -5.98 -7.54 -3.10
N ILE A 28 -5.27 -6.50 -2.68
CA ILE A 28 -5.15 -5.29 -3.48
C ILE A 28 -4.67 -5.61 -4.89
N ASN A 29 -3.77 -6.58 -5.00
CA ASN A 29 -3.22 -6.98 -6.29
C ASN A 29 -4.32 -7.59 -7.17
N LYS A 30 -5.23 -8.33 -6.54
CA LYS A 30 -6.32 -8.97 -7.25
C LYS A 30 -7.37 -7.94 -7.69
N LEU A 31 -7.48 -6.86 -6.92
CA LEU A 31 -8.44 -5.81 -7.23
C LEU A 31 -8.16 -5.20 -8.61
N PRO A 32 -9.17 -4.51 -9.16
CA PRO A 32 -9.06 -3.87 -10.48
C PRO A 32 -8.12 -2.67 -10.46
N GLY A 33 -7.70 -2.24 -11.65
CA GLY A 33 -6.80 -1.10 -11.75
C GLY A 33 -7.35 0.13 -11.06
N GLU A 34 -8.67 0.30 -11.10
CA GLU A 34 -9.31 1.45 -10.48
C GLU A 34 -9.15 1.41 -8.96
N LYS A 35 -9.28 0.21 -8.39
CA LYS A 35 -9.17 0.04 -6.95
C LYS A 35 -7.70 0.15 -6.51
N LEU A 36 -6.81 -0.48 -7.27
CA LEU A 36 -5.38 -0.44 -6.97
C LEU A 36 -4.82 0.96 -7.15
N GLY A 37 -5.16 1.59 -8.27
CA GLY A 37 -4.68 2.94 -8.55
C GLY A 37 -4.85 3.87 -7.36
N ARG A 38 -6.02 3.78 -6.72
CA ARG A 38 -6.31 4.63 -5.56
C ARG A 38 -5.35 4.33 -4.42
N VAL A 39 -5.15 3.04 -4.11
CA VAL A 39 -4.26 2.64 -3.04
C VAL A 39 -2.83 3.08 -3.33
N VAL A 40 -2.28 2.61 -4.45
CA VAL A 40 -0.92 2.96 -4.84
C VAL A 40 -0.70 4.47 -4.78
N HIS A 41 -1.77 5.22 -5.00
CA HIS A 41 -1.70 6.68 -4.97
C HIS A 41 -1.40 7.19 -3.56
N ILE A 42 -1.96 6.50 -2.57
CA ILE A 42 -1.76 6.88 -1.18
C ILE A 42 -0.32 6.63 -0.74
N ILE A 43 0.27 5.54 -1.25
CA ILE A 43 1.64 5.20 -0.92
C ILE A 43 2.64 6.15 -1.59
N GLN A 44 2.53 6.27 -2.91
CA GLN A 44 3.40 7.14 -3.67
C GLN A 44 3.25 8.59 -3.23
N SER A 45 2.14 8.88 -2.55
CA SER A 45 1.87 10.23 -2.08
C SER A 45 2.30 10.40 -0.62
N ARG A 46 2.17 9.33 0.15
CA ARG A 46 2.54 9.35 1.56
C ARG A 46 4.06 9.20 1.73
N GLU A 47 4.67 8.45 0.82
CA GLU A 47 6.11 8.23 0.86
C GLU A 47 6.86 9.35 0.14
N PRO A 48 7.77 10.02 0.86
CA PRO A 48 8.56 11.12 0.32
C PRO A 48 9.59 10.64 -0.71
N SER A 49 10.25 9.53 -0.40
CA SER A 49 11.26 8.98 -1.29
C SER A 49 10.64 8.57 -2.62
N LEU A 50 9.38 8.16 -2.58
CA LEU A 50 8.67 7.74 -3.78
C LEU A 50 8.59 8.89 -4.79
N LYS A 51 7.75 8.71 -5.81
CA LYS A 51 7.57 9.73 -6.84
C LYS A 51 8.82 9.85 -7.70
N ASN A 52 9.30 8.72 -8.21
CA ASN A 52 10.48 8.70 -9.06
C ASN A 52 10.28 9.55 -10.31
N SER A 53 11.23 9.47 -11.23
CA SER A 53 11.16 10.24 -12.46
C SER A 53 9.88 9.93 -13.23
N ASN A 54 9.39 8.70 -13.08
CA ASN A 54 8.18 8.27 -13.74
C ASN A 54 7.12 7.83 -12.74
N PRO A 55 5.94 8.47 -12.80
CA PRO A 55 4.83 8.17 -11.90
C PRO A 55 4.21 6.81 -12.18
N ASP A 56 4.70 6.14 -13.23
CA ASP A 56 4.19 4.83 -13.61
C ASP A 56 4.97 3.73 -12.90
N GLU A 57 5.59 4.07 -11.77
CA GLU A 57 6.38 3.12 -11.00
C GLU A 57 6.25 3.40 -9.50
N ILE A 58 6.03 2.34 -8.73
CA ILE A 58 5.90 2.49 -7.28
C ILE A 58 6.55 1.31 -6.56
N GLU A 59 7.27 1.61 -5.48
CA GLU A 59 7.96 0.58 -4.70
C GLU A 59 7.38 0.50 -3.28
N ILE A 60 6.47 -0.44 -3.08
CA ILE A 60 5.84 -0.63 -1.78
C ILE A 60 6.61 -1.64 -0.94
N ASP A 61 7.27 -1.16 0.10
CA ASP A 61 8.03 -2.02 0.99
C ASP A 61 7.65 -1.80 2.45
N PHE A 62 6.77 -2.64 2.95
CA PHE A 62 6.30 -2.53 4.34
C PHE A 62 7.47 -2.66 5.31
N GLU A 63 8.58 -3.23 4.83
CA GLU A 63 9.76 -3.41 5.66
C GLU A 63 10.31 -2.06 6.12
N THR A 64 10.10 -1.03 5.31
CA THR A 64 10.58 0.31 5.62
C THR A 64 9.42 1.29 5.75
N LEU A 65 8.32 0.99 5.07
CA LEU A 65 7.13 1.84 5.10
C LEU A 65 6.66 2.06 6.53
N LYS A 66 5.90 3.13 6.75
CA LYS A 66 5.38 3.44 8.08
C LYS A 66 4.03 2.75 8.30
N PRO A 67 3.63 2.64 9.57
CA PRO A 67 2.36 2.00 9.96
C PRO A 67 1.16 2.84 9.54
N SER A 68 1.33 4.16 9.55
CA SER A 68 0.25 5.07 9.18
C SER A 68 -0.22 4.82 7.76
N THR A 69 0.71 4.87 6.82
CA THR A 69 0.41 4.64 5.41
C THR A 69 -0.10 3.22 5.18
N LEU A 70 0.51 2.27 5.88
CA LEU A 70 0.13 0.86 5.75
C LEU A 70 -1.37 0.69 5.96
N ARG A 71 -1.85 1.06 7.14
CA ARG A 71 -3.28 0.95 7.45
C ARG A 71 -4.12 1.78 6.48
N GLU A 72 -3.58 2.91 6.06
CA GLU A 72 -4.28 3.79 5.14
C GLU A 72 -4.81 3.01 3.94
N LEU A 73 -4.04 2.02 3.51
CA LEU A 73 -4.42 1.20 2.36
C LEU A 73 -5.49 0.18 2.76
N GLU A 74 -5.30 -0.45 3.92
CA GLU A 74 -6.25 -1.44 4.41
C GLU A 74 -7.63 -0.81 4.63
N ARG A 75 -7.64 0.47 4.96
CA ARG A 75 -8.89 1.18 5.20
C ARG A 75 -9.62 1.46 3.89
N TYR A 76 -8.84 1.74 2.85
CA TYR A 76 -9.40 2.05 1.54
C TYR A 76 -9.81 0.76 0.82
N VAL A 77 -8.92 -0.23 0.83
CA VAL A 77 -9.20 -1.51 0.18
C VAL A 77 -10.47 -2.15 0.73
N THR A 78 -10.73 -1.90 2.01
CA THR A 78 -11.91 -2.46 2.66
C THR A 78 -13.18 -1.73 2.20
N SER A 79 -13.10 -0.41 2.10
CA SER A 79 -14.24 0.39 1.67
C SER A 79 -14.63 0.07 0.23
N CYS A 80 -13.63 -0.23 -0.59
CA CYS A 80 -13.86 -0.56 -1.99
C CYS A 80 -14.24 -2.04 -2.15
N LEU A 81 -13.61 -2.89 -1.34
CA LEU A 81 -13.87 -4.32 -1.40
C LEU A 81 -14.98 -4.70 -0.42
N ARG A 82 -15.71 -3.70 0.07
CA ARG A 82 -16.80 -3.94 1.01
C ARG A 82 -17.64 -2.68 1.18
N LYS A 83 -18.93 -2.78 0.86
CA LYS A 83 -19.84 -1.65 0.98
C LYS A 83 -21.17 -2.09 1.61
N LYS A 84 -21.28 -1.90 2.92
CA LYS A 84 -22.50 -2.27 3.63
C LYS A 84 -23.00 -1.12 4.48
N THR B 1 -4.04 -2.31 -17.53
CA THR B 1 -4.22 -2.07 -16.10
C THR B 1 -2.89 -2.04 -15.37
N TRP B 2 -2.94 -1.96 -14.04
CA TRP B 2 -1.73 -1.92 -13.23
C TRP B 2 -1.23 -3.32 -12.93
N ARG B 3 0.04 -3.43 -12.57
CA ARG B 3 0.64 -4.72 -12.25
C ARG B 3 1.56 -4.61 -11.04
N VAL B 4 1.87 -5.76 -10.44
CA VAL B 4 2.74 -5.79 -9.27
C VAL B 4 3.79 -6.90 -9.39
N GLN B 5 4.86 -6.77 -8.63
CA GLN B 5 5.95 -7.76 -8.66
C GLN B 5 6.60 -7.89 -7.28
N ARG B 6 6.24 -8.93 -6.55
CA ARG B 6 6.79 -9.17 -5.23
C ARG B 6 8.29 -9.41 -5.30
N SER B 7 8.98 -9.18 -4.18
CA SER B 7 10.43 -9.37 -4.12
C SER B 7 10.80 -10.23 -2.92
N GLN B 8 12.11 -10.45 -2.75
CA GLN B 8 12.61 -11.26 -1.65
C GLN B 8 12.13 -10.71 -0.31
N ASN B 9 11.84 -9.41 -0.28
CA ASN B 9 11.36 -8.76 0.94
C ASN B 9 10.27 -9.59 1.61
N PRO B 10 10.01 -9.30 2.89
CA PRO B 10 8.99 -10.01 3.67
C PRO B 10 7.57 -9.67 3.20
N LEU B 11 7.43 -8.56 2.50
CA LEU B 11 6.14 -8.13 1.99
C LEU B 11 6.27 -6.85 1.17
N LYS B 12 7.03 -6.92 0.10
CA LYS B 12 7.24 -5.76 -0.78
C LYS B 12 6.60 -5.99 -2.14
N ILE B 13 5.64 -5.13 -2.48
CA ILE B 13 4.94 -5.23 -3.76
C ILE B 13 5.17 -3.98 -4.61
N ARG B 14 5.94 -4.14 -5.67
CA ARG B 14 6.23 -3.03 -6.57
C ARG B 14 5.12 -2.85 -7.60
N LEU B 15 4.24 -1.90 -7.36
CA LEU B 15 3.13 -1.63 -8.27
C LEU B 15 3.57 -0.73 -9.42
N THR B 16 3.02 -0.98 -10.61
CA THR B 16 3.36 -0.19 -11.79
C THR B 16 2.19 -0.15 -12.77
N ARG B 17 2.02 0.99 -13.43
CA ARG B 17 0.95 1.15 -14.41
C ARG B 17 0.91 -0.02 -15.38
N GLU A 6 0.17 16.86 23.40
CA GLU A 6 -0.92 16.49 22.51
C GLU A 6 -0.39 15.78 21.27
N SER A 7 -1.12 14.76 20.83
CA SER A 7 -0.71 13.99 19.65
C SER A 7 -1.94 13.58 18.83
N GLU A 8 -2.16 14.26 17.72
CA GLU A 8 -3.27 13.97 16.84
C GLU A 8 -2.85 13.10 15.66
N GLU A 9 -1.91 12.19 15.92
CA GLU A 9 -1.41 11.29 14.89
C GLU A 9 -0.39 10.31 15.45
N GLU A 10 -0.67 9.82 16.65
CA GLU A 10 0.23 8.87 17.31
C GLU A 10 -0.54 7.64 17.82
N ASP A 11 -1.50 7.88 18.70
CA ASP A 11 -2.31 6.80 19.26
C ASP A 11 -3.26 6.24 18.20
N LYS A 12 -3.76 7.11 17.33
CA LYS A 12 -4.68 6.70 16.28
C LYS A 12 -3.98 5.79 15.27
N CYS A 13 -2.67 6.00 15.09
CA CYS A 13 -1.90 5.19 14.16
C CYS A 13 -1.30 3.97 14.86
N LYS A 14 -1.87 2.81 14.60
CA LYS A 14 -1.40 1.57 15.20
C LYS A 14 -0.46 0.82 14.24
N PRO A 15 0.42 -0.02 14.81
CA PRO A 15 1.38 -0.81 14.03
C PRO A 15 0.70 -1.91 13.22
N MET A 16 1.39 -2.38 12.18
CA MET A 16 0.84 -3.43 11.33
C MET A 16 1.90 -4.49 11.04
N SER A 17 1.69 -5.70 11.55
CA SER A 17 2.62 -6.80 11.36
C SER A 17 2.54 -7.33 9.93
N TYR A 18 3.34 -8.35 9.64
CA TYR A 18 3.36 -8.95 8.32
C TYR A 18 2.03 -9.61 8.00
N GLU A 19 1.34 -10.07 9.03
CA GLU A 19 0.04 -10.72 8.87
C GLU A 19 -0.92 -9.82 8.08
N GLU A 20 -1.23 -8.65 8.63
CA GLU A 20 -2.13 -7.71 7.98
C GLU A 20 -1.49 -7.14 6.72
N LYS A 21 -0.17 -6.98 6.76
CA LYS A 21 0.56 -6.43 5.62
C LYS A 21 0.38 -7.31 4.39
N ARG A 22 0.75 -8.57 4.51
CA ARG A 22 0.64 -9.52 3.41
C ARG A 22 -0.77 -9.51 2.83
N GLN A 23 -1.76 -9.27 3.68
CA GLN A 23 -3.15 -9.23 3.26
C GLN A 23 -3.38 -8.10 2.25
N LEU A 24 -2.66 -7.01 2.43
CA LEU A 24 -2.78 -5.86 1.54
C LEU A 24 -2.21 -6.17 0.17
N SER A 25 -0.95 -6.62 0.15
CA SER A 25 -0.28 -6.95 -1.11
C SER A 25 -1.14 -7.89 -1.95
N LEU A 26 -1.82 -8.81 -1.29
CA LEU A 26 -2.68 -9.77 -1.98
C LEU A 26 -4.03 -9.15 -2.32
N ASP A 27 -4.75 -8.70 -1.29
CA ASP A 27 -6.05 -8.08 -1.49
C ASP A 27 -5.99 -7.02 -2.59
N ILE A 28 -5.17 -6.00 -2.38
CA ILE A 28 -5.02 -4.92 -3.35
C ILE A 28 -4.68 -5.48 -4.73
N ASN A 29 -3.81 -6.48 -4.76
CA ASN A 29 -3.40 -7.10 -6.02
C ASN A 29 -4.59 -7.74 -6.72
N LYS A 30 -5.44 -8.40 -5.95
CA LYS A 30 -6.62 -9.06 -6.49
C LYS A 30 -7.64 -8.04 -6.98
N LEU A 31 -7.62 -6.86 -6.36
CA LEU A 31 -8.56 -5.80 -6.73
C LEU A 31 -8.32 -5.35 -8.17
N PRO A 32 -9.34 -4.68 -8.75
CA PRO A 32 -9.26 -4.19 -10.13
C PRO A 32 -8.29 -3.03 -10.28
N GLY A 33 -7.92 -2.72 -11.52
CA GLY A 33 -7.00 -1.63 -11.77
C GLY A 33 -7.40 -0.35 -11.06
N GLU A 34 -8.61 0.13 -11.34
CA GLU A 34 -9.12 1.35 -10.72
C GLU A 34 -8.94 1.31 -9.20
N LYS A 35 -9.19 0.13 -8.63
CA LYS A 35 -9.06 -0.04 -7.19
C LYS A 35 -7.60 0.08 -6.75
N LEU A 36 -6.70 -0.48 -7.55
CA LEU A 36 -5.28 -0.44 -7.24
C LEU A 36 -4.74 0.98 -7.38
N GLY A 37 -5.05 1.61 -8.50
CA GLY A 37 -4.59 2.97 -8.74
C GLY A 37 -4.76 3.86 -7.52
N ARG A 38 -5.87 3.70 -6.81
CA ARG A 38 -6.14 4.49 -5.62
C ARG A 38 -5.16 4.14 -4.50
N VAL A 39 -5.00 2.85 -4.24
CA VAL A 39 -4.10 2.38 -3.19
C VAL A 39 -2.66 2.81 -3.48
N VAL A 40 -2.16 2.43 -4.65
CA VAL A 40 -0.80 2.78 -5.05
C VAL A 40 -0.54 4.27 -4.86
N HIS A 41 -1.57 5.08 -5.08
CA HIS A 41 -1.45 6.53 -4.93
C HIS A 41 -1.15 6.91 -3.49
N ILE A 42 -1.71 6.14 -2.55
CA ILE A 42 -1.50 6.40 -1.14
C ILE A 42 -0.06 6.11 -0.73
N ILE A 43 0.34 4.86 -0.89
CA ILE A 43 1.69 4.44 -0.54
C ILE A 43 2.74 5.31 -1.23
N GLN A 44 2.52 5.57 -2.52
CA GLN A 44 3.43 6.40 -3.30
C GLN A 44 3.36 7.85 -2.86
N SER A 45 2.32 8.19 -2.10
CA SER A 45 2.13 9.55 -1.62
C SER A 45 2.79 9.75 -0.27
N ARG A 46 2.76 8.70 0.56
CA ARG A 46 3.36 8.76 1.89
C ARG A 46 4.82 8.32 1.85
N GLU A 47 5.12 7.38 0.96
CA GLU A 47 6.47 6.87 0.81
C GLU A 47 7.48 8.01 0.65
N PRO A 48 8.50 8.03 1.52
CA PRO A 48 9.53 9.06 1.50
C PRO A 48 10.45 8.93 0.30
N SER A 49 10.83 7.70 -0.03
CA SER A 49 11.72 7.45 -1.16
C SER A 49 11.04 7.84 -2.47
N LEU A 50 9.73 7.62 -2.54
CA LEU A 50 8.96 7.94 -3.74
C LEU A 50 9.21 9.39 -4.16
N LYS A 51 10.02 9.56 -5.20
CA LYS A 51 10.35 10.89 -5.72
C LYS A 51 10.89 10.81 -7.14
N ASN A 52 10.36 9.87 -7.91
CA ASN A 52 10.79 9.68 -9.29
C ASN A 52 9.86 10.41 -10.27
N SER A 53 10.36 10.69 -11.46
CA SER A 53 9.58 11.39 -12.47
C SER A 53 8.76 10.39 -13.30
N ASN A 54 8.78 9.13 -12.88
CA ASN A 54 8.04 8.09 -13.58
C ASN A 54 6.90 7.56 -12.72
N PRO A 55 5.71 8.17 -12.88
CA PRO A 55 4.52 7.78 -12.13
C PRO A 55 3.98 6.42 -12.56
N ASP A 56 4.55 5.88 -13.63
CA ASP A 56 4.13 4.58 -14.14
C ASP A 56 4.85 3.44 -13.41
N GLU A 57 5.61 3.80 -12.38
CA GLU A 57 6.35 2.82 -11.61
C GLU A 57 6.42 3.23 -10.14
N ILE A 58 6.22 2.25 -9.25
CA ILE A 58 6.26 2.51 -7.82
C ILE A 58 6.89 1.34 -7.07
N GLU A 59 7.67 1.65 -6.04
CA GLU A 59 8.33 0.62 -5.24
C GLU A 59 7.86 0.68 -3.79
N ILE A 60 6.91 -0.19 -3.45
CA ILE A 60 6.38 -0.24 -2.09
C ILE A 60 7.16 -1.22 -1.23
N ASP A 61 7.93 -0.70 -0.29
CA ASP A 61 8.72 -1.53 0.60
C ASP A 61 8.16 -1.49 2.02
N PHE A 62 7.35 -2.50 2.35
CA PHE A 62 6.75 -2.58 3.67
C PHE A 62 7.81 -2.57 4.77
N GLU A 63 9.02 -3.02 4.41
CA GLU A 63 10.13 -3.07 5.36
C GLU A 63 10.39 -1.68 5.94
N THR A 64 10.32 -0.66 5.09
CA THR A 64 10.56 0.71 5.53
C THR A 64 9.25 1.48 5.64
N LEU A 65 8.21 0.99 4.99
CA LEU A 65 6.90 1.63 5.02
C LEU A 65 6.42 1.80 6.46
N LYS A 66 5.72 2.91 6.72
CA LYS A 66 5.20 3.19 8.05
C LYS A 66 3.81 2.58 8.23
N PRO A 67 3.39 2.45 9.49
CA PRO A 67 2.08 1.88 9.82
C PRO A 67 0.93 2.80 9.43
N SER A 68 1.17 4.11 9.50
CA SER A 68 0.15 5.10 9.16
C SER A 68 -0.33 4.89 7.72
N THR A 69 0.61 4.65 6.81
CA THR A 69 0.27 4.44 5.40
C THR A 69 -0.37 3.08 5.20
N LEU A 70 0.19 2.06 5.83
CA LEU A 70 -0.34 0.70 5.72
C LEU A 70 -1.83 0.68 6.02
N ARG A 71 -2.20 1.09 7.23
CA ARG A 71 -3.60 1.11 7.64
C ARG A 71 -4.45 1.88 6.63
N GLU A 72 -3.90 2.96 6.10
CA GLU A 72 -4.61 3.78 5.13
C GLU A 72 -5.11 2.93 3.96
N LEU A 73 -4.33 1.91 3.61
CA LEU A 73 -4.70 1.02 2.51
C LEU A 73 -5.81 0.05 2.94
N GLU A 74 -5.56 -0.70 4.00
CA GLU A 74 -6.53 -1.65 4.51
C GLU A 74 -7.89 -0.99 4.72
N ARG A 75 -7.87 0.29 5.05
CA ARG A 75 -9.09 1.05 5.29
C ARG A 75 -9.81 1.33 3.98
N TYR A 76 -9.03 1.57 2.92
CA TYR A 76 -9.59 1.86 1.61
C TYR A 76 -10.06 0.58 0.92
N VAL A 77 -9.19 -0.42 0.90
CA VAL A 77 -9.52 -1.70 0.27
C VAL A 77 -10.82 -2.28 0.83
N THR A 78 -11.07 -2.02 2.11
CA THR A 78 -12.27 -2.51 2.76
C THR A 78 -13.46 -1.60 2.48
N SER A 79 -13.19 -0.30 2.36
CA SER A 79 -14.24 0.68 2.09
C SER A 79 -14.73 0.56 0.65
N CYS A 80 -13.83 0.22 -0.26
CA CYS A 80 -14.17 0.08 -1.67
C CYS A 80 -14.73 -1.31 -1.95
N LEU A 81 -14.01 -2.34 -1.50
CA LEU A 81 -14.43 -3.72 -1.72
C LEU A 81 -15.66 -4.05 -0.86
N ARG A 82 -15.79 -3.36 0.26
CA ARG A 82 -16.91 -3.58 1.16
C ARG A 82 -16.91 -5.01 1.70
N LYS A 83 -15.88 -5.34 2.47
CA LYS A 83 -15.76 -6.67 3.05
C LYS A 83 -16.65 -6.82 4.28
N LYS A 84 -17.16 -8.02 4.49
CA LYS A 84 -18.03 -8.29 5.63
C LYS A 84 -19.18 -7.28 5.70
N THR B 1 -3.84 -2.00 -17.76
CA THR B 1 -4.07 -1.84 -16.34
C THR B 1 -2.75 -1.83 -15.57
N TRP B 2 -2.85 -1.80 -14.24
CA TRP B 2 -1.66 -1.78 -13.39
C TRP B 2 -1.18 -3.20 -13.10
N ARG B 3 0.07 -3.33 -12.67
CA ARG B 3 0.63 -4.64 -12.36
C ARG B 3 1.50 -4.56 -11.11
N VAL B 4 1.81 -5.73 -10.54
CA VAL B 4 2.63 -5.80 -9.34
C VAL B 4 3.66 -6.92 -9.42
N GLN B 5 4.83 -6.69 -8.86
CA GLN B 5 5.89 -7.68 -8.88
C GLN B 5 6.59 -7.78 -7.52
N ARG B 6 6.22 -8.77 -6.74
CA ARG B 6 6.80 -8.96 -5.41
C ARG B 6 8.32 -8.99 -5.49
N SER B 7 8.96 -8.97 -4.32
CA SER B 7 10.42 -8.99 -4.26
C SER B 7 10.90 -9.91 -3.14
N GLN B 8 12.19 -9.84 -2.84
CA GLN B 8 12.78 -10.68 -1.80
C GLN B 8 12.32 -10.22 -0.42
N ASN B 9 12.02 -8.93 -0.29
CA ASN B 9 11.56 -8.37 0.98
C ASN B 9 10.46 -9.23 1.58
N PRO B 10 10.18 -9.00 2.87
CA PRO B 10 9.14 -9.75 3.60
C PRO B 10 7.73 -9.40 3.13
N LEU B 11 7.63 -8.32 2.37
CA LEU B 11 6.34 -7.87 1.84
C LEU B 11 6.50 -6.64 0.98
N LYS B 12 7.29 -6.77 -0.08
CA LYS B 12 7.52 -5.65 -1.00
C LYS B 12 6.83 -5.89 -2.33
N ILE B 13 5.91 -4.99 -2.70
CA ILE B 13 5.18 -5.11 -3.94
C ILE B 13 5.36 -3.87 -4.81
N ARG B 14 6.05 -4.03 -5.93
CA ARG B 14 6.31 -2.92 -6.84
C ARG B 14 5.16 -2.77 -7.84
N LEU B 15 4.35 -1.73 -7.63
CA LEU B 15 3.22 -1.46 -8.51
C LEU B 15 3.62 -0.57 -9.66
N THR B 16 3.10 -0.88 -10.85
CA THR B 16 3.40 -0.10 -12.05
C THR B 16 2.22 -0.05 -13.00
N ARG B 17 2.03 1.09 -13.65
CA ARG B 17 0.92 1.26 -14.58
C ARG B 17 0.86 0.11 -15.57
N GLU A 6 1.30 18.58 20.60
CA GLU A 6 0.55 17.35 20.78
C GLU A 6 0.20 16.71 19.44
N SER A 7 0.18 15.39 19.40
CA SER A 7 -0.12 14.65 18.17
C SER A 7 -1.49 13.99 18.27
N GLU A 8 -1.56 12.92 19.04
CA GLU A 8 -2.80 12.18 19.21
C GLU A 8 -3.35 11.70 17.87
N GLU A 9 -2.45 11.28 16.98
CA GLU A 9 -2.83 10.81 15.67
C GLU A 9 -1.65 10.16 14.95
N GLU A 10 -0.69 10.98 14.56
CA GLU A 10 0.50 10.48 13.86
C GLU A 10 1.22 9.43 14.70
N ASP A 11 1.22 9.63 16.01
CA ASP A 11 1.88 8.69 16.93
C ASP A 11 0.89 7.65 17.44
N LYS A 12 -0.38 8.02 17.47
CA LYS A 12 -1.43 7.12 17.94
C LYS A 12 -1.57 5.91 17.02
N CYS A 13 -1.25 6.10 15.74
CA CYS A 13 -1.33 5.03 14.76
C CYS A 13 -0.63 3.77 15.28
N LYS A 14 -1.24 2.62 15.04
CA LYS A 14 -0.68 1.34 15.48
C LYS A 14 0.05 0.66 14.33
N PRO A 15 1.02 -0.20 14.69
CA PRO A 15 1.82 -0.94 13.71
C PRO A 15 1.01 -2.02 12.99
N MET A 16 1.50 -2.46 11.84
CA MET A 16 0.82 -3.49 11.06
C MET A 16 1.73 -4.68 10.81
N SER A 17 1.46 -5.78 11.51
CA SER A 17 2.26 -6.99 11.37
C SER A 17 2.13 -7.56 9.96
N TYR A 18 3.20 -8.20 9.49
CA TYR A 18 3.21 -8.79 8.16
C TYR A 18 1.91 -9.55 7.89
N GLU A 19 1.38 -10.19 8.93
CA GLU A 19 0.15 -10.95 8.81
C GLU A 19 -0.94 -10.12 8.12
N GLU A 20 -1.12 -8.89 8.60
CA GLU A 20 -2.13 -8.01 8.03
C GLU A 20 -1.62 -7.36 6.74
N LYS A 21 -0.33 -7.09 6.69
CA LYS A 21 0.28 -6.48 5.52
C LYS A 21 0.12 -7.37 4.29
N ARG A 22 0.26 -8.68 4.49
CA ARG A 22 0.13 -9.63 3.40
C ARG A 22 -1.31 -9.70 2.90
N GLN A 23 -2.26 -9.77 3.84
CA GLN A 23 -3.67 -9.84 3.49
C GLN A 23 -4.07 -8.66 2.61
N LEU A 24 -3.37 -7.53 2.78
CA LEU A 24 -3.66 -6.34 1.99
C LEU A 24 -2.91 -6.36 0.67
N SER A 25 -1.76 -7.04 0.65
CA SER A 25 -0.95 -7.15 -0.56
C SER A 25 -1.69 -7.92 -1.65
N LEU A 26 -2.26 -9.05 -1.26
CA LEU A 26 -3.00 -9.90 -2.20
C LEU A 26 -4.38 -9.32 -2.47
N ASP A 27 -5.03 -8.83 -1.43
CA ASP A 27 -6.36 -8.25 -1.55
C ASP A 27 -6.40 -7.22 -2.68
N ILE A 28 -5.55 -6.21 -2.58
CA ILE A 28 -5.50 -5.16 -3.59
C ILE A 28 -5.19 -5.74 -4.97
N ASN A 29 -4.30 -6.73 -5.00
CA ASN A 29 -3.93 -7.38 -6.25
C ASN A 29 -5.13 -8.00 -6.93
N LYS A 30 -6.03 -8.58 -6.13
CA LYS A 30 -7.24 -9.21 -6.65
C LYS A 30 -8.22 -8.16 -7.18
N LEU A 31 -8.16 -6.96 -6.62
CA LEU A 31 -9.03 -5.87 -7.04
C LEU A 31 -8.68 -5.41 -8.45
N PRO A 32 -9.63 -4.72 -9.10
CA PRO A 32 -9.44 -4.19 -10.45
C PRO A 32 -8.44 -3.05 -10.50
N GLY A 33 -7.97 -2.72 -11.70
CA GLY A 33 -7.01 -1.64 -11.86
C GLY A 33 -7.47 -0.36 -11.19
N GLU A 34 -8.74 -0.01 -11.39
CA GLU A 34 -9.30 1.19 -10.82
C GLU A 34 -8.98 1.29 -9.33
N LYS A 35 -9.04 0.15 -8.64
CA LYS A 35 -8.76 0.10 -7.20
C LYS A 35 -7.26 0.28 -6.95
N LEU A 36 -6.45 -0.27 -7.85
CA LEU A 36 -5.00 -0.17 -7.72
C LEU A 36 -4.53 1.28 -7.80
N GLY A 37 -4.75 1.90 -8.96
CA GLY A 37 -4.35 3.28 -9.15
C GLY A 37 -4.69 4.15 -7.95
N ARG A 38 -5.81 3.86 -7.30
CA ARG A 38 -6.25 4.62 -6.14
C ARG A 38 -5.38 4.29 -4.92
N VAL A 39 -5.29 3.00 -4.61
CA VAL A 39 -4.50 2.56 -3.47
C VAL A 39 -3.02 2.85 -3.68
N VAL A 40 -2.49 2.41 -4.81
CA VAL A 40 -1.08 2.62 -5.13
C VAL A 40 -0.69 4.08 -4.92
N HIS A 41 -1.63 4.98 -5.15
CA HIS A 41 -1.39 6.41 -4.98
C HIS A 41 -1.25 6.77 -3.51
N ILE A 42 -2.04 6.12 -2.67
CA ILE A 42 -2.00 6.36 -1.22
C ILE A 42 -0.59 6.15 -0.68
N ILE A 43 0.09 5.14 -1.19
CA ILE A 43 1.45 4.83 -0.75
C ILE A 43 2.41 5.96 -1.11
N GLN A 44 2.62 6.17 -2.41
CA GLN A 44 3.52 7.20 -2.89
C GLN A 44 3.14 8.56 -2.29
N SER A 45 1.88 8.70 -1.90
CA SER A 45 1.40 9.94 -1.32
C SER A 45 1.96 10.15 0.08
N ARG A 46 2.13 9.05 0.81
CA ARG A 46 2.66 9.11 2.17
C ARG A 46 4.01 8.40 2.25
N GLU A 47 4.64 8.19 1.10
CA GLU A 47 5.94 7.53 1.04
C GLU A 47 7.03 8.52 0.65
N PRO A 48 7.84 8.93 1.65
CA PRO A 48 8.93 9.88 1.44
C PRO A 48 10.08 9.26 0.64
N SER A 49 10.28 7.96 0.81
CA SER A 49 11.35 7.26 0.12
C SER A 49 11.08 7.19 -1.37
N LEU A 50 9.80 7.12 -1.73
CA LEU A 50 9.40 7.05 -3.13
C LEU A 50 10.00 8.20 -3.93
N LYS A 51 11.05 7.90 -4.68
CA LYS A 51 11.74 8.91 -5.49
C LYS A 51 11.66 8.53 -6.97
N ASN A 52 10.55 7.95 -7.38
CA ASN A 52 10.37 7.55 -8.77
C ASN A 52 9.92 8.73 -9.62
N SER A 53 10.85 9.27 -10.41
CA SER A 53 10.56 10.41 -11.26
C SER A 53 9.42 10.08 -12.23
N ASN A 54 9.29 8.81 -12.56
CA ASN A 54 8.24 8.36 -13.48
C ASN A 54 7.12 7.66 -12.71
N PRO A 55 5.87 8.08 -13.00
CA PRO A 55 4.68 7.52 -12.35
C PRO A 55 4.41 6.08 -12.80
N ASP A 56 5.09 5.66 -13.85
CA ASP A 56 4.92 4.31 -14.38
C ASP A 56 5.77 3.30 -13.59
N GLU A 57 6.30 3.76 -12.46
CA GLU A 57 7.14 2.90 -11.62
C GLU A 57 7.03 3.30 -10.16
N ILE A 58 6.77 2.32 -9.29
CA ILE A 58 6.64 2.58 -7.86
C ILE A 58 7.24 1.44 -7.05
N GLU A 59 8.04 1.80 -6.04
CA GLU A 59 8.67 0.81 -5.19
C GLU A 59 8.19 0.94 -3.74
N ILE A 60 7.24 0.10 -3.36
CA ILE A 60 6.69 0.13 -2.01
C ILE A 60 7.45 -0.82 -1.09
N ASP A 61 8.24 -0.26 -0.18
CA ASP A 61 9.01 -1.06 0.75
C ASP A 61 8.42 -0.99 2.15
N PHE A 62 7.60 -1.99 2.49
CA PHE A 62 6.96 -2.04 3.80
C PHE A 62 8.00 -2.02 4.92
N GLU A 63 9.18 -2.54 4.62
CA GLU A 63 10.26 -2.59 5.60
C GLU A 63 10.52 -1.20 6.18
N THR A 64 10.36 -0.18 5.34
CA THR A 64 10.59 1.19 5.77
C THR A 64 9.29 1.98 5.80
N LEU A 65 8.29 1.50 5.06
CA LEU A 65 7.00 2.16 5.00
C LEU A 65 6.41 2.34 6.40
N LYS A 66 5.55 3.34 6.55
CA LYS A 66 4.91 3.62 7.84
C LYS A 66 3.63 2.81 7.99
N PRO A 67 3.19 2.63 9.24
CA PRO A 67 1.96 1.88 9.55
C PRO A 67 0.71 2.63 9.12
N SER A 68 0.72 3.95 9.29
CA SER A 68 -0.43 4.77 8.92
C SER A 68 -0.84 4.50 7.48
N THR A 69 0.12 4.58 6.56
CA THR A 69 -0.15 4.35 5.15
C THR A 69 -0.63 2.92 4.91
N LEU A 70 0.06 1.97 5.54
CA LEU A 70 -0.30 0.56 5.39
C LEU A 70 -1.78 0.33 5.66
N ARG A 71 -2.21 0.68 6.86
CA ARG A 71 -3.61 0.51 7.25
C ARG A 71 -4.52 1.33 6.34
N GLU A 72 -4.04 2.49 5.91
CA GLU A 72 -4.81 3.36 5.03
C GLU A 72 -5.34 2.60 3.82
N LEU A 73 -4.55 1.64 3.35
CA LEU A 73 -4.93 0.83 2.20
C LEU A 73 -5.94 -0.23 2.59
N GLU A 74 -5.69 -0.91 3.71
CA GLU A 74 -6.59 -1.94 4.20
C GLU A 74 -7.98 -1.39 4.46
N ARG A 75 -8.04 -0.09 4.78
CA ARG A 75 -9.31 0.56 5.05
C ARG A 75 -10.06 0.88 3.75
N TYR A 76 -9.30 1.24 2.72
CA TYR A 76 -9.89 1.56 1.42
C TYR A 76 -10.26 0.30 0.65
N VAL A 77 -9.44 -0.74 0.80
CA VAL A 77 -9.68 -2.00 0.12
C VAL A 77 -10.89 -2.71 0.71
N THR A 78 -11.11 -2.53 2.00
CA THR A 78 -12.22 -3.16 2.69
C THR A 78 -13.54 -2.45 2.37
N SER A 79 -13.46 -1.15 2.13
CA SER A 79 -14.64 -0.35 1.82
C SER A 79 -15.15 -0.67 0.42
N CYS A 80 -14.22 -0.97 -0.49
CA CYS A 80 -14.58 -1.30 -1.87
C CYS A 80 -14.92 -2.78 -2.00
N LEU A 81 -14.02 -3.63 -1.51
CA LEU A 81 -14.21 -5.07 -1.58
C LEU A 81 -15.34 -5.52 -0.65
N ARG A 82 -15.54 -4.77 0.42
CA ARG A 82 -16.58 -5.08 1.40
C ARG A 82 -16.31 -6.42 2.06
N LYS A 83 -15.19 -6.51 2.77
CA LYS A 83 -14.81 -7.74 3.46
C LYS A 83 -13.49 -7.57 4.20
N LYS A 84 -13.39 -8.18 5.38
CA LYS A 84 -12.18 -8.09 6.19
C LYS A 84 -11.15 -9.11 5.72
N THR B 1 -2.81 -0.86 -18.03
CA THR B 1 -3.24 -0.79 -16.64
C THR B 1 -2.06 -0.96 -15.69
N TRP B 2 -2.35 -1.03 -14.40
CA TRP B 2 -1.31 -1.18 -13.38
C TRP B 2 -1.04 -2.66 -13.12
N ARG B 3 0.16 -2.95 -12.63
CA ARG B 3 0.56 -4.32 -12.32
C ARG B 3 1.13 -4.43 -10.92
N VAL B 4 1.42 -5.66 -10.49
CA VAL B 4 1.97 -5.90 -9.17
C VAL B 4 3.09 -6.93 -9.22
N GLN B 5 4.21 -6.61 -8.58
CA GLN B 5 5.37 -7.50 -8.56
C GLN B 5 6.02 -7.51 -7.18
N ARG B 6 5.93 -8.63 -6.48
CA ARG B 6 6.51 -8.77 -5.15
C ARG B 6 8.00 -9.08 -5.24
N SER B 7 8.69 -9.00 -4.11
CA SER B 7 10.12 -9.28 -4.06
C SER B 7 10.46 -10.19 -2.89
N GLN B 8 11.75 -10.39 -2.66
CA GLN B 8 12.21 -11.24 -1.56
C GLN B 8 11.83 -10.65 -0.22
N ASN B 9 11.72 -9.32 -0.17
CA ASN B 9 11.37 -8.63 1.06
C ASN B 9 10.18 -9.29 1.74
N PRO B 10 9.95 -8.94 3.01
CA PRO B 10 8.84 -9.50 3.80
C PRO B 10 7.48 -8.99 3.32
N LEU B 11 7.50 -7.90 2.56
CA LEU B 11 6.27 -7.32 2.04
C LEU B 11 6.57 -6.16 1.10
N LYS B 12 7.36 -6.43 0.06
CA LYS B 12 7.72 -5.40 -0.90
C LYS B 12 6.91 -5.56 -2.19
N ILE B 13 5.92 -4.68 -2.36
CA ILE B 13 5.07 -4.72 -3.54
C ILE B 13 5.46 -3.64 -4.54
N ARG B 14 6.02 -4.06 -5.67
CA ARG B 14 6.45 -3.13 -6.70
C ARG B 14 5.31 -2.84 -7.68
N LEU B 15 4.59 -1.75 -7.44
CA LEU B 15 3.48 -1.37 -8.31
C LEU B 15 3.95 -0.47 -9.44
N THR B 16 3.42 -0.71 -10.63
CA THR B 16 3.78 0.09 -11.81
C THR B 16 2.61 0.19 -12.79
N ARG B 17 2.46 1.37 -13.38
CA ARG B 17 1.38 1.60 -14.34
C ARG B 17 1.33 0.49 -15.39
N GLU A 6 1.73 11.29 25.38
CA GLU A 6 2.85 11.76 24.56
C GLU A 6 2.53 11.62 23.08
N SER A 7 2.73 12.70 22.33
CA SER A 7 2.46 12.71 20.90
C SER A 7 0.97 12.49 20.63
N GLU A 8 0.29 13.55 20.20
CA GLU A 8 -1.13 13.47 19.91
C GLU A 8 -1.37 13.21 18.42
N GLU A 9 -0.49 12.41 17.82
CA GLU A 9 -0.59 12.09 16.40
C GLU A 9 -0.13 10.67 16.13
N GLU A 10 0.98 10.27 16.78
CA GLU A 10 1.53 8.94 16.60
C GLU A 10 0.84 7.95 17.53
N ASP A 11 0.54 8.38 18.74
CA ASP A 11 -0.13 7.53 19.72
C ASP A 11 -1.39 6.90 19.13
N LYS A 12 -2.07 7.65 18.28
CA LYS A 12 -3.30 7.17 17.65
C LYS A 12 -2.97 6.17 16.53
N CYS A 13 -1.82 6.34 15.90
CA CYS A 13 -1.40 5.45 14.83
C CYS A 13 -0.72 4.20 15.40
N LYS A 14 -1.35 3.05 15.21
CA LYS A 14 -0.81 1.79 15.70
C LYS A 14 0.01 1.10 14.62
N PRO A 15 0.99 0.28 15.04
CA PRO A 15 1.86 -0.46 14.13
C PRO A 15 1.13 -1.56 13.38
N MET A 16 1.71 -2.01 12.27
CA MET A 16 1.10 -3.07 11.47
C MET A 16 2.07 -4.22 11.26
N SER A 17 1.61 -5.45 11.53
CA SER A 17 2.44 -6.62 11.38
C SER A 17 2.41 -7.13 9.95
N TYR A 18 3.47 -7.83 9.55
CA TYR A 18 3.57 -8.37 8.20
C TYR A 18 2.31 -9.16 7.83
N GLU A 19 1.74 -9.84 8.83
CA GLU A 19 0.54 -10.63 8.61
C GLU A 19 -0.54 -9.81 7.90
N GLU A 20 -0.93 -8.71 8.54
CA GLU A 20 -1.96 -7.83 7.96
C GLU A 20 -1.59 -7.42 6.55
N LYS A 21 -0.46 -6.74 6.40
CA LYS A 21 0.01 -6.28 5.10
C LYS A 21 -0.02 -7.43 4.08
N ARG A 22 0.23 -8.64 4.56
CA ARG A 22 0.23 -9.82 3.70
C ARG A 22 -1.09 -9.95 2.95
N GLN A 23 -2.18 -9.77 3.68
CA GLN A 23 -3.51 -9.88 3.08
C GLN A 23 -3.76 -8.73 2.11
N LEU A 24 -3.09 -7.61 2.33
CA LEU A 24 -3.23 -6.44 1.48
C LEU A 24 -2.60 -6.68 0.11
N SER A 25 -1.37 -7.18 0.11
CA SER A 25 -0.66 -7.45 -1.13
C SER A 25 -1.48 -8.35 -2.04
N LEU A 26 -2.11 -9.36 -1.45
CA LEU A 26 -2.94 -10.30 -2.21
C LEU A 26 -4.28 -9.69 -2.56
N ASP A 27 -5.01 -9.23 -1.54
CA ASP A 27 -6.31 -8.61 -1.73
C ASP A 27 -6.24 -7.53 -2.80
N ILE A 28 -5.43 -6.51 -2.55
CA ILE A 28 -5.28 -5.40 -3.49
C ILE A 28 -4.90 -5.91 -4.87
N ASN A 29 -4.11 -6.97 -4.92
CA ASN A 29 -3.67 -7.56 -6.18
C ASN A 29 -4.86 -8.17 -6.93
N LYS A 30 -5.73 -8.85 -6.19
CA LYS A 30 -6.90 -9.48 -6.76
C LYS A 30 -7.90 -8.44 -7.26
N LEU A 31 -7.90 -7.28 -6.60
CA LEU A 31 -8.81 -6.20 -6.97
C LEU A 31 -8.53 -5.70 -8.39
N PRO A 32 -9.50 -4.99 -8.97
CA PRO A 32 -9.39 -4.45 -10.33
C PRO A 32 -8.36 -3.32 -10.42
N GLY A 33 -7.94 -2.99 -11.63
CA GLY A 33 -6.98 -1.93 -11.83
C GLY A 33 -7.40 -0.63 -11.16
N GLU A 34 -8.64 -0.23 -11.38
CA GLU A 34 -9.17 1.00 -10.78
C GLU A 34 -8.87 1.04 -9.29
N LYS A 35 -8.98 -0.11 -8.64
CA LYS A 35 -8.73 -0.19 -7.20
C LYS A 35 -7.25 -0.01 -6.90
N LEU A 36 -6.41 -0.87 -7.46
CA LEU A 36 -4.97 -0.80 -7.25
C LEU A 36 -4.45 0.59 -7.54
N GLY A 37 -4.90 1.18 -8.66
CA GLY A 37 -4.45 2.50 -9.03
C GLY A 37 -4.61 3.50 -7.89
N ARG A 38 -5.71 3.39 -7.16
CA ARG A 38 -5.97 4.29 -6.04
C ARG A 38 -5.04 3.99 -4.87
N VAL A 39 -4.73 2.72 -4.68
CA VAL A 39 -3.85 2.29 -3.60
C VAL A 39 -2.43 2.83 -3.80
N VAL A 40 -1.85 2.50 -4.95
CA VAL A 40 -0.49 2.96 -5.26
C VAL A 40 -0.35 4.45 -5.04
N HIS A 41 -1.43 5.19 -5.30
CA HIS A 41 -1.41 6.64 -5.13
C HIS A 41 -1.20 7.02 -3.67
N ILE A 42 -1.78 6.22 -2.77
CA ILE A 42 -1.66 6.46 -1.34
C ILE A 42 -0.23 6.30 -0.88
N ILE A 43 0.36 5.13 -1.14
CA ILE A 43 1.73 4.86 -0.74
C ILE A 43 2.67 5.98 -1.20
N GLN A 44 2.76 6.17 -2.51
CA GLN A 44 3.61 7.21 -3.07
C GLN A 44 3.35 8.56 -2.39
N SER A 45 2.13 8.75 -1.92
CA SER A 45 1.74 9.99 -1.26
C SER A 45 2.49 10.14 0.07
N ARG A 46 2.45 9.10 0.88
CA ARG A 46 3.11 9.11 2.18
C ARG A 46 4.47 8.44 2.11
N GLU A 47 4.98 8.29 0.89
CA GLU A 47 6.28 7.65 0.68
C GLU A 47 7.32 8.68 0.22
N PRO A 48 8.05 9.25 1.19
CA PRO A 48 9.08 10.25 0.91
C PRO A 48 10.30 9.65 0.21
N SER A 49 10.59 8.39 0.51
CA SER A 49 11.73 7.70 -0.08
C SER A 49 11.52 7.51 -1.58
N LEU A 50 10.26 7.42 -1.99
CA LEU A 50 9.92 7.23 -3.40
C LEU A 50 10.66 8.24 -4.28
N LYS A 51 11.63 7.76 -5.03
CA LYS A 51 12.42 8.62 -5.91
C LYS A 51 12.38 8.11 -7.35
N ASN A 52 11.23 7.56 -7.74
CA ASN A 52 11.06 7.02 -9.09
C ASN A 52 11.03 8.15 -10.12
N SER A 53 11.91 8.07 -11.11
CA SER A 53 12.00 9.08 -12.15
C SER A 53 10.68 9.19 -12.91
N ASN A 54 10.00 8.06 -13.07
CA ASN A 54 8.72 8.02 -13.78
C ASN A 54 7.58 7.74 -12.82
N PRO A 55 6.47 8.48 -12.99
CA PRO A 55 5.28 8.34 -12.14
C PRO A 55 4.56 7.01 -12.39
N ASP A 56 4.99 6.29 -13.42
CA ASP A 56 4.39 5.01 -13.76
C ASP A 56 5.10 3.86 -13.05
N GLU A 57 5.78 4.18 -11.95
CA GLU A 57 6.50 3.18 -11.18
C GLU A 57 6.52 3.53 -9.69
N ILE A 58 6.28 2.54 -8.85
CA ILE A 58 6.26 2.75 -7.41
C ILE A 58 6.84 1.54 -6.67
N GLU A 59 7.54 1.81 -5.57
CA GLU A 59 8.14 0.74 -4.77
C GLU A 59 7.56 0.72 -3.37
N ILE A 60 6.59 -0.16 -3.15
CA ILE A 60 5.95 -0.28 -1.84
C ILE A 60 6.69 -1.29 -0.96
N ASP A 61 7.38 -0.78 0.06
CA ASP A 61 8.12 -1.64 0.98
C ASP A 61 7.63 -1.46 2.40
N PHE A 62 6.87 -2.43 2.89
CA PHE A 62 6.33 -2.37 4.25
C PHE A 62 7.45 -2.39 5.28
N GLU A 63 8.65 -2.76 4.84
CA GLU A 63 9.81 -2.81 5.71
C GLU A 63 10.26 -1.41 6.12
N THR A 64 9.96 -0.43 5.27
CA THR A 64 10.33 0.95 5.54
C THR A 64 9.11 1.84 5.65
N LEU A 65 8.02 1.42 5.01
CA LEU A 65 6.77 2.18 5.04
C LEU A 65 6.34 2.46 6.47
N LYS A 66 5.48 3.45 6.64
CA LYS A 66 4.97 3.83 7.95
C LYS A 66 3.71 3.04 8.29
N PRO A 67 3.36 3.02 9.59
CA PRO A 67 2.18 2.31 10.07
C PRO A 67 0.88 2.98 9.65
N SER A 68 0.95 4.29 9.39
CA SER A 68 -0.22 5.06 8.98
C SER A 68 -0.62 4.68 7.56
N THR A 69 0.32 4.79 6.63
CA THR A 69 0.06 4.46 5.23
C THR A 69 -0.44 3.03 5.08
N LEU A 70 0.15 2.12 5.84
CA LEU A 70 -0.24 0.71 5.79
C LEU A 70 -1.73 0.55 6.05
N ARG A 71 -2.23 1.23 7.08
CA ARG A 71 -3.65 1.16 7.43
C ARG A 71 -4.49 1.88 6.38
N GLU A 72 -3.95 2.96 5.83
CA GLU A 72 -4.66 3.74 4.81
C GLU A 72 -5.18 2.84 3.70
N LEU A 73 -4.31 1.93 3.23
CA LEU A 73 -4.69 1.01 2.16
C LEU A 73 -5.75 0.02 2.63
N GLU A 74 -5.51 -0.59 3.79
CA GLU A 74 -6.45 -1.55 4.35
C GLU A 74 -7.84 -0.93 4.51
N ARG A 75 -7.87 0.39 4.68
CA ARG A 75 -9.13 1.10 4.84
C ARG A 75 -9.87 1.21 3.51
N TYR A 76 -9.11 1.34 2.42
CA TYR A 76 -9.69 1.45 1.09
C TYR A 76 -10.12 0.10 0.56
N VAL A 77 -9.23 -0.89 0.68
CA VAL A 77 -9.51 -2.24 0.22
C VAL A 77 -10.77 -2.80 0.87
N THR A 78 -11.01 -2.40 2.11
CA THR A 78 -12.19 -2.85 2.85
C THR A 78 -13.44 -2.12 2.39
N SER A 79 -13.29 -0.85 2.04
CA SER A 79 -14.41 -0.03 1.59
C SER A 79 -14.82 -0.43 0.17
N CYS A 80 -13.85 -0.78 -0.65
CA CYS A 80 -14.11 -1.18 -2.02
C CYS A 80 -14.61 -2.61 -2.09
N LEU A 81 -13.91 -3.52 -1.44
CA LEU A 81 -14.28 -4.93 -1.42
C LEU A 81 -15.51 -5.16 -0.55
N ARG A 82 -15.69 -4.30 0.45
CA ARG A 82 -16.83 -4.40 1.35
C ARG A 82 -16.79 -5.72 2.13
N LYS A 83 -17.67 -5.85 3.12
CA LYS A 83 -17.73 -7.06 3.93
C LYS A 83 -16.43 -7.27 4.69
N LYS A 84 -16.32 -8.42 5.35
CA LYS A 84 -15.13 -8.76 6.11
C LYS A 84 -14.03 -9.29 5.20
N THR B 1 -3.90 -1.61 -17.74
CA THR B 1 -4.18 -1.23 -16.35
C THR B 1 -2.92 -1.32 -15.50
N TRP B 2 -3.06 -1.06 -14.20
CA TRP B 2 -1.94 -1.11 -13.28
C TRP B 2 -1.53 -2.55 -13.01
N ARG B 3 -0.27 -2.74 -12.62
CA ARG B 3 0.25 -4.07 -12.33
C ARG B 3 1.09 -4.07 -11.06
N VAL B 4 1.52 -5.25 -10.62
CA VAL B 4 2.33 -5.37 -9.42
C VAL B 4 3.26 -6.57 -9.51
N GLN B 5 4.47 -6.41 -8.97
CA GLN B 5 5.45 -7.48 -8.99
C GLN B 5 6.15 -7.61 -7.64
N ARG B 6 5.84 -8.68 -6.92
CA ARG B 6 6.43 -8.92 -5.61
C ARG B 6 7.95 -9.07 -5.72
N SER B 7 8.63 -8.99 -4.58
CA SER B 7 10.09 -9.10 -4.54
C SER B 7 10.53 -10.03 -3.42
N GLN B 8 11.84 -10.22 -3.29
CA GLN B 8 12.39 -11.09 -2.26
C GLN B 8 12.00 -10.59 -0.88
N ASN B 9 11.75 -9.29 -0.76
CA ASN B 9 11.37 -8.69 0.51
C ASN B 9 10.30 -9.52 1.20
N PRO B 10 10.11 -9.27 2.51
CA PRO B 10 9.12 -9.99 3.31
C PRO B 10 7.68 -9.60 2.94
N LEU B 11 7.54 -8.47 2.28
CA LEU B 11 6.23 -7.98 1.86
C LEU B 11 6.35 -6.69 1.07
N LYS B 12 7.06 -6.75 -0.06
CA LYS B 12 7.25 -5.59 -0.91
C LYS B 12 6.58 -5.80 -2.28
N ILE B 13 5.62 -4.93 -2.59
CA ILE B 13 4.90 -5.02 -3.87
C ILE B 13 5.17 -3.78 -4.72
N ARG B 14 5.87 -3.98 -5.83
CA ARG B 14 6.18 -2.88 -6.74
C ARG B 14 5.01 -2.61 -7.68
N LEU B 15 4.27 -1.54 -7.41
CA LEU B 15 3.12 -1.17 -8.23
C LEU B 15 3.55 -0.27 -9.39
N THR B 16 3.04 -0.56 -10.58
CA THR B 16 3.37 0.24 -11.76
C THR B 16 2.19 0.28 -12.73
N ARG B 17 1.99 1.45 -13.35
CA ARG B 17 0.90 1.63 -14.30
C ARG B 17 0.87 0.50 -15.32
N GLU A 6 0.63 17.57 21.82
CA GLU A 6 -0.08 18.14 20.68
C GLU A 6 -0.02 17.19 19.48
N SER A 7 -0.45 15.96 19.67
CA SER A 7 -0.44 14.96 18.61
C SER A 7 -1.84 14.50 18.27
N GLU A 8 -2.30 14.85 17.07
CA GLU A 8 -3.63 14.48 16.63
C GLU A 8 -3.57 13.33 15.62
N GLU A 9 -2.65 12.41 15.83
CA GLU A 9 -2.49 11.26 14.94
C GLU A 9 -1.38 10.34 15.45
N GLU A 10 -1.31 10.17 16.77
CA GLU A 10 -0.30 9.31 17.38
C GLU A 10 -0.94 8.07 17.98
N ASP A 11 -1.86 8.28 18.92
CA ASP A 11 -2.56 7.17 19.58
C ASP A 11 -3.48 6.46 18.61
N LYS A 12 -4.09 7.22 17.70
CA LYS A 12 -5.00 6.66 16.72
C LYS A 12 -4.26 5.74 15.75
N CYS A 13 -2.99 6.03 15.52
CA CYS A 13 -2.17 5.23 14.61
C CYS A 13 -1.55 4.05 15.35
N LYS A 14 -2.07 2.85 15.09
CA LYS A 14 -1.56 1.64 15.74
C LYS A 14 -0.59 0.91 14.83
N PRO A 15 0.30 0.11 15.43
CA PRO A 15 1.30 -0.67 14.69
C PRO A 15 0.68 -1.80 13.88
N MET A 16 1.43 -2.30 12.90
CA MET A 16 0.95 -3.38 12.05
C MET A 16 2.11 -4.24 11.57
N SER A 17 2.08 -5.53 11.91
CA SER A 17 3.12 -6.45 11.51
C SER A 17 2.91 -6.93 10.09
N TYR A 18 3.81 -7.80 9.62
CA TYR A 18 3.71 -8.34 8.26
C TYR A 18 2.43 -9.13 8.08
N GLU A 19 1.89 -9.65 9.18
CA GLU A 19 0.66 -10.43 9.15
C GLU A 19 -0.42 -9.70 8.36
N GLU A 20 -0.79 -8.52 8.83
CA GLU A 20 -1.81 -7.72 8.17
C GLU A 20 -1.32 -7.22 6.81
N LYS A 21 -0.01 -7.17 6.65
CA LYS A 21 0.60 -6.70 5.40
C LYS A 21 0.37 -7.71 4.28
N ARG A 22 0.82 -8.94 4.51
CA ARG A 22 0.67 -10.01 3.53
C ARG A 22 -0.76 -10.10 3.04
N GLN A 23 -1.71 -9.70 3.89
CA GLN A 23 -3.12 -9.74 3.54
C GLN A 23 -3.50 -8.55 2.67
N LEU A 24 -3.22 -7.35 3.16
CA LEU A 24 -3.53 -6.13 2.42
C LEU A 24 -2.77 -6.09 1.10
N SER A 25 -1.60 -6.71 1.07
CA SER A 25 -0.78 -6.73 -0.14
C SER A 25 -1.47 -7.54 -1.24
N LEU A 26 -1.96 -8.71 -0.89
CA LEU A 26 -2.65 -9.58 -1.84
C LEU A 26 -3.97 -8.96 -2.28
N ASP A 27 -4.77 -8.51 -1.31
CA ASP A 27 -6.06 -7.90 -1.60
C ASP A 27 -5.91 -6.80 -2.63
N ILE A 28 -5.04 -5.83 -2.34
CA ILE A 28 -4.81 -4.71 -3.26
C ILE A 28 -4.50 -5.20 -4.66
N ASN A 29 -3.79 -6.32 -4.75
CA ASN A 29 -3.42 -6.90 -6.04
C ASN A 29 -4.63 -7.53 -6.71
N LYS A 30 -5.51 -8.14 -5.91
CA LYS A 30 -6.71 -8.77 -6.43
C LYS A 30 -7.74 -7.72 -6.87
N LEU A 31 -7.70 -6.56 -6.24
CA LEU A 31 -8.62 -5.48 -6.58
C LEU A 31 -8.51 -5.12 -8.06
N PRO A 32 -9.54 -4.43 -8.57
CA PRO A 32 -9.59 -4.00 -9.98
C PRO A 32 -8.58 -2.90 -10.28
N GLY A 33 -8.33 -2.66 -11.56
CA GLY A 33 -7.39 -1.63 -11.95
C GLY A 33 -7.67 -0.31 -11.29
N GLU A 34 -8.88 0.21 -11.50
CA GLU A 34 -9.27 1.48 -10.91
C GLU A 34 -8.95 1.53 -9.43
N LYS A 35 -9.15 0.40 -8.75
CA LYS A 35 -8.87 0.30 -7.33
C LYS A 35 -7.38 0.44 -7.04
N LEU A 36 -6.56 -0.18 -7.89
CA LEU A 36 -5.12 -0.13 -7.73
C LEU A 36 -4.60 1.30 -7.87
N GLY A 37 -5.07 1.99 -8.92
CA GLY A 37 -4.65 3.36 -9.14
C GLY A 37 -4.79 4.23 -7.90
N ARG A 38 -5.87 4.01 -7.15
CA ARG A 38 -6.12 4.78 -5.94
C ARG A 38 -5.15 4.38 -4.83
N VAL A 39 -4.88 3.08 -4.73
CA VAL A 39 -3.97 2.57 -3.70
C VAL A 39 -2.57 3.13 -3.90
N VAL A 40 -1.95 2.78 -5.02
CA VAL A 40 -0.60 3.25 -5.33
C VAL A 40 -0.48 4.77 -5.13
N HIS A 41 -1.57 5.48 -5.40
CA HIS A 41 -1.58 6.93 -5.26
C HIS A 41 -1.20 7.33 -3.84
N ILE A 42 -1.82 6.67 -2.86
CA ILE A 42 -1.54 6.97 -1.45
C ILE A 42 -0.09 6.65 -1.11
N ILE A 43 0.34 5.43 -1.43
CA ILE A 43 1.70 5.01 -1.15
C ILE A 43 2.71 5.90 -1.87
N GLN A 44 2.30 6.48 -2.99
CA GLN A 44 3.17 7.35 -3.77
C GLN A 44 3.54 8.59 -2.97
N SER A 45 2.59 9.11 -2.20
CA SER A 45 2.82 10.29 -1.38
C SER A 45 3.19 9.92 0.05
N ARG A 46 2.78 8.73 0.46
CA ARG A 46 3.07 8.25 1.81
C ARG A 46 4.49 7.71 1.90
N GLU A 47 4.99 7.18 0.79
CA GLU A 47 6.34 6.63 0.75
C GLU A 47 7.34 7.69 0.29
N PRO A 48 8.17 8.16 1.23
CA PRO A 48 9.18 9.18 0.95
C PRO A 48 10.32 8.64 0.08
N SER A 49 10.76 7.42 0.38
CA SER A 49 11.84 6.80 -0.37
C SER A 49 11.53 6.79 -1.87
N LEU A 50 10.24 6.79 -2.20
CA LEU A 50 9.81 6.77 -3.60
C LEU A 50 10.57 7.82 -4.40
N LYS A 51 11.37 7.35 -5.36
CA LYS A 51 12.15 8.25 -6.21
C LYS A 51 12.19 7.74 -7.65
N ASN A 52 11.09 7.12 -8.08
CA ASN A 52 11.00 6.60 -9.43
C ASN A 52 10.97 7.72 -10.46
N SER A 53 11.87 7.64 -11.43
CA SER A 53 11.96 8.67 -12.48
C SER A 53 10.64 8.79 -13.22
N ASN A 54 9.94 7.66 -13.37
CA ASN A 54 8.65 7.66 -14.06
C ASN A 54 7.51 7.38 -13.09
N PRO A 55 6.42 8.14 -13.24
CA PRO A 55 5.23 7.99 -12.38
C PRO A 55 4.49 6.69 -12.64
N ASP A 56 4.90 5.98 -13.67
CA ASP A 56 4.27 4.70 -14.03
C ASP A 56 4.94 3.54 -13.30
N GLU A 57 5.69 3.86 -12.25
CA GLU A 57 6.40 2.85 -11.48
C GLU A 57 6.50 3.27 -10.01
N ILE A 58 6.31 2.31 -9.11
CA ILE A 58 6.39 2.58 -7.68
C ILE A 58 7.03 1.41 -6.94
N GLU A 59 7.88 1.73 -5.96
CA GLU A 59 8.54 0.70 -5.18
C GLU A 59 8.11 0.76 -3.71
N ILE A 60 7.20 -0.11 -3.33
CA ILE A 60 6.70 -0.15 -1.96
C ILE A 60 7.58 -1.02 -1.07
N ASP A 61 8.32 -0.38 -0.17
CA ASP A 61 9.21 -1.10 0.74
C ASP A 61 8.61 -1.16 2.14
N PHE A 62 8.03 -2.31 2.48
CA PHE A 62 7.41 -2.50 3.79
C PHE A 62 8.41 -2.17 4.90
N GLU A 63 9.68 -2.47 4.66
CA GLU A 63 10.73 -2.21 5.64
C GLU A 63 10.83 -0.71 5.94
N THR A 64 10.46 0.10 4.97
CA THR A 64 10.51 1.56 5.13
C THR A 64 9.11 2.16 5.15
N LEU A 65 8.10 1.29 5.27
CA LEU A 65 6.71 1.74 5.31
C LEU A 65 6.26 1.98 6.74
N LYS A 66 5.42 2.99 6.94
CA LYS A 66 4.90 3.32 8.26
C LYS A 66 3.61 2.56 8.54
N PRO A 67 3.22 2.52 9.83
CA PRO A 67 2.00 1.83 10.26
C PRO A 67 0.74 2.55 9.80
N SER A 68 0.86 3.84 9.49
CA SER A 68 -0.27 4.64 9.04
C SER A 68 -0.68 4.25 7.62
N THR A 69 0.30 4.27 6.72
CA THR A 69 0.05 3.92 5.32
C THR A 69 -0.48 2.50 5.19
N LEU A 70 -0.04 1.62 6.08
CA LEU A 70 -0.48 0.23 6.06
C LEU A 70 -1.97 0.13 6.33
N ARG A 71 -2.45 0.88 7.32
CA ARG A 71 -3.86 0.88 7.67
C ARG A 71 -4.67 1.71 6.68
N GLU A 72 -4.11 2.84 6.28
CA GLU A 72 -4.79 3.72 5.33
C GLU A 72 -5.25 2.95 4.09
N LEU A 73 -4.31 2.26 3.45
CA LEU A 73 -4.61 1.48 2.26
C LEU A 73 -5.58 0.35 2.58
N GLU A 74 -5.40 -0.25 3.76
CA GLU A 74 -6.26 -1.35 4.19
C GLU A 74 -7.70 -0.88 4.36
N ARG A 75 -7.86 0.41 4.63
CA ARG A 75 -9.20 0.99 4.82
C ARG A 75 -9.91 1.15 3.48
N TYR A 76 -9.14 1.45 2.44
CA TYR A 76 -9.71 1.64 1.10
C TYR A 76 -10.01 0.29 0.45
N VAL A 77 -9.10 -0.66 0.62
CA VAL A 77 -9.27 -1.99 0.05
C VAL A 77 -10.43 -2.72 0.70
N THR A 78 -10.66 -2.44 1.97
CA THR A 78 -11.75 -3.08 2.71
C THR A 78 -13.10 -2.47 2.34
N SER A 79 -13.08 -1.21 1.95
CA SER A 79 -14.30 -0.50 1.57
C SER A 79 -14.84 -1.02 0.24
N CYS A 80 -13.92 -1.40 -0.65
CA CYS A 80 -14.29 -1.91 -1.97
C CYS A 80 -14.51 -3.42 -1.92
N LEU A 81 -13.54 -4.13 -1.37
CA LEU A 81 -13.63 -5.59 -1.26
C LEU A 81 -14.70 -5.99 -0.26
N ARG A 82 -14.93 -5.13 0.72
CA ARG A 82 -15.93 -5.41 1.75
C ARG A 82 -15.63 -6.71 2.48
N LYS A 83 -14.34 -6.97 2.69
CA LYS A 83 -13.91 -8.19 3.38
C LYS A 83 -13.54 -7.88 4.83
N LYS A 84 -14.29 -8.47 5.75
CA LYS A 84 -14.04 -8.28 7.18
C LYS A 84 -13.10 -9.35 7.72
N THR B 1 -4.11 -1.60 -17.78
CA THR B 1 -4.38 -1.19 -16.41
C THR B 1 -3.13 -1.30 -15.54
N TRP B 2 -3.29 -1.03 -14.25
CA TRP B 2 -2.17 -1.10 -13.31
C TRP B 2 -1.82 -2.55 -13.00
N ARG B 3 -0.57 -2.77 -12.62
CA ARG B 3 -0.11 -4.12 -12.28
C ARG B 3 0.69 -4.11 -10.97
N VAL B 4 1.10 -5.29 -10.53
CA VAL B 4 1.87 -5.41 -9.30
C VAL B 4 2.79 -6.62 -9.35
N GLN B 5 4.02 -6.44 -8.88
CA GLN B 5 5.01 -7.51 -8.88
C GLN B 5 5.81 -7.52 -7.58
N ARG B 6 5.57 -8.54 -6.75
CA ARG B 6 6.27 -8.66 -5.48
C ARG B 6 7.73 -9.01 -5.69
N SER B 7 8.51 -8.99 -4.60
CA SER B 7 9.93 -9.30 -4.66
C SER B 7 10.32 -10.29 -3.57
N GLN B 8 11.59 -10.66 -3.55
CA GLN B 8 12.10 -11.61 -2.57
C GLN B 8 11.86 -11.09 -1.15
N ASN B 9 11.82 -9.77 -1.01
CA ASN B 9 11.60 -9.15 0.30
C ASN B 9 10.42 -9.80 1.02
N PRO B 10 10.32 -9.54 2.33
CA PRO B 10 9.24 -10.09 3.16
C PRO B 10 7.88 -9.49 2.83
N LEU B 11 7.90 -8.34 2.14
CA LEU B 11 6.67 -7.65 1.76
C LEU B 11 6.97 -6.45 0.88
N LYS B 12 7.66 -6.69 -0.23
CA LYS B 12 8.01 -5.62 -1.16
C LYS B 12 7.08 -5.63 -2.38
N ILE B 13 6.07 -4.77 -2.36
CA ILE B 13 5.11 -4.68 -3.45
C ILE B 13 5.53 -3.62 -4.46
N ARG B 14 5.58 -4.00 -5.73
CA ARG B 14 5.96 -3.07 -6.79
C ARG B 14 4.79 -2.78 -7.70
N LEU B 15 4.15 -1.62 -7.50
CA LEU B 15 3.00 -1.22 -8.30
C LEU B 15 3.45 -0.38 -9.49
N THR B 16 2.88 -0.68 -10.66
CA THR B 16 3.22 0.06 -11.88
C THR B 16 2.02 0.14 -12.82
N ARG B 17 1.86 1.27 -13.48
CA ARG B 17 0.77 1.48 -14.41
C ARG B 17 0.67 0.31 -15.40
N GLU A 6 0.75 17.78 22.03
CA GLU A 6 -0.29 16.76 21.98
C GLU A 6 -0.13 15.89 20.74
N SER A 7 -0.63 14.66 20.82
CA SER A 7 -0.54 13.72 19.70
C SER A 7 -1.72 13.89 18.76
N GLU A 8 -2.90 13.48 19.21
CA GLU A 8 -4.11 13.58 18.40
C GLU A 8 -3.90 12.94 17.04
N GLU A 9 -3.17 11.83 17.01
CA GLU A 9 -2.90 11.12 15.76
C GLU A 9 -2.06 9.88 16.02
N GLU A 10 -1.13 9.99 16.97
CA GLU A 10 -0.25 8.88 17.31
C GLU A 10 -1.07 7.63 17.66
N ASP A 11 -1.89 7.74 18.69
CA ASP A 11 -2.72 6.63 19.13
C ASP A 11 -3.59 6.11 17.99
N LYS A 12 -4.04 7.03 17.12
CA LYS A 12 -4.87 6.67 15.98
C LYS A 12 -4.10 5.80 14.99
N CYS A 13 -2.79 6.02 14.93
CA CYS A 13 -1.94 5.26 14.02
C CYS A 13 -1.39 4.02 14.71
N LYS A 14 -1.93 2.86 14.33
CA LYS A 14 -1.49 1.59 14.91
C LYS A 14 -0.49 0.89 14.00
N PRO A 15 0.34 0.03 14.59
CA PRO A 15 1.37 -0.72 13.86
C PRO A 15 0.76 -1.77 12.94
N MET A 16 1.53 -2.18 11.92
CA MET A 16 1.06 -3.17 10.97
C MET A 16 2.09 -4.29 10.81
N SER A 17 1.64 -5.53 10.96
CA SER A 17 2.53 -6.69 10.84
C SER A 17 2.48 -7.27 9.44
N TYR A 18 3.26 -8.31 9.21
CA TYR A 18 3.31 -8.96 7.90
C TYR A 18 1.99 -9.67 7.59
N GLU A 19 1.30 -10.10 8.65
CA GLU A 19 0.03 -10.79 8.49
C GLU A 19 -0.96 -9.95 7.69
N GLU A 20 -1.29 -8.77 8.22
CA GLU A 20 -2.22 -7.87 7.55
C GLU A 20 -1.64 -7.36 6.24
N LYS A 21 -0.31 -7.26 6.19
CA LYS A 21 0.36 -6.79 4.99
C LYS A 21 0.19 -7.76 3.84
N ARG A 22 0.67 -8.99 4.03
CA ARG A 22 0.57 -10.02 3.01
C ARG A 22 -0.85 -10.12 2.47
N GLN A 23 -1.82 -9.76 3.31
CA GLN A 23 -3.22 -9.81 2.91
C GLN A 23 -3.57 -8.63 2.01
N LEU A 24 -3.08 -7.46 2.35
CA LEU A 24 -3.34 -6.25 1.57
C LEU A 24 -2.68 -6.35 0.19
N SER A 25 -1.54 -7.02 0.14
CA SER A 25 -0.80 -7.17 -1.12
C SER A 25 -1.62 -7.99 -2.12
N LEU A 26 -2.12 -9.14 -1.67
CA LEU A 26 -2.92 -10.01 -2.53
C LEU A 26 -4.33 -9.44 -2.72
N ASP A 27 -4.92 -8.99 -1.63
CA ASP A 27 -6.27 -8.41 -1.69
C ASP A 27 -6.37 -7.36 -2.79
N ILE A 28 -5.57 -6.32 -2.68
CA ILE A 28 -5.58 -5.24 -3.66
C ILE A 28 -5.31 -5.78 -5.07
N ASN A 29 -4.48 -6.81 -5.15
CA ASN A 29 -4.13 -7.43 -6.43
C ASN A 29 -5.37 -8.03 -7.08
N LYS A 30 -6.26 -8.58 -6.26
CA LYS A 30 -7.49 -9.18 -6.75
C LYS A 30 -8.44 -8.12 -7.31
N LEU A 31 -8.36 -6.92 -6.77
CA LEU A 31 -9.19 -5.81 -7.21
C LEU A 31 -8.72 -5.27 -8.56
N PRO A 32 -9.61 -4.54 -9.24
CA PRO A 32 -9.30 -3.95 -10.55
C PRO A 32 -8.31 -2.79 -10.43
N GLY A 33 -7.73 -2.41 -11.57
CA GLY A 33 -6.76 -1.32 -11.58
C GLY A 33 -7.29 -0.08 -10.86
N GLU A 34 -8.55 0.24 -11.09
CA GLU A 34 -9.17 1.40 -10.47
C GLU A 34 -8.91 1.42 -8.97
N LYS A 35 -8.97 0.25 -8.35
CA LYS A 35 -8.74 0.12 -6.91
C LYS A 35 -7.27 0.33 -6.58
N LEU A 36 -6.41 -0.43 -7.26
CA LEU A 36 -4.96 -0.34 -7.04
C LEU A 36 -4.49 1.11 -7.20
N GLY A 37 -4.84 1.72 -8.33
CA GLY A 37 -4.43 3.09 -8.58
C GLY A 37 -4.62 3.99 -7.37
N ARG A 38 -5.79 3.88 -6.74
CA ARG A 38 -6.10 4.69 -5.56
C ARG A 38 -5.13 4.37 -4.41
N VAL A 39 -4.84 3.08 -4.23
CA VAL A 39 -3.93 2.65 -3.17
C VAL A 39 -2.50 3.09 -3.48
N VAL A 40 -1.97 2.62 -4.60
CA VAL A 40 -0.61 2.96 -5.00
C VAL A 40 -0.35 4.47 -4.87
N HIS A 41 -1.40 5.25 -5.12
CA HIS A 41 -1.28 6.71 -5.03
C HIS A 41 -0.95 7.14 -3.62
N ILE A 42 -1.67 6.59 -2.64
CA ILE A 42 -1.44 6.92 -1.24
C ILE A 42 0.03 6.79 -0.87
N ILE A 43 0.57 5.59 -1.04
CA ILE A 43 1.97 5.34 -0.73
C ILE A 43 2.89 6.11 -1.67
N GLN A 44 2.38 6.45 -2.85
CA GLN A 44 3.16 7.19 -3.83
C GLN A 44 3.58 8.55 -3.28
N SER A 45 2.69 9.19 -2.53
CA SER A 45 2.97 10.49 -1.95
C SER A 45 3.43 10.36 -0.50
N ARG A 46 3.05 9.25 0.15
CA ARG A 46 3.42 9.00 1.53
C ARG A 46 4.86 8.50 1.62
N GLU A 47 5.29 7.77 0.60
CA GLU A 47 6.64 7.22 0.57
C GLU A 47 7.64 8.29 0.15
N PRO A 48 8.55 8.65 1.07
CA PRO A 48 9.58 9.66 0.82
C PRO A 48 10.64 9.19 -0.18
N SER A 49 11.01 7.92 -0.07
CA SER A 49 12.01 7.34 -0.96
C SER A 49 11.62 7.54 -2.42
N LEU A 50 10.32 7.50 -2.68
CA LEU A 50 9.80 7.67 -4.04
C LEU A 50 10.07 9.09 -4.55
N LYS A 51 11.24 9.28 -5.14
CA LYS A 51 11.61 10.59 -5.67
C LYS A 51 11.72 10.55 -7.19
N ASN A 52 10.77 9.86 -7.83
CA ASN A 52 10.74 9.74 -9.29
C ASN A 52 9.48 10.36 -9.86
N SER A 53 9.62 11.01 -11.01
CA SER A 53 8.50 11.66 -11.67
C SER A 53 7.76 10.67 -12.57
N ASN A 54 8.14 9.40 -12.50
CA ASN A 54 7.52 8.36 -13.30
C ASN A 54 6.57 7.52 -12.46
N PRO A 55 5.27 7.82 -12.56
CA PRO A 55 4.23 7.11 -11.81
C PRO A 55 4.03 5.68 -12.32
N ASP A 56 4.68 5.35 -13.43
CA ASP A 56 4.58 4.03 -14.02
C ASP A 56 5.47 3.03 -13.27
N GLU A 57 6.15 3.52 -12.23
CA GLU A 57 7.02 2.67 -11.43
C GLU A 57 6.99 3.07 -9.97
N ILE A 58 6.67 2.12 -9.10
CA ILE A 58 6.60 2.38 -7.67
C ILE A 58 7.12 1.20 -6.87
N GLU A 59 7.84 1.49 -5.79
CA GLU A 59 8.40 0.44 -4.94
C GLU A 59 7.85 0.54 -3.52
N ILE A 60 6.84 -0.28 -3.24
CA ILE A 60 6.22 -0.29 -1.91
C ILE A 60 6.82 -1.38 -1.04
N ASP A 61 7.59 -0.97 -0.04
CA ASP A 61 8.22 -1.92 0.88
C ASP A 61 7.75 -1.67 2.32
N PHE A 62 6.86 -2.53 2.80
CA PHE A 62 6.33 -2.41 4.15
C PHE A 62 7.46 -2.50 5.18
N GLU A 63 8.50 -3.26 4.85
CA GLU A 63 9.64 -3.43 5.74
C GLU A 63 10.15 -2.07 6.23
N THR A 64 10.02 -1.06 5.39
CA THR A 64 10.47 0.28 5.74
C THR A 64 9.30 1.25 5.85
N LEU A 65 8.22 0.93 5.16
CA LEU A 65 7.02 1.76 5.17
C LEU A 65 6.54 1.99 6.60
N LYS A 66 5.86 3.11 6.82
CA LYS A 66 5.33 3.45 8.14
C LYS A 66 3.95 2.85 8.34
N PRO A 67 3.52 2.76 9.62
CA PRO A 67 2.22 2.21 9.97
C PRO A 67 1.07 3.12 9.57
N SER A 68 1.31 4.43 9.61
CA SER A 68 0.30 5.41 9.24
C SER A 68 -0.19 5.17 7.81
N THR A 69 0.74 5.11 6.87
CA THR A 69 0.41 4.90 5.47
C THR A 69 -0.15 3.50 5.26
N LEU A 70 0.50 2.50 5.83
CA LEU A 70 0.06 1.11 5.70
C LEU A 70 -1.42 0.98 6.00
N ARG A 71 -1.85 1.59 7.12
CA ARG A 71 -3.24 1.54 7.53
C ARG A 71 -4.13 2.23 6.50
N GLU A 72 -3.59 3.26 5.84
CA GLU A 72 -4.34 4.01 4.84
C GLU A 72 -4.86 3.07 3.75
N LEU A 73 -3.94 2.33 3.12
CA LEU A 73 -4.31 1.41 2.06
C LEU A 73 -5.44 0.48 2.50
N GLU A 74 -5.19 -0.25 3.59
CA GLU A 74 -6.19 -1.17 4.12
C GLU A 74 -7.53 -0.48 4.32
N ARG A 75 -7.48 0.79 4.70
CA ARG A 75 -8.69 1.57 4.93
C ARG A 75 -9.55 1.61 3.67
N TYR A 76 -8.89 1.62 2.51
CA TYR A 76 -9.60 1.68 1.24
C TYR A 76 -10.07 0.29 0.83
N VAL A 77 -9.14 -0.65 0.74
CA VAL A 77 -9.46 -2.02 0.35
C VAL A 77 -10.53 -2.61 1.27
N THR A 78 -10.53 -2.18 2.52
CA THR A 78 -11.49 -2.66 3.50
C THR A 78 -12.87 -2.04 3.26
N SER A 79 -12.89 -0.78 2.84
CA SER A 79 -14.13 -0.08 2.58
C SER A 79 -14.79 -0.59 1.31
N CYS A 80 -13.96 -1.00 0.35
CA CYS A 80 -14.46 -1.50 -0.93
C CYS A 80 -14.85 -2.98 -0.81
N LEU A 81 -13.97 -3.77 -0.21
CA LEU A 81 -14.23 -5.20 -0.03
C LEU A 81 -14.91 -5.47 1.31
N ARG A 82 -15.42 -4.41 1.93
CA ARG A 82 -16.10 -4.53 3.21
C ARG A 82 -15.17 -5.13 4.27
N LYS A 83 -15.72 -5.45 5.42
CA LYS A 83 -14.94 -6.02 6.51
C LYS A 83 -15.73 -7.12 7.23
N LYS A 84 -15.17 -8.32 7.27
CA LYS A 84 -15.83 -9.44 7.94
C LYS A 84 -15.33 -9.59 9.38
N THR B 1 -2.81 -1.89 -18.17
CA THR B 1 -3.23 -1.45 -16.84
C THR B 1 -2.08 -1.59 -15.84
N TRP B 2 -2.40 -1.38 -14.57
CA TRP B 2 -1.39 -1.48 -13.52
C TRP B 2 -1.08 -2.94 -13.19
N ARG B 3 -0.04 -3.14 -12.40
CA ARG B 3 0.36 -4.49 -12.01
C ARG B 3 1.13 -4.48 -10.69
N VAL B 4 1.42 -5.67 -10.16
CA VAL B 4 2.15 -5.79 -8.91
C VAL B 4 3.14 -6.94 -8.96
N GLN B 5 4.19 -6.85 -8.14
CA GLN B 5 5.21 -7.88 -8.10
C GLN B 5 6.03 -7.79 -6.81
N ARG B 6 6.04 -8.89 -6.05
CA ARG B 6 6.78 -8.94 -4.79
C ARG B 6 8.26 -9.24 -5.03
N SER B 7 9.10 -8.75 -4.13
CA SER B 7 10.54 -8.97 -4.24
C SER B 7 11.07 -9.80 -3.08
N GLN B 8 12.38 -9.92 -2.99
CA GLN B 8 13.00 -10.69 -1.92
C GLN B 8 12.49 -10.25 -0.55
N ASN B 9 12.15 -8.96 -0.44
CA ASN B 9 11.65 -8.42 0.80
C ASN B 9 10.56 -9.30 1.40
N PRO B 10 10.24 -9.09 2.68
CA PRO B 10 9.21 -9.86 3.38
C PRO B 10 7.81 -9.54 2.89
N LEU B 11 7.67 -8.40 2.23
CA LEU B 11 6.37 -7.98 1.70
C LEU B 11 6.50 -6.66 0.95
N LYS B 12 7.32 -6.66 -0.10
CA LYS B 12 7.52 -5.46 -0.91
C LYS B 12 6.82 -5.59 -2.25
N ILE B 13 5.58 -5.11 -2.31
CA ILE B 13 4.80 -5.16 -3.55
C ILE B 13 5.14 -3.99 -4.46
N ARG B 14 5.79 -4.29 -5.58
CA ARG B 14 6.17 -3.27 -6.54
C ARG B 14 5.05 -3.03 -7.55
N LEU B 15 4.39 -1.88 -7.44
CA LEU B 15 3.29 -1.54 -8.33
C LEU B 15 3.80 -0.70 -9.51
N THR B 16 3.25 -0.95 -10.69
CA THR B 16 3.64 -0.22 -11.89
C THR B 16 2.47 -0.09 -12.86
N ARG B 17 2.37 1.07 -13.50
CA ARG B 17 1.30 1.33 -14.45
C ARG B 17 1.20 0.20 -15.48
N GLU A 6 -5.36 10.08 2.62
CA GLU A 6 -6.56 10.53 3.34
C GLU A 6 -6.18 11.11 4.71
N SER A 7 -5.41 10.35 5.47
CA SER A 7 -4.98 10.78 6.79
C SER A 7 -3.62 11.45 6.74
N GLU A 8 -2.57 10.65 6.58
CA GLU A 8 -1.22 11.18 6.51
C GLU A 8 -0.93 12.09 7.70
N GLU A 9 -1.49 11.74 8.86
CA GLU A 9 -1.29 12.52 10.07
C GLU A 9 -2.05 11.90 11.24
N GLU A 10 -2.09 10.57 11.28
CA GLU A 10 -2.79 9.85 12.34
C GLU A 10 -1.92 9.78 13.60
N ASP A 11 -2.54 10.02 14.75
CA ASP A 11 -1.82 9.97 16.02
C ASP A 11 -1.90 8.58 16.64
N LYS A 12 -3.03 7.91 16.44
CA LYS A 12 -3.24 6.57 16.97
C LYS A 12 -2.83 5.51 15.96
N CYS A 13 -2.04 5.90 14.97
CA CYS A 13 -1.58 4.99 13.93
C CYS A 13 -0.99 3.72 14.55
N LYS A 14 -1.73 2.62 14.45
CA LYS A 14 -1.28 1.34 14.99
C LYS A 14 -0.35 0.63 14.01
N PRO A 15 0.54 -0.21 14.56
CA PRO A 15 1.50 -0.97 13.75
C PRO A 15 0.83 -2.06 12.91
N MET A 16 1.42 -2.36 11.77
CA MET A 16 0.88 -3.39 10.88
C MET A 16 1.84 -4.55 10.74
N SER A 17 1.50 -5.68 11.37
CA SER A 17 2.34 -6.87 11.32
C SER A 17 2.30 -7.51 9.94
N TYR A 18 3.34 -8.26 9.60
CA TYR A 18 3.42 -8.93 8.30
C TYR A 18 2.13 -9.69 8.01
N GLU A 19 1.50 -10.20 9.07
CA GLU A 19 0.26 -10.96 8.93
C GLU A 19 -0.81 -10.13 8.24
N GLU A 20 -1.21 -9.03 8.87
CA GLU A 20 -2.22 -8.15 8.31
C GLU A 20 -1.69 -7.40 7.08
N LYS A 21 -0.38 -7.13 7.09
CA LYS A 21 0.26 -6.43 5.99
C LYS A 21 0.18 -7.24 4.71
N ARG A 22 0.58 -8.50 4.78
CA ARG A 22 0.56 -9.39 3.63
C ARG A 22 -0.84 -9.46 3.02
N GLN A 23 -1.86 -9.34 3.88
CA GLN A 23 -3.24 -9.38 3.43
C GLN A 23 -3.55 -8.23 2.48
N LEU A 24 -3.02 -7.05 2.78
CA LEU A 24 -3.24 -5.88 1.96
C LEU A 24 -2.71 -6.10 0.54
N SER A 25 -1.48 -6.59 0.44
CA SER A 25 -0.86 -6.85 -0.85
C SER A 25 -1.74 -7.75 -1.71
N LEU A 26 -2.11 -8.90 -1.15
CA LEU A 26 -2.96 -9.85 -1.87
C LEU A 26 -4.29 -9.22 -2.23
N ASP A 27 -4.95 -8.64 -1.24
CA ASP A 27 -6.24 -7.99 -1.45
C ASP A 27 -6.20 -7.05 -2.66
N ILE A 28 -5.31 -6.07 -2.60
CA ILE A 28 -5.16 -5.11 -3.68
C ILE A 28 -4.69 -5.79 -4.96
N ASN A 29 -3.88 -6.82 -4.81
CA ASN A 29 -3.36 -7.56 -5.95
C ASN A 29 -4.50 -8.22 -6.74
N LYS A 30 -5.46 -8.77 -6.02
CA LYS A 30 -6.60 -9.42 -6.65
C LYS A 30 -7.60 -8.39 -7.17
N LEU A 31 -7.64 -7.24 -6.52
CA LEU A 31 -8.54 -6.16 -6.92
C LEU A 31 -8.22 -5.66 -8.32
N PRO A 32 -9.19 -4.98 -8.95
CA PRO A 32 -9.03 -4.44 -10.31
C PRO A 32 -8.05 -3.28 -10.34
N GLY A 33 -7.61 -2.92 -11.55
CA GLY A 33 -6.68 -1.82 -11.70
C GLY A 33 -7.14 -0.56 -11.01
N GLU A 34 -8.38 -0.16 -11.29
CA GLU A 34 -8.94 1.05 -10.70
C GLU A 34 -8.77 1.04 -9.18
N LYS A 35 -8.93 -0.14 -8.58
CA LYS A 35 -8.78 -0.28 -7.13
C LYS A 35 -7.32 -0.09 -6.71
N LEU A 36 -6.40 -0.56 -7.55
CA LEU A 36 -4.98 -0.45 -7.27
C LEU A 36 -4.51 1.00 -7.42
N GLY A 37 -4.82 1.61 -8.56
CA GLY A 37 -4.43 2.98 -8.80
C GLY A 37 -4.67 3.88 -7.59
N ARG A 38 -5.80 3.67 -6.92
CA ARG A 38 -6.13 4.46 -5.75
C ARG A 38 -5.18 4.16 -4.59
N VAL A 39 -4.95 2.88 -4.34
CA VAL A 39 -4.06 2.45 -3.27
C VAL A 39 -2.64 2.92 -3.52
N VAL A 40 -2.07 2.52 -4.65
CA VAL A 40 -0.71 2.91 -5.01
C VAL A 40 -0.51 4.41 -4.88
N HIS A 41 -1.56 5.17 -5.17
CA HIS A 41 -1.50 6.63 -5.08
C HIS A 41 -1.22 7.07 -3.66
N ILE A 42 -1.80 6.36 -2.69
CA ILE A 42 -1.62 6.68 -1.29
C ILE A 42 -0.20 6.36 -0.83
N ILE A 43 0.19 5.09 -0.97
CA ILE A 43 1.52 4.65 -0.58
C ILE A 43 2.60 5.48 -1.27
N GLN A 44 2.38 5.79 -2.55
CA GLN A 44 3.34 6.58 -3.31
C GLN A 44 3.26 8.05 -2.93
N SER A 45 2.20 8.41 -2.21
CA SER A 45 2.01 9.80 -1.78
C SER A 45 2.67 10.04 -0.44
N ARG A 46 2.82 8.98 0.34
CA ARG A 46 3.45 9.08 1.66
C ARG A 46 4.89 8.55 1.62
N GLU A 47 5.10 7.52 0.81
CA GLU A 47 6.42 6.91 0.69
C GLU A 47 7.49 7.97 0.43
N PRO A 48 8.30 8.24 1.45
CA PRO A 48 9.38 9.24 1.37
C PRO A 48 10.51 8.79 0.46
N SER A 49 10.84 7.51 0.52
CA SER A 49 11.91 6.95 -0.31
C SER A 49 11.64 7.20 -1.79
N LEU A 50 10.38 7.18 -2.17
CA LEU A 50 9.98 7.41 -3.55
C LEU A 50 10.66 8.67 -4.11
N LYS A 51 10.11 9.82 -3.76
CA LYS A 51 10.65 11.10 -4.23
C LYS A 51 10.97 11.05 -5.71
N ASN A 52 10.03 10.51 -6.49
CA ASN A 52 10.21 10.42 -7.94
C ASN A 52 9.07 11.10 -8.68
N SER A 53 9.34 11.53 -9.91
CA SER A 53 8.34 12.19 -10.72
C SER A 53 7.70 11.22 -11.71
N ASN A 54 8.01 9.94 -11.56
CA ASN A 54 7.47 8.91 -12.44
C ASN A 54 6.44 8.07 -11.70
N PRO A 55 5.17 8.47 -11.80
CA PRO A 55 4.05 7.76 -11.16
C PRO A 55 3.77 6.41 -11.80
N ASP A 56 4.32 6.21 -13.00
CA ASP A 56 4.13 4.96 -13.73
C ASP A 56 4.90 3.82 -13.06
N GLU A 57 5.74 4.18 -12.09
CA GLU A 57 6.54 3.19 -11.38
C GLU A 57 6.62 3.52 -9.89
N ILE A 58 6.39 2.51 -9.05
CA ILE A 58 6.43 2.69 -7.61
C ILE A 58 7.05 1.47 -6.93
N GLU A 59 7.80 1.73 -5.86
CA GLU A 59 8.44 0.66 -5.11
C GLU A 59 7.96 0.63 -3.66
N ILE A 60 7.01 -0.24 -3.37
CA ILE A 60 6.46 -0.36 -2.02
C ILE A 60 7.24 -1.38 -1.21
N ASP A 61 8.01 -0.90 -0.23
CA ASP A 61 8.80 -1.78 0.63
C ASP A 61 8.30 -1.71 2.06
N PHE A 62 7.42 -2.64 2.43
CA PHE A 62 6.87 -2.68 3.78
C PHE A 62 8.00 -2.67 4.82
N GLU A 63 9.15 -3.19 4.44
CA GLU A 63 10.30 -3.24 5.33
C GLU A 63 10.62 -1.85 5.90
N THR A 64 10.41 -0.83 5.08
CA THR A 64 10.68 0.54 5.49
C THR A 64 9.37 1.34 5.60
N LEU A 65 8.34 0.87 4.91
CA LEU A 65 7.04 1.54 4.93
C LEU A 65 6.55 1.72 6.36
N LYS A 66 5.86 2.84 6.61
CA LYS A 66 5.33 3.13 7.93
C LYS A 66 3.93 2.54 8.09
N PRO A 67 3.49 2.40 9.35
CA PRO A 67 2.17 1.85 9.68
C PRO A 67 1.04 2.80 9.28
N SER A 68 1.26 4.09 9.47
CA SER A 68 0.25 5.10 9.13
C SER A 68 -0.26 4.90 7.71
N THR A 69 0.68 4.74 6.77
CA THR A 69 0.32 4.55 5.37
C THR A 69 -0.30 3.18 5.15
N LEU A 70 0.39 2.14 5.64
CA LEU A 70 -0.10 0.77 5.49
C LEU A 70 -1.56 0.66 5.90
N ARG A 71 -1.89 1.21 7.05
CA ARG A 71 -3.26 1.18 7.55
C ARG A 71 -4.21 1.95 6.62
N GLU A 72 -3.68 2.98 5.98
CA GLU A 72 -4.46 3.79 5.06
C GLU A 72 -5.09 2.92 3.98
N LEU A 73 -4.26 2.19 3.25
CA LEU A 73 -4.73 1.32 2.18
C LEU A 73 -5.85 0.41 2.67
N GLU A 74 -5.63 -0.21 3.82
CA GLU A 74 -6.62 -1.12 4.40
C GLU A 74 -7.98 -0.43 4.50
N ARG A 75 -7.97 0.87 4.77
CA ARG A 75 -9.20 1.64 4.90
C ARG A 75 -9.93 1.72 3.56
N TYR A 76 -9.15 1.76 2.48
CA TYR A 76 -9.71 1.84 1.14
C TYR A 76 -10.11 0.46 0.63
N VAL A 77 -9.18 -0.48 0.69
CA VAL A 77 -9.44 -1.84 0.24
C VAL A 77 -10.64 -2.44 0.95
N THR A 78 -10.84 -2.04 2.21
CA THR A 78 -11.95 -2.54 3.01
C THR A 78 -13.26 -1.84 2.63
N SER A 79 -13.16 -0.56 2.29
CA SER A 79 -14.32 0.23 1.91
C SER A 79 -14.89 -0.25 0.57
N CYS A 80 -14.00 -0.70 -0.31
CA CYS A 80 -14.41 -1.18 -1.62
C CYS A 80 -14.78 -2.66 -1.57
N LEU A 81 -13.88 -3.46 -1.01
CA LEU A 81 -14.10 -4.90 -0.90
C LEU A 81 -15.26 -5.20 0.05
N ARG A 82 -15.48 -4.31 1.01
CA ARG A 82 -16.56 -4.47 1.98
C ARG A 82 -16.34 -5.73 2.82
N LYS A 83 -15.09 -5.96 3.22
CA LYS A 83 -14.74 -7.12 4.03
C LYS A 83 -13.27 -7.08 4.44
N LYS A 84 -12.90 -7.96 5.36
CA LYS A 84 -11.53 -8.04 5.83
C LYS A 84 -10.77 -9.15 5.11
N THR B 1 -3.65 -1.25 -17.95
CA THR B 1 -3.86 -1.17 -16.51
C THR B 1 -2.53 -1.23 -15.75
N TRP B 2 -2.62 -1.30 -14.43
CA TRP B 2 -1.43 -1.36 -13.59
C TRP B 2 -0.97 -2.80 -13.39
N ARG B 3 0.18 -2.97 -12.75
CA ARG B 3 0.72 -4.29 -12.49
C ARG B 3 1.48 -4.32 -11.17
N VAL B 4 1.68 -5.52 -10.63
CA VAL B 4 2.38 -5.69 -9.37
C VAL B 4 3.36 -6.87 -9.43
N GLN B 5 4.51 -6.70 -8.80
CA GLN B 5 5.53 -7.75 -8.78
C GLN B 5 6.21 -7.83 -7.42
N ARG B 6 5.97 -8.91 -6.70
CA ARG B 6 6.55 -9.10 -5.37
C ARG B 6 8.01 -9.54 -5.49
N SER B 7 8.78 -9.31 -4.43
CA SER B 7 10.19 -9.67 -4.41
C SER B 7 10.50 -10.58 -3.22
N GLN B 8 11.79 -10.82 -3.00
CA GLN B 8 12.23 -11.67 -1.90
C GLN B 8 11.84 -11.07 -0.55
N ASN B 9 11.67 -9.75 -0.53
CA ASN B 9 11.31 -9.05 0.69
C ASN B 9 10.17 -9.76 1.42
N PRO B 10 10.00 -9.45 2.71
CA PRO B 10 8.96 -10.05 3.54
C PRO B 10 7.55 -9.60 3.13
N LEU B 11 7.49 -8.50 2.38
CA LEU B 11 6.21 -7.97 1.92
C LEU B 11 6.42 -6.72 1.07
N LYS B 12 7.13 -6.88 -0.04
CA LYS B 12 7.39 -5.77 -0.95
C LYS B 12 6.67 -5.96 -2.27
N ILE B 13 5.82 -5.01 -2.62
CA ILE B 13 5.07 -5.07 -3.87
C ILE B 13 5.33 -3.86 -4.74
N ARG B 14 5.98 -4.08 -5.88
CA ARG B 14 6.31 -3.00 -6.81
C ARG B 14 5.17 -2.76 -7.79
N LEU B 15 4.47 -1.64 -7.62
CA LEU B 15 3.36 -1.30 -8.49
C LEU B 15 3.80 -0.35 -9.60
N THR B 16 3.30 -0.59 -10.81
CA THR B 16 3.65 0.24 -11.95
C THR B 16 2.50 0.31 -12.95
N ARG B 17 2.32 1.48 -13.56
CA ARG B 17 1.25 1.69 -14.53
C ARG B 17 1.22 0.54 -15.54
#